data_6AAW
# 
_entry.id   6AAW 
# 
_audit_conform.dict_name       mmcif_pdbx.dic 
_audit_conform.dict_version    5.398 
_audit_conform.dict_location   http://mmcif.pdb.org/dictionaries/ascii/mmcif_pdbx.dic 
# 
loop_
_database_2.database_id 
_database_2.database_code 
_database_2.pdbx_database_accession 
_database_2.pdbx_DOI 
PDB   6AAW         pdb_00006aaw 10.2210/pdb6aaw/pdb 
WWPDB D_1300008416 ?            ?                   
# 
loop_
_pdbx_audit_revision_history.ordinal 
_pdbx_audit_revision_history.data_content_type 
_pdbx_audit_revision_history.major_revision 
_pdbx_audit_revision_history.minor_revision 
_pdbx_audit_revision_history.revision_date 
1 'Structure model' 1 0 2019-07-24 
2 'Structure model' 2 0 2023-04-05 
3 'Structure model' 3 0 2023-11-15 
4 'Structure model' 3 1 2023-11-29 
5 'Structure model' 3 2 2024-11-20 
# 
_pdbx_audit_revision_details.ordinal             1 
_pdbx_audit_revision_details.revision_ordinal    1 
_pdbx_audit_revision_details.data_content_type   'Structure model' 
_pdbx_audit_revision_details.provider            repository 
_pdbx_audit_revision_details.type                'Initial release' 
_pdbx_audit_revision_details.description         ? 
_pdbx_audit_revision_details.details             ? 
# 
loop_
_pdbx_audit_revision_group.ordinal 
_pdbx_audit_revision_group.revision_ordinal 
_pdbx_audit_revision_group.data_content_type 
_pdbx_audit_revision_group.group 
1  2 'Structure model' Advisory                  
2  2 'Structure model' 'Atomic model'            
3  2 'Structure model' 'Data collection'         
4  2 'Structure model' 'Database references'     
5  2 'Structure model' 'Derived calculations'    
6  2 'Structure model' 'Non-polymer description' 
7  2 'Structure model' 'Polymer sequence'        
8  2 'Structure model' 'Source and taxonomy'     
9  2 'Structure model' 'Structure summary'       
10 3 'Structure model' 'Atomic model'            
11 3 'Structure model' 'Data collection'         
12 3 'Structure model' 'Derived calculations'    
13 4 'Structure model' 'Refinement description'  
14 5 'Structure model' 'Structure summary'       
# 
loop_
_pdbx_audit_revision_category.ordinal 
_pdbx_audit_revision_category.revision_ordinal 
_pdbx_audit_revision_category.data_content_type 
_pdbx_audit_revision_category.category 
1  2 'Structure model' atom_site                       
2  2 'Structure model' chem_comp                       
3  2 'Structure model' database_2                      
4  2 'Structure model' entity                          
5  2 'Structure model' entity_poly                     
6  2 'Structure model' entity_poly_seq                 
7  2 'Structure model' entity_src_gen                  
8  2 'Structure model' pdbx_entity_src_syn             
9  2 'Structure model' pdbx_poly_seq_scheme            
10 2 'Structure model' pdbx_unobs_or_zero_occ_residues 
11 2 'Structure model' pdbx_validate_close_contact     
12 2 'Structure model' pdbx_validate_torsion           
13 2 'Structure model' struct_conn                     
14 2 'Structure model' struct_ref_seq                  
15 3 'Structure model' atom_site                       
16 3 'Structure model' chem_comp_atom                  
17 3 'Structure model' chem_comp_bond                  
18 3 'Structure model' struct_conn                     
19 4 'Structure model' pdbx_initial_refinement_model   
20 5 'Structure model' pdbx_entry_details              
21 5 'Structure model' pdbx_modification_feature       
# 
loop_
_pdbx_audit_revision_item.ordinal 
_pdbx_audit_revision_item.revision_ordinal 
_pdbx_audit_revision_item.data_content_type 
_pdbx_audit_revision_item.item 
1  2 'Structure model' '_atom_site.auth_comp_id'                   
2  2 'Structure model' '_atom_site.label_comp_id'                  
3  2 'Structure model' '_chem_comp.formula'                        
4  2 'Structure model' '_chem_comp.formula_weight'                 
5  2 'Structure model' '_chem_comp.id'                             
6  2 'Structure model' '_chem_comp.name'                           
7  2 'Structure model' '_database_2.pdbx_DOI'                      
8  2 'Structure model' '_database_2.pdbx_database_accession'       
9  2 'Structure model' '_entity.details'                           
10 2 'Structure model' '_entity.formula_weight'                    
11 2 'Structure model' '_entity_poly.pdbx_seq_one_letter_code'     
12 2 'Structure model' '_entity_poly.pdbx_seq_one_letter_code_can' 
13 2 'Structure model' '_entity_src_gen.gene_src_common_name'      
14 2 'Structure model' '_pdbx_entity_src_syn.pdbx_end_seq_num'     
15 2 'Structure model' '_struct_ref_seq.db_align_end'              
16 2 'Structure model' '_struct_ref_seq.pdbx_auth_seq_align_end'   
17 2 'Structure model' '_struct_ref_seq.seq_align_end'             
18 3 'Structure model' '_atom_site.auth_atom_id'                   
19 3 'Structure model' '_atom_site.label_atom_id'                  
20 3 'Structure model' '_struct_conn.pdbx_leaving_atom_flag'       
21 3 'Structure model' '_struct_conn.ptnr1_label_atom_id'          
22 3 'Structure model' '_struct_conn.ptnr2_label_atom_id'          
# 
_pdbx_database_status.status_code                     REL 
_pdbx_database_status.status_code_sf                  REL 
_pdbx_database_status.status_code_mr                  ? 
_pdbx_database_status.entry_id                        6AAW 
_pdbx_database_status.recvd_initial_deposition_date   2018-07-19 
_pdbx_database_status.SG_entry                        N 
_pdbx_database_status.deposit_site                    PDBJ 
_pdbx_database_status.process_site                    PDBJ 
_pdbx_database_status.status_code_cs                  ? 
_pdbx_database_status.methods_development_category    ? 
_pdbx_database_status.pdb_format_compatible           Y 
_pdbx_database_status.status_code_nmr_data            ? 
# 
loop_
_audit_author.name 
_audit_author.pdbx_ordinal 
_audit_author.identifier_ORCID 
'Brown, C.J.'     1 ? 
'Partridge, A.W.' 2 ? 
# 
_citation.abstract                  ? 
_citation.abstract_id_CAS           ? 
_citation.book_id_ISBN              ? 
_citation.book_publisher            ? 
_citation.book_publisher_city       ? 
_citation.book_title                ? 
_citation.coordinate_linkage        ? 
_citation.country                   ? 
_citation.database_id_Medline       ? 
_citation.details                   ? 
_citation.id                        primary 
_citation.journal_abbrev            'To Be Published' 
_citation.journal_id_ASTM           ? 
_citation.journal_id_CSD            0353 
_citation.journal_id_ISSN           ? 
_citation.journal_full              ? 
_citation.journal_issue             ? 
_citation.journal_volume            ? 
_citation.language                  ? 
_citation.page_first                ? 
_citation.page_last                 ? 
_citation.title                     
;A Model System to Explore Macrocyclic Peptide Structural and Chirality Relationships:  Tolerance of helix-breaking residues within the context of a stapled peptide.
;
_citation.year                      ? 
_citation.database_id_CSD           ? 
_citation.pdbx_database_id_DOI      ? 
_citation.pdbx_database_id_PubMed   ? 
_citation.unpublished_flag          ? 
# 
loop_
_citation_author.citation_id 
_citation_author.name 
_citation_author.ordinal 
_citation_author.identifier_ORCID 
primary 'Partridge, A.W.' 1  ? 
primary 'Hung, Y.K.K.'    2  ? 
primary 'Juang, Y.'       3  ? 
primary 'Sadruddin, A.'   4  ? 
primary 'Lim, S.'         5  ? 
primary 'Brown, C.J.'     6  ? 
primary 'Ng, S.'          7  ? 
primary 'Thean, D.'       8  ? 
primary 'Ferrer, F.'      9  ? 
primary 'Johannes, C.'    10 ? 
primary 'Yuen, T.Y.'      11 ? 
primary 'Kannan, S.'      12 ? 
primary 'Aronica, P.'     13 ? 
primary 'Tan, Y.S.'       14 ? 
primary 'Mohan, P.R.'     15 ? 
primary 'Verma, C.S.'     16 ? 
primary 'Hichman, J.'     17 ? 
primary 'Chen, S.'        18 ? 
primary 'Wan, H.'         19 ? 
primary 'Lane, D.P.'      20 ? 
primary 'Sawyer, T.K.'    21 ? 
# 
loop_
_entity.id 
_entity.type 
_entity.src_method 
_entity.pdbx_description 
_entity.formula_weight 
_entity.pdbx_number_of_molecules 
_entity.pdbx_ec 
_entity.pdbx_mutation 
_entity.pdbx_fragment 
_entity.details 
1 polymer man 'E3 ubiquitin-protein ligase Mdm2'                          13749.694 1  2.3.2.27 ? 'UNP residues 6-125' ? 
2 polymer syn ACE-LEU-THR-PHE-STQ-GLU-TYR-DTR-GLN-LEU-CBA-MK8-SER-ALA-ALA 1774.130  1  ?        ? ?                    
;Chemically synthesized Helically Stabilized Peptide Designed to disrupt the Mdm2/p53 protein:protein interaction. Template sequence before incorporation of non natural amino acids was derived from M13 phage display.
;
3 water   nat water                                                       18.015    34 ?        ? ?                    ? 
# 
_entity_name_com.entity_id   1 
_entity_name_com.name        
'Double minute 2 protein,Hdm2,Oncoprotein Mdm2,RING-type E3 ubiquitin transferase Mdm2,p53-binding protein Mdm2' 
# 
loop_
_entity_poly.entity_id 
_entity_poly.type 
_entity_poly.nstd_linkage 
_entity_poly.nstd_monomer 
_entity_poly.pdbx_seq_one_letter_code 
_entity_poly.pdbx_seq_one_letter_code_can 
_entity_poly.pdbx_strand_id 
_entity_poly.pdbx_target_identifier 
1 'polypeptide(L)' no no  
;GPMSVPTDGAVTTSQIPASEQETLVRPKPLLLKLLKSVGAQKDTYTMKEVLFYLGQYIMTKRLYDEKQQHIVYCSNDLLG
DLFGVPSFSVKEHRKIYTMIYRNLVVVNQQESSDSGTSVSEN
;
;GPMSVPTDGAVTTSQIPASEQETLVRPKPLLLKLLKSVGAQKDTYTMKEVLFYLGQYIMTKRLYDEKQQHIVYCSNDLLG
DLFGVPSFSVKEHRKIYTMIYRNLVVVNQQESSDSGTSVSEN
;
A ? 
2 'polypeptide(L)' no yes '(ACE)LTF(0EH)EY(DTR)QL(2JH)(MK8)SAA(NH2)' XLTFXEYWQLXLSAAX B ? 
# 
_pdbx_entity_nonpoly.entity_id   3 
_pdbx_entity_nonpoly.name        water 
_pdbx_entity_nonpoly.comp_id     HOH 
# 
loop_
_entity_poly_seq.entity_id 
_entity_poly_seq.num 
_entity_poly_seq.mon_id 
_entity_poly_seq.hetero 
1 1   GLY n 
1 2   PRO n 
1 3   MET n 
1 4   SER n 
1 5   VAL n 
1 6   PRO n 
1 7   THR n 
1 8   ASP n 
1 9   GLY n 
1 10  ALA n 
1 11  VAL n 
1 12  THR n 
1 13  THR n 
1 14  SER n 
1 15  GLN n 
1 16  ILE n 
1 17  PRO n 
1 18  ALA n 
1 19  SER n 
1 20  GLU n 
1 21  GLN n 
1 22  GLU n 
1 23  THR n 
1 24  LEU n 
1 25  VAL n 
1 26  ARG n 
1 27  PRO n 
1 28  LYS n 
1 29  PRO n 
1 30  LEU n 
1 31  LEU n 
1 32  LEU n 
1 33  LYS n 
1 34  LEU n 
1 35  LEU n 
1 36  LYS n 
1 37  SER n 
1 38  VAL n 
1 39  GLY n 
1 40  ALA n 
1 41  GLN n 
1 42  LYS n 
1 43  ASP n 
1 44  THR n 
1 45  TYR n 
1 46  THR n 
1 47  MET n 
1 48  LYS n 
1 49  GLU n 
1 50  VAL n 
1 51  LEU n 
1 52  PHE n 
1 53  TYR n 
1 54  LEU n 
1 55  GLY n 
1 56  GLN n 
1 57  TYR n 
1 58  ILE n 
1 59  MET n 
1 60  THR n 
1 61  LYS n 
1 62  ARG n 
1 63  LEU n 
1 64  TYR n 
1 65  ASP n 
1 66  GLU n 
1 67  LYS n 
1 68  GLN n 
1 69  GLN n 
1 70  HIS n 
1 71  ILE n 
1 72  VAL n 
1 73  TYR n 
1 74  CYS n 
1 75  SER n 
1 76  ASN n 
1 77  ASP n 
1 78  LEU n 
1 79  LEU n 
1 80  GLY n 
1 81  ASP n 
1 82  LEU n 
1 83  PHE n 
1 84  GLY n 
1 85  VAL n 
1 86  PRO n 
1 87  SER n 
1 88  PHE n 
1 89  SER n 
1 90  VAL n 
1 91  LYS n 
1 92  GLU n 
1 93  HIS n 
1 94  ARG n 
1 95  LYS n 
1 96  ILE n 
1 97  TYR n 
1 98  THR n 
1 99  MET n 
1 100 ILE n 
1 101 TYR n 
1 102 ARG n 
1 103 ASN n 
1 104 LEU n 
1 105 VAL n 
1 106 VAL n 
1 107 VAL n 
1 108 ASN n 
1 109 GLN n 
1 110 GLN n 
1 111 GLU n 
1 112 SER n 
1 113 SER n 
1 114 ASP n 
1 115 SER n 
1 116 GLY n 
1 117 THR n 
1 118 SER n 
1 119 VAL n 
1 120 SER n 
1 121 GLU n 
1 122 ASN n 
2 1   ACE n 
2 2   LEU n 
2 3   THR n 
2 4   PHE n 
2 5   0EH n 
2 6   GLU n 
2 7   TYR n 
2 8   DTR n 
2 9   GLN n 
2 10  LEU n 
2 11  2JH n 
2 12  MK8 n 
2 13  SER n 
2 14  ALA n 
2 15  ALA n 
2 16  NH2 n 
# 
_entity_src_gen.entity_id                          1 
_entity_src_gen.pdbx_src_id                        1 
_entity_src_gen.pdbx_alt_source_flag               sample 
_entity_src_gen.pdbx_seq_type                      'Biological sequence' 
_entity_src_gen.pdbx_beg_seq_num                   1 
_entity_src_gen.pdbx_end_seq_num                   122 
_entity_src_gen.gene_src_common_name               human 
_entity_src_gen.gene_src_genus                     ? 
_entity_src_gen.pdbx_gene_src_gene                 MDM2 
_entity_src_gen.gene_src_species                   ? 
_entity_src_gen.gene_src_strain                    ? 
_entity_src_gen.gene_src_tissue                    ? 
_entity_src_gen.gene_src_tissue_fraction           ? 
_entity_src_gen.gene_src_details                   ? 
_entity_src_gen.pdbx_gene_src_fragment             ? 
_entity_src_gen.pdbx_gene_src_scientific_name      'Homo sapiens' 
_entity_src_gen.pdbx_gene_src_ncbi_taxonomy_id     9606 
_entity_src_gen.pdbx_gene_src_variant              ? 
_entity_src_gen.pdbx_gene_src_cell_line            ? 
_entity_src_gen.pdbx_gene_src_atcc                 ? 
_entity_src_gen.pdbx_gene_src_organ                ? 
_entity_src_gen.pdbx_gene_src_organelle            ? 
_entity_src_gen.pdbx_gene_src_cell                 ? 
_entity_src_gen.pdbx_gene_src_cellular_location    ? 
_entity_src_gen.host_org_common_name               ? 
_entity_src_gen.pdbx_host_org_scientific_name      'Escherichia coli BL21' 
_entity_src_gen.pdbx_host_org_ncbi_taxonomy_id     511693 
_entity_src_gen.host_org_genus                     ? 
_entity_src_gen.pdbx_host_org_gene                 ? 
_entity_src_gen.pdbx_host_org_organ                ? 
_entity_src_gen.host_org_species                   ? 
_entity_src_gen.pdbx_host_org_tissue               ? 
_entity_src_gen.pdbx_host_org_tissue_fraction      ? 
_entity_src_gen.pdbx_host_org_strain               BL21 
_entity_src_gen.pdbx_host_org_variant              ? 
_entity_src_gen.pdbx_host_org_cell_line            ? 
_entity_src_gen.pdbx_host_org_atcc                 ? 
_entity_src_gen.pdbx_host_org_culture_collection   ? 
_entity_src_gen.pdbx_host_org_cell                 ? 
_entity_src_gen.pdbx_host_org_organelle            ? 
_entity_src_gen.pdbx_host_org_cellular_location    ? 
_entity_src_gen.pdbx_host_org_vector_type          ? 
_entity_src_gen.pdbx_host_org_vector               ? 
_entity_src_gen.host_org_details                   ? 
_entity_src_gen.expression_system_id               ? 
_entity_src_gen.plasmid_name                       ? 
_entity_src_gen.plasmid_details                    ? 
_entity_src_gen.pdbx_description                   ? 
# 
_pdbx_entity_src_syn.entity_id              2 
_pdbx_entity_src_syn.pdbx_src_id            1 
_pdbx_entity_src_syn.pdbx_alt_source_flag   sample 
_pdbx_entity_src_syn.pdbx_beg_seq_num       1 
_pdbx_entity_src_syn.pdbx_end_seq_num       16 
_pdbx_entity_src_syn.organism_scientific    'Enterobacteria phage M13' 
_pdbx_entity_src_syn.organism_common_name   ? 
_pdbx_entity_src_syn.ncbi_taxonomy_id       10870 
_pdbx_entity_src_syn.details                ? 
# 
loop_
_chem_comp.id 
_chem_comp.type 
_chem_comp.mon_nstd_flag 
_chem_comp.name 
_chem_comp.pdbx_synonyms 
_chem_comp.formula 
_chem_comp.formula_weight 
0EH 'D-peptide linking' . '(2R)-2-amino-2-methylnonanoic acid' ? 'C10 H21 N O2'   187.279 
2JH 'L-peptide linking' . 3-cyclobutyl-L-alanine               ? 'C7 H13 N O2'    143.184 
ACE non-polymer         . 'ACETYL GROUP'                       ? 'C2 H4 O'        44.053  
ALA 'L-peptide linking' y ALANINE                              ? 'C3 H7 N O2'     89.093  
ARG 'L-peptide linking' y ARGININE                             ? 'C6 H15 N4 O2 1' 175.209 
ASN 'L-peptide linking' y ASPARAGINE                           ? 'C4 H8 N2 O3'    132.118 
ASP 'L-peptide linking' y 'ASPARTIC ACID'                      ? 'C4 H7 N O4'     133.103 
CYS 'L-peptide linking' y CYSTEINE                             ? 'C3 H7 N O2 S'   121.158 
DTR 'D-peptide linking' . D-TRYPTOPHAN                         ? 'C11 H12 N2 O2'  204.225 
GLN 'L-peptide linking' y GLUTAMINE                            ? 'C5 H10 N2 O3'   146.144 
GLU 'L-peptide linking' y 'GLUTAMIC ACID'                      ? 'C5 H9 N O4'     147.129 
GLY 'peptide linking'   y GLYCINE                              ? 'C2 H5 N O2'     75.067  
HIS 'L-peptide linking' y HISTIDINE                            ? 'C6 H10 N3 O2 1' 156.162 
HOH non-polymer         . WATER                                ? 'H2 O'           18.015  
ILE 'L-peptide linking' y ISOLEUCINE                           ? 'C6 H13 N O2'    131.173 
LEU 'L-peptide linking' y LEUCINE                              ? 'C6 H13 N O2'    131.173 
LYS 'L-peptide linking' y LYSINE                               ? 'C6 H15 N2 O2 1' 147.195 
MET 'L-peptide linking' y METHIONINE                           ? 'C5 H11 N O2 S'  149.211 
MK8 'L-peptide linking' n 2-methyl-L-norleucine                ? 'C7 H15 N O2'    145.199 
NH2 non-polymer         . 'AMINO GROUP'                        ? 'H2 N'           16.023  
PHE 'L-peptide linking' y PHENYLALANINE                        ? 'C9 H11 N O2'    165.189 
PRO 'L-peptide linking' y PROLINE                              ? 'C5 H9 N O2'     115.130 
SER 'L-peptide linking' y SERINE                               ? 'C3 H7 N O3'     105.093 
THR 'L-peptide linking' y THREONINE                            ? 'C4 H9 N O3'     119.119 
TYR 'L-peptide linking' y TYROSINE                             ? 'C9 H11 N O3'    181.189 
VAL 'L-peptide linking' y VALINE                               ? 'C5 H11 N O2'    117.146 
# 
loop_
_pdbx_poly_seq_scheme.asym_id 
_pdbx_poly_seq_scheme.entity_id 
_pdbx_poly_seq_scheme.seq_id 
_pdbx_poly_seq_scheme.mon_id 
_pdbx_poly_seq_scheme.ndb_seq_num 
_pdbx_poly_seq_scheme.pdb_seq_num 
_pdbx_poly_seq_scheme.auth_seq_num 
_pdbx_poly_seq_scheme.pdb_mon_id 
_pdbx_poly_seq_scheme.auth_mon_id 
_pdbx_poly_seq_scheme.pdb_strand_id 
_pdbx_poly_seq_scheme.pdb_ins_code 
_pdbx_poly_seq_scheme.hetero 
A 1 1   GLY 1   4   ?   ?   ?   A . n 
A 1 2   PRO 2   5   ?   ?   ?   A . n 
A 1 3   MET 3   6   ?   ?   ?   A . n 
A 1 4   SER 4   7   ?   ?   ?   A . n 
A 1 5   VAL 5   8   ?   ?   ?   A . n 
A 1 6   PRO 6   9   ?   ?   ?   A . n 
A 1 7   THR 7   10  ?   ?   ?   A . n 
A 1 8   ASP 8   11  ?   ?   ?   A . n 
A 1 9   GLY 9   12  ?   ?   ?   A . n 
A 1 10  ALA 10  13  ?   ?   ?   A . n 
A 1 11  VAL 11  14  ?   ?   ?   A . n 
A 1 12  THR 12  15  ?   ?   ?   A . n 
A 1 13  THR 13  16  ?   ?   ?   A . n 
A 1 14  SER 14  17  ?   ?   ?   A . n 
A 1 15  GLN 15  18  ?   ?   ?   A . n 
A 1 16  ILE 16  19  ?   ?   ?   A . n 
A 1 17  PRO 17  20  ?   ?   ?   A . n 
A 1 18  ALA 18  21  ?   ?   ?   A . n 
A 1 19  SER 19  22  ?   ?   ?   A . n 
A 1 20  GLU 20  23  ?   ?   ?   A . n 
A 1 21  GLN 21  24  ?   ?   ?   A . n 
A 1 22  GLU 22  25  ?   ?   ?   A . n 
A 1 23  THR 23  26  26  THR THR A . n 
A 1 24  LEU 24  27  27  LEU LEU A . n 
A 1 25  VAL 25  28  28  VAL VAL A . n 
A 1 26  ARG 26  29  29  ARG ARG A . n 
A 1 27  PRO 27  30  30  PRO PRO A . n 
A 1 28  LYS 28  31  31  LYS LYS A . n 
A 1 29  PRO 29  32  32  PRO PRO A . n 
A 1 30  LEU 30  33  33  LEU LEU A . n 
A 1 31  LEU 31  34  34  LEU LEU A . n 
A 1 32  LEU 32  35  35  LEU LEU A . n 
A 1 33  LYS 33  36  36  LYS LYS A . n 
A 1 34  LEU 34  37  37  LEU LEU A . n 
A 1 35  LEU 35  38  38  LEU LEU A . n 
A 1 36  LYS 36  39  39  LYS LYS A . n 
A 1 37  SER 37  40  40  SER SER A . n 
A 1 38  VAL 38  41  41  VAL VAL A . n 
A 1 39  GLY 39  42  42  GLY GLY A . n 
A 1 40  ALA 40  43  43  ALA ALA A . n 
A 1 41  GLN 41  44  44  GLN GLN A . n 
A 1 42  LYS 42  45  45  LYS LYS A . n 
A 1 43  ASP 43  46  46  ASP ASP A . n 
A 1 44  THR 44  47  47  THR THR A . n 
A 1 45  TYR 45  48  48  TYR TYR A . n 
A 1 46  THR 46  49  49  THR THR A . n 
A 1 47  MET 47  50  50  MET MET A . n 
A 1 48  LYS 48  51  51  LYS LYS A . n 
A 1 49  GLU 49  52  52  GLU GLU A . n 
A 1 50  VAL 50  53  53  VAL VAL A . n 
A 1 51  LEU 51  54  54  LEU LEU A . n 
A 1 52  PHE 52  55  55  PHE PHE A . n 
A 1 53  TYR 53  56  56  TYR TYR A . n 
A 1 54  LEU 54  57  57  LEU LEU A . n 
A 1 55  GLY 55  58  58  GLY GLY A . n 
A 1 56  GLN 56  59  59  GLN GLN A . n 
A 1 57  TYR 57  60  60  TYR TYR A . n 
A 1 58  ILE 58  61  61  ILE ILE A . n 
A 1 59  MET 59  62  62  MET MET A . n 
A 1 60  THR 60  63  63  THR THR A . n 
A 1 61  LYS 61  64  64  LYS LYS A . n 
A 1 62  ARG 62  65  65  ARG ARG A . n 
A 1 63  LEU 63  66  66  LEU LEU A . n 
A 1 64  TYR 64  67  67  TYR TYR A . n 
A 1 65  ASP 65  68  68  ASP ASP A . n 
A 1 66  GLU 66  69  69  GLU GLU A . n 
A 1 67  LYS 67  70  70  LYS LYS A . n 
A 1 68  GLN 68  71  71  GLN GLN A . n 
A 1 69  GLN 69  72  72  GLN GLN A . n 
A 1 70  HIS 70  73  73  HIS HIS A . n 
A 1 71  ILE 71  74  74  ILE ILE A . n 
A 1 72  VAL 72  75  75  VAL VAL A . n 
A 1 73  TYR 73  76  76  TYR TYR A . n 
A 1 74  CYS 74  77  77  CYS CYS A . n 
A 1 75  SER 75  78  78  SER SER A . n 
A 1 76  ASN 76  79  79  ASN ASN A . n 
A 1 77  ASP 77  80  80  ASP ASP A . n 
A 1 78  LEU 78  81  81  LEU LEU A . n 
A 1 79  LEU 79  82  82  LEU LEU A . n 
A 1 80  GLY 80  83  83  GLY GLY A . n 
A 1 81  ASP 81  84  84  ASP ASP A . n 
A 1 82  LEU 82  85  85  LEU LEU A . n 
A 1 83  PHE 83  86  86  PHE PHE A . n 
A 1 84  GLY 84  87  87  GLY GLY A . n 
A 1 85  VAL 85  88  88  VAL VAL A . n 
A 1 86  PRO 86  89  89  PRO PRO A . n 
A 1 87  SER 87  90  90  SER SER A . n 
A 1 88  PHE 88  91  91  PHE PHE A . n 
A 1 89  SER 89  92  92  SER SER A . n 
A 1 90  VAL 90  93  93  VAL VAL A . n 
A 1 91  LYS 91  94  94  LYS LYS A . n 
A 1 92  GLU 92  95  95  GLU GLU A . n 
A 1 93  HIS 93  96  96  HIS HIS A . n 
A 1 94  ARG 94  97  97  ARG ARG A . n 
A 1 95  LYS 95  98  98  LYS LYS A . n 
A 1 96  ILE 96  99  99  ILE ILE A . n 
A 1 97  TYR 97  100 100 TYR TYR A . n 
A 1 98  THR 98  101 101 THR THR A . n 
A 1 99  MET 99  102 102 MET MET A . n 
A 1 100 ILE 100 103 103 ILE ILE A . n 
A 1 101 TYR 101 104 104 TYR TYR A . n 
A 1 102 ARG 102 105 105 ARG ARG A . n 
A 1 103 ASN 103 106 106 ASN ASN A . n 
A 1 104 LEU 104 107 107 LEU LEU A . n 
A 1 105 VAL 105 108 108 VAL VAL A . n 
A 1 106 VAL 106 109 109 VAL VAL A . n 
A 1 107 VAL 107 110 110 VAL VAL A . n 
A 1 108 ASN 108 111 111 ASN ASN A . n 
A 1 109 GLN 109 112 ?   ?   ?   A . n 
A 1 110 GLN 110 113 ?   ?   ?   A . n 
A 1 111 GLU 111 114 ?   ?   ?   A . n 
A 1 112 SER 112 115 ?   ?   ?   A . n 
A 1 113 SER 113 116 ?   ?   ?   A . n 
A 1 114 ASP 114 117 ?   ?   ?   A . n 
A 1 115 SER 115 118 ?   ?   ?   A . n 
A 1 116 GLY 116 119 ?   ?   ?   A . n 
A 1 117 THR 117 120 ?   ?   ?   A . n 
A 1 118 SER 118 121 ?   ?   ?   A . n 
A 1 119 VAL 119 122 ?   ?   ?   A . n 
A 1 120 SER 120 123 ?   ?   ?   A . n 
A 1 121 GLU 121 124 ?   ?   ?   A . n 
A 1 122 ASN 122 125 ?   ?   ?   A . n 
B 2 1   ACE 1   0   0   ACE ACE B . n 
B 2 2   LEU 2   1   1   LEU LEU B . n 
B 2 3   THR 3   2   2   THR THR B . n 
B 2 4   PHE 4   3   3   PHE PHE B . n 
B 2 5   0EH 5   4   4   0EH STQ B . n 
B 2 6   GLU 6   5   5   GLU GLU B . n 
B 2 7   TYR 7   6   6   TYR TYR B . n 
B 2 8   DTR 8   7   7   DTR DTR B . n 
B 2 9   GLN 9   8   8   GLN GLN B . n 
B 2 10  LEU 10  9   9   LEU LEU B . n 
B 2 11  2JH 11  10  10  2JH CBA B . n 
B 2 12  MK8 12  11  11  MK8 MK8 B . n 
B 2 13  SER 13  12  12  SER SER B . n 
B 2 14  ALA 14  13  13  ALA ALA B . n 
B 2 15  ALA 15  14  14  ALA ALA B . n 
B 2 16  NH2 16  16  15  NH2 NME B . n 
# 
loop_
_pdbx_nonpoly_scheme.asym_id 
_pdbx_nonpoly_scheme.entity_id 
_pdbx_nonpoly_scheme.mon_id 
_pdbx_nonpoly_scheme.ndb_seq_num 
_pdbx_nonpoly_scheme.pdb_seq_num 
_pdbx_nonpoly_scheme.auth_seq_num 
_pdbx_nonpoly_scheme.pdb_mon_id 
_pdbx_nonpoly_scheme.auth_mon_id 
_pdbx_nonpoly_scheme.pdb_strand_id 
_pdbx_nonpoly_scheme.pdb_ins_code 
C 3 HOH 1  201 35 HOH HOH A . 
C 3 HOH 2  202 21 HOH HOH A . 
C 3 HOH 3  203 6  HOH HOH A . 
C 3 HOH 4  204 13 HOH HOH A . 
C 3 HOH 5  205 7  HOH HOH A . 
C 3 HOH 6  206 14 HOH HOH A . 
C 3 HOH 7  207 23 HOH HOH A . 
C 3 HOH 8  208 15 HOH HOH A . 
C 3 HOH 9  209 22 HOH HOH A . 
C 3 HOH 10 210 32 HOH HOH A . 
C 3 HOH 11 211 11 HOH HOH A . 
C 3 HOH 12 212 16 HOH HOH A . 
C 3 HOH 13 213 29 HOH HOH A . 
C 3 HOH 14 214 2  HOH HOH A . 
C 3 HOH 15 215 34 HOH HOH A . 
C 3 HOH 16 216 20 HOH HOH A . 
C 3 HOH 17 217 17 HOH HOH A . 
C 3 HOH 18 218 40 HOH HOH A . 
C 3 HOH 19 219 18 HOH HOH A . 
C 3 HOH 20 220 28 HOH HOH A . 
C 3 HOH 21 221 33 HOH HOH A . 
C 3 HOH 22 222 5  HOH HOH A . 
C 3 HOH 23 223 8  HOH HOH A . 
C 3 HOH 24 224 3  HOH HOH A . 
C 3 HOH 25 225 10 HOH HOH A . 
C 3 HOH 26 226 19 HOH HOH A . 
C 3 HOH 27 227 27 HOH HOH A . 
C 3 HOH 28 228 24 HOH HOH A . 
C 3 HOH 29 229 37 HOH HOH A . 
C 3 HOH 30 230 30 HOH HOH A . 
C 3 HOH 31 231 38 HOH HOH A . 
D 3 HOH 1  101 26 HOH HOH B . 
D 3 HOH 2  102 36 HOH HOH B . 
D 3 HOH 3  103 12 HOH HOH B . 
# 
loop_
_software.citation_id 
_software.classification 
_software.compiler_name 
_software.compiler_version 
_software.contact_author 
_software.contact_author_email 
_software.date 
_software.description 
_software.dependencies 
_software.hardware 
_software.language 
_software.location 
_software.mods 
_software.name 
_software.os 
_software.os_version 
_software.type 
_software.version 
_software.pdbx_ordinal 
? refinement       ? ? ? ? ? ? ? ? ? ? ? REFMAC ? ? ? 5.8.0189 1 
? 'data reduction' ? ? ? ? ? ? ? ? ? ? ? XDS    ? ? ? .        2 
? 'data scaling'   ? ? ? ? ? ? ? ? ? ? ? XDS    ? ? ? .        3 
? phasing          ? ? ? ? ? ? ? ? ? ? ? PARROT ? ? ? .        4 
# 
_cell.angle_alpha                  90.00 
_cell.angle_alpha_esd              ? 
_cell.angle_beta                   94.82 
_cell.angle_beta_esd               ? 
_cell.angle_gamma                  90.00 
_cell.angle_gamma_esd              ? 
_cell.entry_id                     6AAW 
_cell.details                      ? 
_cell.formula_units_Z              ? 
_cell.length_a                     80.946 
_cell.length_a_esd                 ? 
_cell.length_b                     43.378 
_cell.length_b_esd                 ? 
_cell.length_c                     34.542 
_cell.length_c_esd                 ? 
_cell.volume                       ? 
_cell.volume_esd                   ? 
_cell.Z_PDB                        4 
_cell.reciprocal_angle_alpha       ? 
_cell.reciprocal_angle_beta        ? 
_cell.reciprocal_angle_gamma       ? 
_cell.reciprocal_angle_alpha_esd   ? 
_cell.reciprocal_angle_beta_esd    ? 
_cell.reciprocal_angle_gamma_esd   ? 
_cell.reciprocal_length_a          ? 
_cell.reciprocal_length_b          ? 
_cell.reciprocal_length_c          ? 
_cell.reciprocal_length_a_esd      ? 
_cell.reciprocal_length_b_esd      ? 
_cell.reciprocal_length_c_esd      ? 
_cell.pdbx_unique_axis             ? 
# 
_symmetry.entry_id                         6AAW 
_symmetry.cell_setting                     ? 
_symmetry.Int_Tables_number                5 
_symmetry.space_group_name_Hall            ? 
_symmetry.space_group_name_H-M             'C 1 2 1' 
_symmetry.pdbx_full_space_group_name_H-M   ? 
# 
_exptl.absorpt_coefficient_mu     ? 
_exptl.absorpt_correction_T_max   ? 
_exptl.absorpt_correction_T_min   ? 
_exptl.absorpt_correction_type    ? 
_exptl.absorpt_process_details    ? 
_exptl.entry_id                   6AAW 
_exptl.crystals_number            1 
_exptl.details                    ? 
_exptl.method                     'X-RAY DIFFRACTION' 
_exptl.method_details             ? 
# 
_exptl_crystal.colour                      ? 
_exptl_crystal.density_diffrn              ? 
_exptl_crystal.density_Matthews            1.93 
_exptl_crystal.density_method              ? 
_exptl_crystal.density_percent_sol         36.42 
_exptl_crystal.description                 ? 
_exptl_crystal.F_000                       ? 
_exptl_crystal.id                          1 
_exptl_crystal.preparation                 ? 
_exptl_crystal.size_max                    ? 
_exptl_crystal.size_mid                    ? 
_exptl_crystal.size_min                    ? 
_exptl_crystal.size_rad                    ? 
_exptl_crystal.colour_lustre               ? 
_exptl_crystal.colour_modifier             ? 
_exptl_crystal.colour_primary              ? 
_exptl_crystal.density_meas                ? 
_exptl_crystal.density_meas_esd            ? 
_exptl_crystal.density_meas_gt             ? 
_exptl_crystal.density_meas_lt             ? 
_exptl_crystal.density_meas_temp           ? 
_exptl_crystal.density_meas_temp_esd       ? 
_exptl_crystal.density_meas_temp_gt        ? 
_exptl_crystal.density_meas_temp_lt        ? 
_exptl_crystal.pdbx_crystal_image_url      ? 
_exptl_crystal.pdbx_crystal_image_format   ? 
_exptl_crystal.pdbx_mosaicity              ? 
_exptl_crystal.pdbx_mosaicity_esd          ? 
# 
_exptl_crystal_grow.apparatus       ? 
_exptl_crystal_grow.atmosphere      ? 
_exptl_crystal_grow.crystal_id      1 
_exptl_crystal_grow.details         ? 
_exptl_crystal_grow.method          'VAPOR DIFFUSION, HANGING DROP' 
_exptl_crystal_grow.method_ref      ? 
_exptl_crystal_grow.pH              7.5 
_exptl_crystal_grow.pressure        ? 
_exptl_crystal_grow.pressure_esd    ? 
_exptl_crystal_grow.seeding         ? 
_exptl_crystal_grow.seeding_ref     ? 
_exptl_crystal_grow.temp            298 
_exptl_crystal_grow.temp_details    ? 
_exptl_crystal_grow.temp_esd        ? 
_exptl_crystal_grow.time            ? 
_exptl_crystal_grow.pdbx_details    
'20 % w/v Polyethylene glycol 8,000, 100 mM HEPES pH 7.5, 200 mM Ammonium sulfate, 10 % v/v 2-Propanol' 
_exptl_crystal_grow.pdbx_pH_range   ? 
# 
_diffrn.ambient_environment    ? 
_diffrn.ambient_temp           100 
_diffrn.ambient_temp_details   ? 
_diffrn.ambient_temp_esd       ? 
_diffrn.crystal_id             1 
_diffrn.crystal_support        ? 
_diffrn.crystal_treatment      ? 
_diffrn.details                ? 
_diffrn.id                     1 
_diffrn.ambient_pressure       ? 
_diffrn.ambient_pressure_esd   ? 
_diffrn.ambient_pressure_gt    ? 
_diffrn.ambient_pressure_lt    ? 
_diffrn.ambient_temp_gt        ? 
_diffrn.ambient_temp_lt        ? 
# 
_diffrn_detector.details                      ? 
_diffrn_detector.detector                     CCD 
_diffrn_detector.diffrn_id                    1 
_diffrn_detector.type                         'ADSC QUANTUM 210r' 
_diffrn_detector.area_resol_mean              ? 
_diffrn_detector.dtime                        ? 
_diffrn_detector.pdbx_frames_total            ? 
_diffrn_detector.pdbx_collection_time_total   ? 
_diffrn_detector.pdbx_collection_date         2017-08-23 
# 
_diffrn_radiation.collimation                      ? 
_diffrn_radiation.diffrn_id                        1 
_diffrn_radiation.filter_edge                      ? 
_diffrn_radiation.inhomogeneity                    ? 
_diffrn_radiation.monochromator                    ? 
_diffrn_radiation.polarisn_norm                    ? 
_diffrn_radiation.polarisn_ratio                   ? 
_diffrn_radiation.probe                            ? 
_diffrn_radiation.type                             ? 
_diffrn_radiation.xray_symbol                      ? 
_diffrn_radiation.wavelength_id                    1 
_diffrn_radiation.pdbx_monochromatic_or_laue_m_l   M 
_diffrn_radiation.pdbx_wavelength_list             ? 
_diffrn_radiation.pdbx_wavelength                  ? 
_diffrn_radiation.pdbx_diffrn_protocol             'SINGLE WAVELENGTH' 
_diffrn_radiation.pdbx_analyzer                    ? 
_diffrn_radiation.pdbx_scattering_type             x-ray 
# 
_diffrn_radiation_wavelength.id           1 
_diffrn_radiation_wavelength.wavelength   0.95372 
_diffrn_radiation_wavelength.wt           1.0 
# 
_diffrn_source.current                     ? 
_diffrn_source.details                     ? 
_diffrn_source.diffrn_id                   1 
_diffrn_source.power                       ? 
_diffrn_source.size                        ? 
_diffrn_source.source                      SYNCHROTRON 
_diffrn_source.target                      ? 
_diffrn_source.type                        'AUSTRALIAN SYNCHROTRON BEAMLINE MX1' 
_diffrn_source.voltage                     ? 
_diffrn_source.take-off_angle              ? 
_diffrn_source.pdbx_wavelength_list        0.95372 
_diffrn_source.pdbx_wavelength             ? 
_diffrn_source.pdbx_synchrotron_beamline   MX1 
_diffrn_source.pdbx_synchrotron_site       'Australian Synchrotron' 
# 
_reflns.B_iso_Wilson_estimate            ? 
_reflns.entry_id                         6AAW 
_reflns.data_reduction_details           ? 
_reflns.data_reduction_method            ? 
_reflns.d_resolution_high                2.0 
_reflns.d_resolution_low                 40.33 
_reflns.details                          ? 
_reflns.limit_h_max                      ? 
_reflns.limit_h_min                      ? 
_reflns.limit_k_max                      ? 
_reflns.limit_k_min                      ? 
_reflns.limit_l_max                      ? 
_reflns.limit_l_min                      ? 
_reflns.number_all                       ? 
_reflns.number_obs                       8132 
_reflns.observed_criterion               ? 
_reflns.observed_criterion_F_max         ? 
_reflns.observed_criterion_F_min         ? 
_reflns.observed_criterion_I_max         ? 
_reflns.observed_criterion_I_min         ? 
_reflns.observed_criterion_sigma_F       ? 
_reflns.observed_criterion_sigma_I       ? 
_reflns.percent_possible_obs             99.3 
_reflns.R_free_details                   ? 
_reflns.Rmerge_F_all                     ? 
_reflns.Rmerge_F_obs                     ? 
_reflns.Friedel_coverage                 ? 
_reflns.number_gt                        ? 
_reflns.threshold_expression             ? 
_reflns.pdbx_redundancy                  6.3 
_reflns.pdbx_Rmerge_I_obs                0.246 
_reflns.pdbx_Rmerge_I_all                ? 
_reflns.pdbx_Rsym_value                  ? 
_reflns.pdbx_netI_over_av_sigmaI         ? 
_reflns.pdbx_netI_over_sigmaI            5.7 
_reflns.pdbx_res_netI_over_av_sigmaI_2   ? 
_reflns.pdbx_res_netI_over_sigmaI_2      ? 
_reflns.pdbx_chi_squared                 ? 
_reflns.pdbx_scaling_rejects             ? 
_reflns.pdbx_d_res_high_opt              ? 
_reflns.pdbx_d_res_low_opt               ? 
_reflns.pdbx_d_res_opt_method            ? 
_reflns.phase_calculation_details        ? 
_reflns.pdbx_Rrim_I_all                  0.267 
_reflns.pdbx_Rpim_I_all                  0.105 
_reflns.pdbx_d_opt                       ? 
_reflns.pdbx_number_measured_all         ? 
_reflns.pdbx_diffrn_id                   1 
_reflns.pdbx_ordinal                     1 
_reflns.pdbx_CC_half                     ? 
_reflns.pdbx_R_split                     ? 
# 
_reflns_shell.d_res_high                  2.00 
_reflns_shell.d_res_low                   2.11 
_reflns_shell.meanI_over_sigI_all         ? 
_reflns_shell.meanI_over_sigI_obs         3.4 
_reflns_shell.number_measured_all         ? 
_reflns_shell.number_measured_obs         ? 
_reflns_shell.number_possible             ? 
_reflns_shell.number_unique_all           ? 
_reflns_shell.number_unique_obs           1118 
_reflns_shell.percent_possible_all        95.2 
_reflns_shell.percent_possible_obs        ? 
_reflns_shell.Rmerge_F_all                ? 
_reflns_shell.Rmerge_F_obs                ? 
_reflns_shell.Rmerge_I_all                ? 
_reflns_shell.Rmerge_I_obs                1.211 
_reflns_shell.meanI_over_sigI_gt          ? 
_reflns_shell.meanI_over_uI_all           ? 
_reflns_shell.meanI_over_uI_gt            ? 
_reflns_shell.number_measured_gt          ? 
_reflns_shell.number_unique_gt            ? 
_reflns_shell.percent_possible_gt         ? 
_reflns_shell.Rmerge_F_gt                 ? 
_reflns_shell.Rmerge_I_gt                 ? 
_reflns_shell.pdbx_redundancy             5.8 
_reflns_shell.pdbx_Rsym_value             ? 
_reflns_shell.pdbx_chi_squared            ? 
_reflns_shell.pdbx_netI_over_sigmaI_all   ? 
_reflns_shell.pdbx_netI_over_sigmaI_obs   ? 
_reflns_shell.pdbx_Rrim_I_all             1.324 
_reflns_shell.pdbx_Rpim_I_all             0.528 
_reflns_shell.pdbx_rejects                ? 
_reflns_shell.pdbx_ordinal                1 
_reflns_shell.pdbx_diffrn_id              1 
_reflns_shell.pdbx_CC_half                ? 
_reflns_shell.pdbx_R_split                ? 
# 
_refine.aniso_B[1][1]                            -0.55 
_refine.aniso_B[1][2]                            0.00 
_refine.aniso_B[1][3]                            -1.40 
_refine.aniso_B[2][2]                            0.08 
_refine.aniso_B[2][3]                            -0.00 
_refine.aniso_B[3][3]                            0.70 
_refine.B_iso_max                                ? 
_refine.B_iso_mean                               26.041 
_refine.B_iso_min                                ? 
_refine.correlation_coeff_Fo_to_Fc               0.953 
_refine.correlation_coeff_Fo_to_Fc_free          0.929 
_refine.details                                  'HYDROGENS HAVE BEEN ADDED IN THE RIDING POSITIONS' 
_refine.diff_density_max                         ? 
_refine.diff_density_max_esd                     ? 
_refine.diff_density_min                         ? 
_refine.diff_density_min_esd                     ? 
_refine.diff_density_rms                         ? 
_refine.diff_density_rms_esd                     ? 
_refine.entry_id                                 6AAW 
_refine.pdbx_refine_id                           'X-RAY DIFFRACTION' 
_refine.ls_abs_structure_details                 ? 
_refine.ls_abs_structure_Flack                   ? 
_refine.ls_abs_structure_Flack_esd               ? 
_refine.ls_abs_structure_Rogers                  ? 
_refine.ls_abs_structure_Rogers_esd              ? 
_refine.ls_d_res_high                            2.00 
_refine.ls_d_res_low                             40.33 
_refine.ls_extinction_coef                       ? 
_refine.ls_extinction_coef_esd                   ? 
_refine.ls_extinction_expression                 ? 
_refine.ls_extinction_method                     ? 
_refine.ls_goodness_of_fit_all                   ? 
_refine.ls_goodness_of_fit_all_esd               ? 
_refine.ls_goodness_of_fit_obs                   ? 
_refine.ls_goodness_of_fit_obs_esd               ? 
_refine.ls_hydrogen_treatment                    ? 
_refine.ls_matrix_type                           ? 
_refine.ls_number_constraints                    ? 
_refine.ls_number_parameters                     ? 
_refine.ls_number_reflns_all                     ? 
_refine.ls_number_reflns_obs                     7710 
_refine.ls_number_reflns_R_free                  422 
_refine.ls_number_reflns_R_work                  ? 
_refine.ls_number_restraints                     ? 
_refine.ls_percent_reflns_obs                    99.27 
_refine.ls_percent_reflns_R_free                 5.2 
_refine.ls_R_factor_all                          ? 
_refine.ls_R_factor_obs                          0.18637 
_refine.ls_R_factor_R_free                       0.22336 
_refine.ls_R_factor_R_free_error                 ? 
_refine.ls_R_factor_R_free_error_details         ? 
_refine.ls_R_factor_R_work                       0.18412 
_refine.ls_R_Fsqd_factor_obs                     ? 
_refine.ls_R_I_factor_obs                        ? 
_refine.ls_redundancy_reflns_all                 ? 
_refine.ls_redundancy_reflns_obs                 ? 
_refine.ls_restrained_S_all                      ? 
_refine.ls_restrained_S_obs                      ? 
_refine.ls_shift_over_esd_max                    ? 
_refine.ls_shift_over_esd_mean                   ? 
_refine.ls_structure_factor_coef                 ? 
_refine.ls_weighting_details                     ? 
_refine.ls_weighting_scheme                      ? 
_refine.ls_wR_factor_all                         ? 
_refine.ls_wR_factor_obs                         ? 
_refine.ls_wR_factor_R_free                      ? 
_refine.ls_wR_factor_R_work                      ? 
_refine.occupancy_max                            ? 
_refine.occupancy_min                            ? 
_refine.solvent_model_details                    ? 
_refine.solvent_model_param_bsol                 ? 
_refine.solvent_model_param_ksol                 ? 
_refine.ls_R_factor_gt                           ? 
_refine.ls_goodness_of_fit_gt                    ? 
_refine.ls_goodness_of_fit_ref                   ? 
_refine.ls_shift_over_su_max                     ? 
_refine.ls_shift_over_su_max_lt                  ? 
_refine.ls_shift_over_su_mean                    ? 
_refine.ls_shift_over_su_mean_lt                 ? 
_refine.pdbx_ls_sigma_I                          ? 
_refine.pdbx_ls_sigma_F                          ? 
_refine.pdbx_ls_sigma_Fsqd                       ? 
_refine.pdbx_data_cutoff_high_absF               ? 
_refine.pdbx_data_cutoff_high_rms_absF           ? 
_refine.pdbx_data_cutoff_low_absF                ? 
_refine.pdbx_isotropic_thermal_model             ? 
_refine.pdbx_ls_cross_valid_method               THROUGHOUT 
_refine.pdbx_method_to_determine_struct          'MOLECULAR REPLACEMENT' 
_refine.pdbx_starting_model                      4umn 
_refine.pdbx_stereochemistry_target_values       ? 
_refine.pdbx_R_Free_selection_details            RANDOM 
_refine.pdbx_stereochem_target_val_spec_case     ? 
_refine.pdbx_overall_ESU_R                       0.172 
_refine.pdbx_overall_ESU_R_Free                  0.154 
_refine.pdbx_solvent_vdw_probe_radii             1.20 
_refine.pdbx_solvent_ion_probe_radii             0.80 
_refine.pdbx_solvent_shrinkage_radii             0.80 
_refine.pdbx_real_space_R                        ? 
_refine.pdbx_density_correlation                 ? 
_refine.pdbx_pd_number_of_powder_patterns        ? 
_refine.pdbx_pd_number_of_points                 ? 
_refine.pdbx_pd_meas_number_of_points            ? 
_refine.pdbx_pd_proc_ls_prof_R_factor            ? 
_refine.pdbx_pd_proc_ls_prof_wR_factor           ? 
_refine.pdbx_pd_Marquardt_correlation_coeff      ? 
_refine.pdbx_pd_Fsqrd_R_factor                   ? 
_refine.pdbx_pd_ls_matrix_band_width             ? 
_refine.pdbx_overall_phase_error                 ? 
_refine.pdbx_overall_SU_R_free_Cruickshank_DPI   ? 
_refine.pdbx_overall_SU_R_free_Blow_DPI          ? 
_refine.pdbx_overall_SU_R_Blow_DPI               ? 
_refine.pdbx_TLS_residual_ADP_flag               ? 
_refine.pdbx_diffrn_id                           1 
_refine.overall_SU_B                             4.524 
_refine.overall_SU_ML                            0.125 
_refine.overall_SU_R_Cruickshank_DPI             ? 
_refine.overall_SU_R_free                        ? 
_refine.overall_FOM_free_R_set                   ? 
_refine.overall_FOM_work_R_set                   ? 
_refine.pdbx_average_fsc_overall                 ? 
_refine.pdbx_average_fsc_work                    ? 
_refine.pdbx_average_fsc_free                    ? 
# 
_refine_hist.pdbx_refine_id                   'X-RAY DIFFRACTION' 
_refine_hist.cycle_id                         1 
_refine_hist.pdbx_number_atoms_protein        839 
_refine_hist.pdbx_number_atoms_nucleic_acid   0 
_refine_hist.pdbx_number_atoms_ligand         0 
_refine_hist.number_atoms_solvent             34 
_refine_hist.number_atoms_total               873 
_refine_hist.d_res_high                       2.00 
_refine_hist.d_res_low                        40.33 
# 
loop_
_refine_ls_restr.pdbx_refine_id 
_refine_ls_restr.criterion 
_refine_ls_restr.dev_ideal 
_refine_ls_restr.dev_ideal_target 
_refine_ls_restr.number 
_refine_ls_restr.rejects 
_refine_ls_restr.type 
_refine_ls_restr.weight 
_refine_ls_restr.pdbx_restraint_function 
'X-RAY DIFFRACTION' ? 0.010  0.020  864  ? r_bond_refined_d             ? ? 
'X-RAY DIFFRACTION' ? 0.002  0.020  852  ? r_bond_other_d               ? ? 
'X-RAY DIFFRACTION' ? 2.202  2.062  1170 ? r_angle_refined_deg          ? ? 
'X-RAY DIFFRACTION' ? 1.087  3.000  1973 ? r_angle_other_deg            ? ? 
'X-RAY DIFFRACTION' ? 5.947  5.000  95   ? r_dihedral_angle_1_deg       ? ? 
'X-RAY DIFFRACTION' ? 43.023 23.529 34   ? r_dihedral_angle_2_deg       ? ? 
'X-RAY DIFFRACTION' ? 14.541 15.000 157  ? r_dihedral_angle_3_deg       ? ? 
'X-RAY DIFFRACTION' ? 24.467 15.000 4    ? r_dihedral_angle_4_deg       ? ? 
'X-RAY DIFFRACTION' ? 0.347  0.200  133  ? r_chiral_restr               ? ? 
'X-RAY DIFFRACTION' ? 0.008  0.020  902  ? r_gen_planes_refined         ? ? 
'X-RAY DIFFRACTION' ? 0.001  0.020  172  ? r_gen_planes_other           ? ? 
'X-RAY DIFFRACTION' ? ?      ?      ?    ? r_nbd_refined                ? ? 
'X-RAY DIFFRACTION' ? ?      ?      ?    ? r_nbd_other                  ? ? 
'X-RAY DIFFRACTION' ? ?      ?      ?    ? r_nbtor_refined              ? ? 
'X-RAY DIFFRACTION' ? ?      ?      ?    ? r_nbtor_other                ? ? 
'X-RAY DIFFRACTION' ? ?      ?      ?    ? r_xyhbond_nbd_refined        ? ? 
'X-RAY DIFFRACTION' ? ?      ?      ?    ? r_xyhbond_nbd_other          ? ? 
'X-RAY DIFFRACTION' ? ?      ?      ?    ? r_metal_ion_refined          ? ? 
'X-RAY DIFFRACTION' ? ?      ?      ?    ? r_metal_ion_other            ? ? 
'X-RAY DIFFRACTION' ? ?      ?      ?    ? r_symmetry_vdw_refined       ? ? 
'X-RAY DIFFRACTION' ? ?      ?      ?    ? r_symmetry_vdw_other         ? ? 
'X-RAY DIFFRACTION' ? ?      ?      ?    ? r_symmetry_hbond_refined     ? ? 
'X-RAY DIFFRACTION' ? ?      ?      ?    ? r_symmetry_hbond_other       ? ? 
'X-RAY DIFFRACTION' ? ?      ?      ?    ? r_symmetry_metal_ion_refined ? ? 
'X-RAY DIFFRACTION' ? ?      ?      ?    ? r_symmetry_metal_ion_other   ? ? 
'X-RAY DIFFRACTION' ? 1.753  2.436  395  ? r_mcbond_it                  ? ? 
'X-RAY DIFFRACTION' ? 1.747  2.427  393  ? r_mcbond_other               ? ? 
'X-RAY DIFFRACTION' ? 2.794  3.627  491  ? r_mcangle_it                 ? ? 
'X-RAY DIFFRACTION' ? 2.793  3.626  491  ? r_mcangle_other              ? ? 
'X-RAY DIFFRACTION' ? 2.126  2.680  469  ? r_scbond_it                  ? ? 
'X-RAY DIFFRACTION' ? 2.124  2.683  470  ? r_scbond_other               ? ? 
'X-RAY DIFFRACTION' ? ?      ?      ?    ? r_scangle_it                 ? ? 
'X-RAY DIFFRACTION' ? 3.608  3.922  676  ? r_scangle_other              ? ? 
'X-RAY DIFFRACTION' ? 5.768  27.625 961  ? r_long_range_B_refined       ? ? 
'X-RAY DIFFRACTION' ? 5.701  27.582 960  ? r_long_range_B_other         ? ? 
'X-RAY DIFFRACTION' ? ?      ?      ?    ? r_rigid_bond_restr           ? ? 
'X-RAY DIFFRACTION' ? ?      ?      ?    ? r_sphericity_free            ? ? 
'X-RAY DIFFRACTION' ? ?      ?      ?    ? r_sphericity_bonded          ? ? 
# 
_refine_ls_shell.pdbx_refine_id                   'X-RAY DIFFRACTION' 
_refine_ls_shell.d_res_high                       2.000 
_refine_ls_shell.d_res_low                        2.052 
_refine_ls_shell.number_reflns_all                ? 
_refine_ls_shell.number_reflns_obs                ? 
_refine_ls_shell.number_reflns_R_free             24 
_refine_ls_shell.number_reflns_R_work             536 
_refine_ls_shell.percent_reflns_obs               90.47 
_refine_ls_shell.percent_reflns_R_free            ? 
_refine_ls_shell.R_factor_all                     ? 
_refine_ls_shell.R_factor_obs                     ? 
_refine_ls_shell.R_factor_R_free                  0.268 
_refine_ls_shell.R_factor_R_free_error            ? 
_refine_ls_shell.R_factor_R_work                  0.209 
_refine_ls_shell.redundancy_reflns_all            ? 
_refine_ls_shell.redundancy_reflns_obs            ? 
_refine_ls_shell.wR_factor_all                    ? 
_refine_ls_shell.wR_factor_obs                    ? 
_refine_ls_shell.wR_factor_R_free                 ? 
_refine_ls_shell.wR_factor_R_work                 ? 
_refine_ls_shell.pdbx_total_number_of_bins_used   20 
_refine_ls_shell.pdbx_phase_error                 ? 
_refine_ls_shell.pdbx_fsc_work                    ? 
_refine_ls_shell.pdbx_fsc_free                    ? 
# 
_struct.entry_id                     6AAW 
_struct.title                        'Mdm2 in complex with a D amino Acid Containing Stapled Peptide' 
_struct.pdbx_model_details           ? 
_struct.pdbx_formula_weight          ? 
_struct.pdbx_formula_weight_method   ? 
_struct.pdbx_model_type_details      ? 
_struct.pdbx_CASP_flag               N 
# 
_struct_keywords.entry_id        6AAW 
_struct_keywords.text            'E3 ligase, LIGASE' 
_struct_keywords.pdbx_keywords   LIGASE 
# 
loop_
_struct_asym.id 
_struct_asym.pdbx_blank_PDB_chainid_flag 
_struct_asym.pdbx_modified 
_struct_asym.entity_id 
_struct_asym.details 
A N N 1 ? 
B N N 2 ? 
C N N 3 ? 
D N N 3 ? 
# 
loop_
_struct_ref.id 
_struct_ref.db_name 
_struct_ref.db_code 
_struct_ref.pdbx_db_accession 
_struct_ref.pdbx_db_isoform 
_struct_ref.entity_id 
_struct_ref.pdbx_seq_one_letter_code 
_struct_ref.pdbx_align_begin 
1 UNP MDM2_HUMAN Q00987 ? 1 
;MSVPTDGAVTTSQIPASEQETLVRPKPLLLKLLKSVGAQKDTYTMKEVLFYLGQYIMTKRLYDEKQQHIVYCSNDLLGDL
FGVPSFSVKEHRKIYTMIYRNLVVVNQQESSDSGTSVSEN
;
6 
2 PDB 6AAW       6AAW   ? 2 ? 1 
# 
loop_
_struct_ref_seq.align_id 
_struct_ref_seq.ref_id 
_struct_ref_seq.pdbx_PDB_id_code 
_struct_ref_seq.pdbx_strand_id 
_struct_ref_seq.seq_align_beg 
_struct_ref_seq.pdbx_seq_align_beg_ins_code 
_struct_ref_seq.seq_align_end 
_struct_ref_seq.pdbx_seq_align_end_ins_code 
_struct_ref_seq.pdbx_db_accession 
_struct_ref_seq.db_align_beg 
_struct_ref_seq.pdbx_db_align_beg_ins_code 
_struct_ref_seq.db_align_end 
_struct_ref_seq.pdbx_db_align_end_ins_code 
_struct_ref_seq.pdbx_auth_seq_align_beg 
_struct_ref_seq.pdbx_auth_seq_align_end 
1 1 6AAW A 3 ? 122 ? Q00987 6 ? 125 ? 6 125 
2 2 6AAW B 1 ? 16  ? 6AAW   0 ? 16  ? 0 16  
# 
loop_
_struct_ref_seq_dif.align_id 
_struct_ref_seq_dif.pdbx_pdb_id_code 
_struct_ref_seq_dif.mon_id 
_struct_ref_seq_dif.pdbx_pdb_strand_id 
_struct_ref_seq_dif.seq_num 
_struct_ref_seq_dif.pdbx_pdb_ins_code 
_struct_ref_seq_dif.pdbx_seq_db_name 
_struct_ref_seq_dif.pdbx_seq_db_accession_code 
_struct_ref_seq_dif.db_mon_id 
_struct_ref_seq_dif.pdbx_seq_db_seq_num 
_struct_ref_seq_dif.details 
_struct_ref_seq_dif.pdbx_auth_seq_num 
_struct_ref_seq_dif.pdbx_ordinal 
1 6AAW GLY A 1 ? UNP Q00987 ? ? 'expression tag' 4 1 
1 6AAW PRO A 2 ? UNP Q00987 ? ? 'expression tag' 5 2 
# 
_pdbx_struct_assembly.id                   1 
_pdbx_struct_assembly.details              author_and_software_defined_assembly 
_pdbx_struct_assembly.method_details       PISA 
_pdbx_struct_assembly.oligomeric_details   dimeric 
_pdbx_struct_assembly.oligomeric_count     2 
# 
loop_
_pdbx_struct_assembly_prop.biol_id 
_pdbx_struct_assembly_prop.type 
_pdbx_struct_assembly_prop.value 
_pdbx_struct_assembly_prop.details 
1 'ABSA (A^2)' 1530 ? 
1 MORE         -11  ? 
1 'SSA (A^2)'  5930 ? 
# 
_pdbx_struct_assembly_gen.assembly_id       1 
_pdbx_struct_assembly_gen.oper_expression   1 
_pdbx_struct_assembly_gen.asym_id_list      A,B,C,D 
# 
_pdbx_struct_assembly_auth_evidence.id                     1 
_pdbx_struct_assembly_auth_evidence.assembly_id            1 
_pdbx_struct_assembly_auth_evidence.experimental_support   'surface plasmon resonance' 
_pdbx_struct_assembly_auth_evidence.details                ? 
# 
_pdbx_struct_oper_list.id                   1 
_pdbx_struct_oper_list.type                 'identity operation' 
_pdbx_struct_oper_list.name                 1_555 
_pdbx_struct_oper_list.symmetry_operation   x,y,z 
_pdbx_struct_oper_list.matrix[1][1]         1.0000000000 
_pdbx_struct_oper_list.matrix[1][2]         0.0000000000 
_pdbx_struct_oper_list.matrix[1][3]         0.0000000000 
_pdbx_struct_oper_list.vector[1]            0.0000000000 
_pdbx_struct_oper_list.matrix[2][1]         0.0000000000 
_pdbx_struct_oper_list.matrix[2][2]         1.0000000000 
_pdbx_struct_oper_list.matrix[2][3]         0.0000000000 
_pdbx_struct_oper_list.vector[2]            0.0000000000 
_pdbx_struct_oper_list.matrix[3][1]         0.0000000000 
_pdbx_struct_oper_list.matrix[3][2]         0.0000000000 
_pdbx_struct_oper_list.matrix[3][3]         1.0000000000 
_pdbx_struct_oper_list.vector[3]            0.0000000000 
# 
loop_
_struct_conf.conf_type_id 
_struct_conf.id 
_struct_conf.pdbx_PDB_helix_id 
_struct_conf.beg_label_comp_id 
_struct_conf.beg_label_asym_id 
_struct_conf.beg_label_seq_id 
_struct_conf.pdbx_beg_PDB_ins_code 
_struct_conf.end_label_comp_id 
_struct_conf.end_label_asym_id 
_struct_conf.end_label_seq_id 
_struct_conf.pdbx_end_PDB_ins_code 
_struct_conf.beg_auth_comp_id 
_struct_conf.beg_auth_asym_id 
_struct_conf.beg_auth_seq_id 
_struct_conf.end_auth_comp_id 
_struct_conf.end_auth_asym_id 
_struct_conf.end_auth_seq_id 
_struct_conf.pdbx_PDB_helix_class 
_struct_conf.details 
_struct_conf.pdbx_PDB_helix_length 
HELX_P HELX_P1 AA1 LYS A 28 ? VAL A 38  ? LYS A 31 VAL A 41  1 ? 11 
HELX_P HELX_P2 AA2 MET A 47 ? LYS A 61  ? MET A 50 LYS A 64  1 ? 15 
HELX_P HELX_P3 AA3 ASP A 77 ? GLY A 84  ? ASP A 80 GLY A 87  1 ? 8  
HELX_P HELX_P4 AA4 GLU A 92 ? ARG A 102 ? GLU A 95 ARG A 105 1 ? 11 
HELX_P HELX_P5 AA5 THR B 3  ? PHE B 4   ? THR B 2  PHE B 3   5 ? 2  
HELX_P HELX_P6 AA6 GLU B 6  ? GLU B 6   ? GLU B 5  GLU B 5   5 ? 1  
HELX_P HELX_P7 AA7 TYR B 7  ? 2JH B 11  ? TYR B 6  2JH B 10  1 ? 5  
HELX_P HELX_P8 AA8 SER B 13 ? ALA B 14  ? SER B 12 ALA B 13  1 ? 2  
# 
_struct_conf_type.id          HELX_P 
_struct_conf_type.criteria    ? 
_struct_conf_type.reference   ? 
# 
loop_
_struct_conn.id 
_struct_conn.conn_type_id 
_struct_conn.pdbx_leaving_atom_flag 
_struct_conn.pdbx_PDB_id 
_struct_conn.ptnr1_label_asym_id 
_struct_conn.ptnr1_label_comp_id 
_struct_conn.ptnr1_label_seq_id 
_struct_conn.ptnr1_label_atom_id 
_struct_conn.pdbx_ptnr1_label_alt_id 
_struct_conn.pdbx_ptnr1_PDB_ins_code 
_struct_conn.pdbx_ptnr1_standard_comp_id 
_struct_conn.ptnr1_symmetry 
_struct_conn.ptnr2_label_asym_id 
_struct_conn.ptnr2_label_comp_id 
_struct_conn.ptnr2_label_seq_id 
_struct_conn.ptnr2_label_atom_id 
_struct_conn.pdbx_ptnr2_label_alt_id 
_struct_conn.pdbx_ptnr2_PDB_ins_code 
_struct_conn.ptnr1_auth_asym_id 
_struct_conn.ptnr1_auth_comp_id 
_struct_conn.ptnr1_auth_seq_id 
_struct_conn.ptnr2_auth_asym_id 
_struct_conn.ptnr2_auth_comp_id 
_struct_conn.ptnr2_auth_seq_id 
_struct_conn.ptnr2_symmetry 
_struct_conn.pdbx_ptnr3_label_atom_id 
_struct_conn.pdbx_ptnr3_label_seq_id 
_struct_conn.pdbx_ptnr3_label_comp_id 
_struct_conn.pdbx_ptnr3_label_asym_id 
_struct_conn.pdbx_ptnr3_label_alt_id 
_struct_conn.pdbx_ptnr3_PDB_ins_code 
_struct_conn.details 
_struct_conn.pdbx_dist_value 
_struct_conn.pdbx_value_order 
_struct_conn.pdbx_role 
covale1 covale both ? B ACE 1  C ? ? ? 1_555 B LEU 2  N ? ? B ACE 0  B LEU 1  1_555 ? ? ? ? ? ? ? 1.341 ? ? 
covale2 covale both ? B PHE 4  C ? ? ? 1_555 B 0EH 5  N ? ? B PHE 3  B 0EH 4  1_555 ? ? ? ? ? ? ? 1.345 ? ? 
covale3 covale both ? B 0EH 5  C ? ? ? 1_555 B GLU 6  N ? ? B 0EH 4  B GLU 5  1_555 ? ? ? ? ? ? ? 1.281 ? ? 
covale4 covale both ? B TYR 7  C ? ? ? 1_555 B DTR 8  N ? ? B TYR 6  B DTR 7  1_555 ? ? ? ? ? ? ? 1.333 ? ? 
covale5 covale both ? B DTR 8  C ? ? ? 1_555 B GLN 9  N ? ? B DTR 7  B GLN 8  1_555 ? ? ? ? ? ? ? 1.323 ? ? 
covale6 covale both ? B LEU 10 C ? ? ? 1_555 B 2JH 11 N ? ? B LEU 9  B 2JH 10 1_555 ? ? ? ? ? ? ? 1.276 ? ? 
covale7 covale both ? B 2JH 11 C ? ? ? 1_555 B MK8 12 N ? ? B 2JH 10 B MK8 11 1_555 ? ? ? ? ? ? ? 1.325 ? ? 
covale8 covale both ? B MK8 12 C ? ? ? 1_555 B SER 13 N ? ? B MK8 11 B SER 12 1_555 ? ? ? ? ? ? ? 1.286 ? ? 
covale9 covale both ? B ALA 15 C ? ? ? 1_555 B NH2 16 N ? ? B ALA 14 B NH2 16 1_555 ? ? ? ? ? ? ? 1.432 ? ? 
# 
_struct_conn_type.id          covale 
_struct_conn_type.criteria    ? 
_struct_conn_type.reference   ? 
# 
loop_
_pdbx_modification_feature.ordinal 
_pdbx_modification_feature.label_comp_id 
_pdbx_modification_feature.label_asym_id 
_pdbx_modification_feature.label_seq_id 
_pdbx_modification_feature.label_alt_id 
_pdbx_modification_feature.modified_residue_label_comp_id 
_pdbx_modification_feature.modified_residue_label_asym_id 
_pdbx_modification_feature.modified_residue_label_seq_id 
_pdbx_modification_feature.modified_residue_label_alt_id 
_pdbx_modification_feature.auth_comp_id 
_pdbx_modification_feature.auth_asym_id 
_pdbx_modification_feature.auth_seq_id 
_pdbx_modification_feature.PDB_ins_code 
_pdbx_modification_feature.symmetry 
_pdbx_modification_feature.modified_residue_auth_comp_id 
_pdbx_modification_feature.modified_residue_auth_asym_id 
_pdbx_modification_feature.modified_residue_auth_seq_id 
_pdbx_modification_feature.modified_residue_PDB_ins_code 
_pdbx_modification_feature.modified_residue_symmetry 
_pdbx_modification_feature.comp_id_linking_atom 
_pdbx_modification_feature.modified_residue_id_linking_atom 
_pdbx_modification_feature.modified_residue_id 
_pdbx_modification_feature.ref_pcm_id 
_pdbx_modification_feature.ref_comp_id 
_pdbx_modification_feature.type 
_pdbx_modification_feature.category 
1 MK8 B 12 ? .   . .  . MK8 B 11 ? 1_555 .   . .  . .     . . LEU 1  MK8 Norleucine  'Named protein modification' 
2 MK8 B 12 ? .   . .  . MK8 B 11 ? 1_555 .   . .  . .     . . LEU 2  MK8 Methylation 'Named protein modification' 
3 0EH B 5  ? .   . .  . 0EH B 4  ? 1_555 .   . .  . .     . . ?   1  0EH None        'Non-standard residue'       
4 2JH B 11 ? .   . .  . 2JH B 10 ? 1_555 .   . .  . .     . . ?   1  2JH None        'Non-standard residue'       
5 ACE B 1  ? LEU B 2  ? ACE B 0  ? 1_555 LEU B 1  ? 1_555 . . LEU 14 ACE None        'Terminal acetylation'       
6 NH2 B 16 ? ALA B 15 ? NH2 B 16 ? 1_555 ALA B 14 ? 1_555 . . ALA 1  NH2 None        'Terminal amidation'         
# 
loop_
_struct_sheet.id 
_struct_sheet.type 
_struct_sheet.number_strands 
_struct_sheet.details 
AA1 ? 3 ? 
AA2 ? 2 ? 
# 
loop_
_struct_sheet_order.sheet_id 
_struct_sheet_order.range_id_1 
_struct_sheet_order.range_id_2 
_struct_sheet_order.offset 
_struct_sheet_order.sense 
AA1 1 2 ? anti-parallel 
AA1 2 3 ? anti-parallel 
AA2 1 2 ? anti-parallel 
# 
loop_
_struct_sheet_range.sheet_id 
_struct_sheet_range.id 
_struct_sheet_range.beg_label_comp_id 
_struct_sheet_range.beg_label_asym_id 
_struct_sheet_range.beg_label_seq_id 
_struct_sheet_range.pdbx_beg_PDB_ins_code 
_struct_sheet_range.end_label_comp_id 
_struct_sheet_range.end_label_asym_id 
_struct_sheet_range.end_label_seq_id 
_struct_sheet_range.pdbx_end_PDB_ins_code 
_struct_sheet_range.beg_auth_comp_id 
_struct_sheet_range.beg_auth_asym_id 
_struct_sheet_range.beg_auth_seq_id 
_struct_sheet_range.end_auth_comp_id 
_struct_sheet_range.end_auth_asym_id 
_struct_sheet_range.end_auth_seq_id 
AA1 1 TYR A 45  ? THR A 46  ? TYR A 48  THR A 49  
AA1 2 LEU A 24  ? PRO A 27  ? LEU A 27  PRO A 30  
AA1 3 LEU A 104 ? VAL A 106 ? LEU A 107 VAL A 109 
AA2 1 ILE A 71  ? TYR A 73  ? ILE A 74  TYR A 76  
AA2 2 SER A 87  ? SER A 89  ? SER A 90  SER A 92  
# 
loop_
_pdbx_struct_sheet_hbond.sheet_id 
_pdbx_struct_sheet_hbond.range_id_1 
_pdbx_struct_sheet_hbond.range_id_2 
_pdbx_struct_sheet_hbond.range_1_label_atom_id 
_pdbx_struct_sheet_hbond.range_1_label_comp_id 
_pdbx_struct_sheet_hbond.range_1_label_asym_id 
_pdbx_struct_sheet_hbond.range_1_label_seq_id 
_pdbx_struct_sheet_hbond.range_1_PDB_ins_code 
_pdbx_struct_sheet_hbond.range_1_auth_atom_id 
_pdbx_struct_sheet_hbond.range_1_auth_comp_id 
_pdbx_struct_sheet_hbond.range_1_auth_asym_id 
_pdbx_struct_sheet_hbond.range_1_auth_seq_id 
_pdbx_struct_sheet_hbond.range_2_label_atom_id 
_pdbx_struct_sheet_hbond.range_2_label_comp_id 
_pdbx_struct_sheet_hbond.range_2_label_asym_id 
_pdbx_struct_sheet_hbond.range_2_label_seq_id 
_pdbx_struct_sheet_hbond.range_2_PDB_ins_code 
_pdbx_struct_sheet_hbond.range_2_auth_atom_id 
_pdbx_struct_sheet_hbond.range_2_auth_comp_id 
_pdbx_struct_sheet_hbond.range_2_auth_asym_id 
_pdbx_struct_sheet_hbond.range_2_auth_seq_id 
AA1 1 2 O TYR A 45 ? O TYR A 48 N VAL A 25  ? N VAL A 28  
AA1 2 3 N ARG A 26 ? N ARG A 29 O VAL A 105 ? O VAL A 108 
AA2 1 2 N VAL A 72 ? N VAL A 75 O PHE A 88  ? O PHE A 91  
# 
_pdbx_entry_details.entry_id                   6AAW 
_pdbx_entry_details.compound_details           ? 
_pdbx_entry_details.source_details             ? 
_pdbx_entry_details.nonpolymer_details         ? 
_pdbx_entry_details.sequence_details           ? 
_pdbx_entry_details.has_ligand_of_interest     ? 
_pdbx_entry_details.has_protein_modification   Y 
# 
_pdbx_validate_close_contact.id               1 
_pdbx_validate_close_contact.PDB_model_num    1 
_pdbx_validate_close_contact.auth_atom_id_1   CAT 
_pdbx_validate_close_contact.auth_asym_id_1   B 
_pdbx_validate_close_contact.auth_comp_id_1   0EH 
_pdbx_validate_close_contact.auth_seq_id_1    4 
_pdbx_validate_close_contact.PDB_ins_code_1   ? 
_pdbx_validate_close_contact.label_alt_id_1   ? 
_pdbx_validate_close_contact.auth_atom_id_2   CE 
_pdbx_validate_close_contact.auth_asym_id_2   B 
_pdbx_validate_close_contact.auth_comp_id_2   MK8 
_pdbx_validate_close_contact.auth_seq_id_2    11 
_pdbx_validate_close_contact.PDB_ins_code_2   ? 
_pdbx_validate_close_contact.label_alt_id_2   ? 
_pdbx_validate_close_contact.dist             1.35 
# 
loop_
_pdbx_unobs_or_zero_occ_residues.id 
_pdbx_unobs_or_zero_occ_residues.PDB_model_num 
_pdbx_unobs_or_zero_occ_residues.polymer_flag 
_pdbx_unobs_or_zero_occ_residues.occupancy_flag 
_pdbx_unobs_or_zero_occ_residues.auth_asym_id 
_pdbx_unobs_or_zero_occ_residues.auth_comp_id 
_pdbx_unobs_or_zero_occ_residues.auth_seq_id 
_pdbx_unobs_or_zero_occ_residues.PDB_ins_code 
_pdbx_unobs_or_zero_occ_residues.label_asym_id 
_pdbx_unobs_or_zero_occ_residues.label_comp_id 
_pdbx_unobs_or_zero_occ_residues.label_seq_id 
1  1 Y 1 A GLY 4   ? A GLY 1   
2  1 Y 1 A PRO 5   ? A PRO 2   
3  1 Y 1 A MET 6   ? A MET 3   
4  1 Y 1 A SER 7   ? A SER 4   
5  1 Y 1 A VAL 8   ? A VAL 5   
6  1 Y 1 A PRO 9   ? A PRO 6   
7  1 Y 1 A THR 10  ? A THR 7   
8  1 Y 1 A ASP 11  ? A ASP 8   
9  1 Y 1 A GLY 12  ? A GLY 9   
10 1 Y 1 A ALA 13  ? A ALA 10  
11 1 Y 1 A VAL 14  ? A VAL 11  
12 1 Y 1 A THR 15  ? A THR 12  
13 1 Y 1 A THR 16  ? A THR 13  
14 1 Y 1 A SER 17  ? A SER 14  
15 1 Y 1 A GLN 18  ? A GLN 15  
16 1 Y 1 A ILE 19  ? A ILE 16  
17 1 Y 1 A PRO 20  ? A PRO 17  
18 1 Y 1 A ALA 21  ? A ALA 18  
19 1 Y 1 A SER 22  ? A SER 19  
20 1 Y 1 A GLU 23  ? A GLU 20  
21 1 Y 1 A GLN 24  ? A GLN 21  
22 1 Y 1 A GLU 25  ? A GLU 22  
23 1 Y 1 A GLN 112 ? A GLN 109 
24 1 Y 1 A GLN 113 ? A GLN 110 
25 1 Y 1 A GLU 114 ? A GLU 111 
26 1 Y 1 A SER 115 ? A SER 112 
27 1 Y 1 A SER 116 ? A SER 113 
28 1 Y 1 A ASP 117 ? A ASP 114 
29 1 Y 1 A SER 118 ? A SER 115 
30 1 Y 1 A GLY 119 ? A GLY 116 
31 1 Y 1 A THR 120 ? A THR 117 
32 1 Y 1 A SER 121 ? A SER 118 
33 1 Y 1 A VAL 122 ? A VAL 119 
34 1 Y 1 A SER 123 ? A SER 120 
35 1 Y 1 A GLU 124 ? A GLU 121 
36 1 Y 1 A ASN 125 ? A ASN 122 
# 
loop_
_chem_comp_atom.comp_id 
_chem_comp_atom.atom_id 
_chem_comp_atom.type_symbol 
_chem_comp_atom.pdbx_aromatic_flag 
_chem_comp_atom.pdbx_stereo_config 
_chem_comp_atom.pdbx_ordinal 
0EH O    O N N 1   
0EH C    C N N 2   
0EH CA   C N R 3   
0EH CAA  C N N 4   
0EH CAB  C N N 5   
0EH N    N N N 6   
0EH CAO  C N N 7   
0EH CAP  C N N 8   
0EH CAQ  C N N 9   
0EH CAR  C N N 10  
0EH CAS  C N N 11  
0EH CAT  C N N 12  
0EH H1   H N N 13  
0EH H3   H N N 14  
0EH H4   H N N 15  
0EH H5   H N N 16  
0EH H6   H N N 17  
0EH H    H N N 18  
0EH H2   H N N 19  
0EH H10  H N N 20  
0EH H11  H N N 21  
0EH H12  H N N 22  
0EH H13  H N N 23  
0EH H14  H N N 24  
0EH H15  H N N 25  
0EH H16  H N N 26  
0EH H17  H N N 27  
0EH H18  H N N 28  
0EH H19  H N N 29  
0EH H20  H N N 30  
0EH H21  H N N 31  
0EH H22  H N N 32  
0EH OXT  O N N 33  
0EH HXT  H N N 34  
2JH N    N N N 35  
2JH CA   C N S 36  
2JH CB   C N N 37  
2JH C    C N N 38  
2JH O    O N N 39  
2JH CG   C N N 40  
2JH CD1  C N N 41  
2JH CD2  C N N 42  
2JH CE   C N N 43  
2JH H    H N N 44  
2JH H2   H N N 45  
2JH HA   H N N 46  
2JH H5   H N N 47  
2JH H6   H N N 48  
2JH H8   H N N 49  
2JH H9   H N N 50  
2JH H10  H N N 51  
2JH H11  H N N 52  
2JH H12  H N N 53  
2JH H13  H N N 54  
2JH H14  H N N 55  
2JH OXT  O N N 56  
2JH HXT  H N N 57  
ACE C    C N N 58  
ACE O    O N N 59  
ACE CH3  C N N 60  
ACE H    H N N 61  
ACE H1   H N N 62  
ACE H2   H N N 63  
ACE H3   H N N 64  
ALA N    N N N 65  
ALA CA   C N S 66  
ALA C    C N N 67  
ALA O    O N N 68  
ALA CB   C N N 69  
ALA OXT  O N N 70  
ALA H    H N N 71  
ALA H2   H N N 72  
ALA HA   H N N 73  
ALA HB1  H N N 74  
ALA HB2  H N N 75  
ALA HB3  H N N 76  
ALA HXT  H N N 77  
ARG N    N N N 78  
ARG CA   C N S 79  
ARG C    C N N 80  
ARG O    O N N 81  
ARG CB   C N N 82  
ARG CG   C N N 83  
ARG CD   C N N 84  
ARG NE   N N N 85  
ARG CZ   C N N 86  
ARG NH1  N N N 87  
ARG NH2  N N N 88  
ARG OXT  O N N 89  
ARG H    H N N 90  
ARG H2   H N N 91  
ARG HA   H N N 92  
ARG HB2  H N N 93  
ARG HB3  H N N 94  
ARG HG2  H N N 95  
ARG HG3  H N N 96  
ARG HD2  H N N 97  
ARG HD3  H N N 98  
ARG HE   H N N 99  
ARG HH11 H N N 100 
ARG HH12 H N N 101 
ARG HH21 H N N 102 
ARG HH22 H N N 103 
ARG HXT  H N N 104 
ASN N    N N N 105 
ASN CA   C N S 106 
ASN C    C N N 107 
ASN O    O N N 108 
ASN CB   C N N 109 
ASN CG   C N N 110 
ASN OD1  O N N 111 
ASN ND2  N N N 112 
ASN OXT  O N N 113 
ASN H    H N N 114 
ASN H2   H N N 115 
ASN HA   H N N 116 
ASN HB2  H N N 117 
ASN HB3  H N N 118 
ASN HD21 H N N 119 
ASN HD22 H N N 120 
ASN HXT  H N N 121 
ASP N    N N N 122 
ASP CA   C N S 123 
ASP C    C N N 124 
ASP O    O N N 125 
ASP CB   C N N 126 
ASP CG   C N N 127 
ASP OD1  O N N 128 
ASP OD2  O N N 129 
ASP OXT  O N N 130 
ASP H    H N N 131 
ASP H2   H N N 132 
ASP HA   H N N 133 
ASP HB2  H N N 134 
ASP HB3  H N N 135 
ASP HD2  H N N 136 
ASP HXT  H N N 137 
CYS N    N N N 138 
CYS CA   C N R 139 
CYS C    C N N 140 
CYS O    O N N 141 
CYS CB   C N N 142 
CYS SG   S N N 143 
CYS OXT  O N N 144 
CYS H    H N N 145 
CYS H2   H N N 146 
CYS HA   H N N 147 
CYS HB2  H N N 148 
CYS HB3  H N N 149 
CYS HG   H N N 150 
CYS HXT  H N N 151 
DTR N    N N N 152 
DTR CA   C N R 153 
DTR CB   C N N 154 
DTR CG   C Y N 155 
DTR CD1  C Y N 156 
DTR NE1  N Y N 157 
DTR CE2  C Y N 158 
DTR CZ2  C Y N 159 
DTR CH2  C Y N 160 
DTR CZ3  C Y N 161 
DTR CE3  C Y N 162 
DTR CD2  C Y N 163 
DTR C    C N N 164 
DTR O    O N N 165 
DTR OXT  O N N 166 
DTR H    H N N 167 
DTR H2   H N N 168 
DTR HA   H N N 169 
DTR HB2  H N N 170 
DTR HB3  H N N 171 
DTR HD1  H N N 172 
DTR HE1  H N N 173 
DTR HZ2  H N N 174 
DTR HH2  H N N 175 
DTR HZ3  H N N 176 
DTR HE3  H N N 177 
DTR HXT  H N N 178 
GLN N    N N N 179 
GLN CA   C N S 180 
GLN C    C N N 181 
GLN O    O N N 182 
GLN CB   C N N 183 
GLN CG   C N N 184 
GLN CD   C N N 185 
GLN OE1  O N N 186 
GLN NE2  N N N 187 
GLN OXT  O N N 188 
GLN H    H N N 189 
GLN H2   H N N 190 
GLN HA   H N N 191 
GLN HB2  H N N 192 
GLN HB3  H N N 193 
GLN HG2  H N N 194 
GLN HG3  H N N 195 
GLN HE21 H N N 196 
GLN HE22 H N N 197 
GLN HXT  H N N 198 
GLU N    N N N 199 
GLU CA   C N S 200 
GLU C    C N N 201 
GLU O    O N N 202 
GLU CB   C N N 203 
GLU CG   C N N 204 
GLU CD   C N N 205 
GLU OE1  O N N 206 
GLU OE2  O N N 207 
GLU OXT  O N N 208 
GLU H    H N N 209 
GLU H2   H N N 210 
GLU HA   H N N 211 
GLU HB2  H N N 212 
GLU HB3  H N N 213 
GLU HG2  H N N 214 
GLU HG3  H N N 215 
GLU HE2  H N N 216 
GLU HXT  H N N 217 
GLY N    N N N 218 
GLY CA   C N N 219 
GLY C    C N N 220 
GLY O    O N N 221 
GLY OXT  O N N 222 
GLY H    H N N 223 
GLY H2   H N N 224 
GLY HA2  H N N 225 
GLY HA3  H N N 226 
GLY HXT  H N N 227 
HIS N    N N N 228 
HIS CA   C N S 229 
HIS C    C N N 230 
HIS O    O N N 231 
HIS CB   C N N 232 
HIS CG   C Y N 233 
HIS ND1  N Y N 234 
HIS CD2  C Y N 235 
HIS CE1  C Y N 236 
HIS NE2  N Y N 237 
HIS OXT  O N N 238 
HIS H    H N N 239 
HIS H2   H N N 240 
HIS HA   H N N 241 
HIS HB2  H N N 242 
HIS HB3  H N N 243 
HIS HD1  H N N 244 
HIS HD2  H N N 245 
HIS HE1  H N N 246 
HIS HE2  H N N 247 
HIS HXT  H N N 248 
HOH O    O N N 249 
HOH H1   H N N 250 
HOH H2   H N N 251 
ILE N    N N N 252 
ILE CA   C N S 253 
ILE C    C N N 254 
ILE O    O N N 255 
ILE CB   C N S 256 
ILE CG1  C N N 257 
ILE CG2  C N N 258 
ILE CD1  C N N 259 
ILE OXT  O N N 260 
ILE H    H N N 261 
ILE H2   H N N 262 
ILE HA   H N N 263 
ILE HB   H N N 264 
ILE HG12 H N N 265 
ILE HG13 H N N 266 
ILE HG21 H N N 267 
ILE HG22 H N N 268 
ILE HG23 H N N 269 
ILE HD11 H N N 270 
ILE HD12 H N N 271 
ILE HD13 H N N 272 
ILE HXT  H N N 273 
LEU N    N N N 274 
LEU CA   C N S 275 
LEU C    C N N 276 
LEU O    O N N 277 
LEU CB   C N N 278 
LEU CG   C N N 279 
LEU CD1  C N N 280 
LEU CD2  C N N 281 
LEU OXT  O N N 282 
LEU H    H N N 283 
LEU H2   H N N 284 
LEU HA   H N N 285 
LEU HB2  H N N 286 
LEU HB3  H N N 287 
LEU HG   H N N 288 
LEU HD11 H N N 289 
LEU HD12 H N N 290 
LEU HD13 H N N 291 
LEU HD21 H N N 292 
LEU HD22 H N N 293 
LEU HD23 H N N 294 
LEU HXT  H N N 295 
LYS N    N N N 296 
LYS CA   C N S 297 
LYS C    C N N 298 
LYS O    O N N 299 
LYS CB   C N N 300 
LYS CG   C N N 301 
LYS CD   C N N 302 
LYS CE   C N N 303 
LYS NZ   N N N 304 
LYS OXT  O N N 305 
LYS H    H N N 306 
LYS H2   H N N 307 
LYS HA   H N N 308 
LYS HB2  H N N 309 
LYS HB3  H N N 310 
LYS HG2  H N N 311 
LYS HG3  H N N 312 
LYS HD2  H N N 313 
LYS HD3  H N N 314 
LYS HE2  H N N 315 
LYS HE3  H N N 316 
LYS HZ1  H N N 317 
LYS HZ2  H N N 318 
LYS HZ3  H N N 319 
LYS HXT  H N N 320 
MET N    N N N 321 
MET CA   C N S 322 
MET C    C N N 323 
MET O    O N N 324 
MET CB   C N N 325 
MET CG   C N N 326 
MET SD   S N N 327 
MET CE   C N N 328 
MET OXT  O N N 329 
MET H    H N N 330 
MET H2   H N N 331 
MET HA   H N N 332 
MET HB2  H N N 333 
MET HB3  H N N 334 
MET HG2  H N N 335 
MET HG3  H N N 336 
MET HE1  H N N 337 
MET HE2  H N N 338 
MET HE3  H N N 339 
MET HXT  H N N 340 
MK8 C    C N N 341 
MK8 N    N N N 342 
MK8 O    O N N 343 
MK8 CA   C N S 344 
MK8 CB   C N N 345 
MK8 CD   C N N 346 
MK8 CE   C N N 347 
MK8 CG   C N N 348 
MK8 CB1  C N N 349 
MK8 OXT  O N N 350 
MK8 H    H N N 351 
MK8 H2   H N N 352 
MK8 HB   H N N 353 
MK8 HBA  H N N 354 
MK8 HD   H N N 355 
MK8 HDA  H N N 356 
MK8 HE   H N N 357 
MK8 HEA  H N N 358 
MK8 HEB  H N N 359 
MK8 HG   H N N 360 
MK8 HGA  H N N 361 
MK8 HB1  H N N 362 
MK8 HB1A H N N 363 
MK8 HB1B H N N 364 
MK8 HXT  H N N 365 
NH2 N    N N N 366 
NH2 HN1  H N N 367 
NH2 HN2  H N N 368 
PHE N    N N N 369 
PHE CA   C N S 370 
PHE C    C N N 371 
PHE O    O N N 372 
PHE CB   C N N 373 
PHE CG   C Y N 374 
PHE CD1  C Y N 375 
PHE CD2  C Y N 376 
PHE CE1  C Y N 377 
PHE CE2  C Y N 378 
PHE CZ   C Y N 379 
PHE OXT  O N N 380 
PHE H    H N N 381 
PHE H2   H N N 382 
PHE HA   H N N 383 
PHE HB2  H N N 384 
PHE HB3  H N N 385 
PHE HD1  H N N 386 
PHE HD2  H N N 387 
PHE HE1  H N N 388 
PHE HE2  H N N 389 
PHE HZ   H N N 390 
PHE HXT  H N N 391 
PRO N    N N N 392 
PRO CA   C N S 393 
PRO C    C N N 394 
PRO O    O N N 395 
PRO CB   C N N 396 
PRO CG   C N N 397 
PRO CD   C N N 398 
PRO OXT  O N N 399 
PRO H    H N N 400 
PRO HA   H N N 401 
PRO HB2  H N N 402 
PRO HB3  H N N 403 
PRO HG2  H N N 404 
PRO HG3  H N N 405 
PRO HD2  H N N 406 
PRO HD3  H N N 407 
PRO HXT  H N N 408 
SER N    N N N 409 
SER CA   C N S 410 
SER C    C N N 411 
SER O    O N N 412 
SER CB   C N N 413 
SER OG   O N N 414 
SER OXT  O N N 415 
SER H    H N N 416 
SER H2   H N N 417 
SER HA   H N N 418 
SER HB2  H N N 419 
SER HB3  H N N 420 
SER HG   H N N 421 
SER HXT  H N N 422 
THR N    N N N 423 
THR CA   C N S 424 
THR C    C N N 425 
THR O    O N N 426 
THR CB   C N R 427 
THR OG1  O N N 428 
THR CG2  C N N 429 
THR OXT  O N N 430 
THR H    H N N 431 
THR H2   H N N 432 
THR HA   H N N 433 
THR HB   H N N 434 
THR HG1  H N N 435 
THR HG21 H N N 436 
THR HG22 H N N 437 
THR HG23 H N N 438 
THR HXT  H N N 439 
TYR N    N N N 440 
TYR CA   C N S 441 
TYR C    C N N 442 
TYR O    O N N 443 
TYR CB   C N N 444 
TYR CG   C Y N 445 
TYR CD1  C Y N 446 
TYR CD2  C Y N 447 
TYR CE1  C Y N 448 
TYR CE2  C Y N 449 
TYR CZ   C Y N 450 
TYR OH   O N N 451 
TYR OXT  O N N 452 
TYR H    H N N 453 
TYR H2   H N N 454 
TYR HA   H N N 455 
TYR HB2  H N N 456 
TYR HB3  H N N 457 
TYR HD1  H N N 458 
TYR HD2  H N N 459 
TYR HE1  H N N 460 
TYR HE2  H N N 461 
TYR HH   H N N 462 
TYR HXT  H N N 463 
VAL N    N N N 464 
VAL CA   C N S 465 
VAL C    C N N 466 
VAL O    O N N 467 
VAL CB   C N N 468 
VAL CG1  C N N 469 
VAL CG2  C N N 470 
VAL OXT  O N N 471 
VAL H    H N N 472 
VAL H2   H N N 473 
VAL HA   H N N 474 
VAL HB   H N N 475 
VAL HG11 H N N 476 
VAL HG12 H N N 477 
VAL HG13 H N N 478 
VAL HG21 H N N 479 
VAL HG22 H N N 480 
VAL HG23 H N N 481 
VAL HXT  H N N 482 
# 
loop_
_chem_comp_bond.comp_id 
_chem_comp_bond.atom_id_1 
_chem_comp_bond.atom_id_2 
_chem_comp_bond.value_order 
_chem_comp_bond.pdbx_aromatic_flag 
_chem_comp_bond.pdbx_stereo_config 
_chem_comp_bond.pdbx_ordinal 
0EH CAT CAS  sing N N 1   
0EH O   C    doub N N 2   
0EH CAR CAS  sing N N 3   
0EH CAR CAQ  sing N N 4   
0EH C   CA   sing N N 5   
0EH CAA CA   sing N N 6   
0EH CAO CAP  sing N N 7   
0EH CAO CAB  sing N N 8   
0EH CAQ CAP  sing N N 9   
0EH CA  CAB  sing N N 10  
0EH CA  N    sing N N 11  
0EH CAA H1   sing N N 12  
0EH CAA H3   sing N N 13  
0EH CAA H4   sing N N 14  
0EH CAB H5   sing N N 15  
0EH CAB H6   sing N N 16  
0EH N   H    sing N N 17  
0EH N   H2   sing N N 18  
0EH CAO H10  sing N N 19  
0EH CAO H11  sing N N 20  
0EH CAP H12  sing N N 21  
0EH CAP H13  sing N N 22  
0EH CAQ H14  sing N N 23  
0EH CAQ H15  sing N N 24  
0EH CAR H16  sing N N 25  
0EH CAR H17  sing N N 26  
0EH CAS H18  sing N N 27  
0EH CAS H19  sing N N 28  
0EH CAT H20  sing N N 29  
0EH CAT H21  sing N N 30  
0EH CAT H22  sing N N 31  
0EH C   OXT  sing N N 32  
0EH OXT HXT  sing N N 33  
2JH N   CA   sing N N 34  
2JH CA  C    sing N N 35  
2JH CA  CB   sing N N 36  
2JH O   C    doub N N 37  
2JH CB  CG   sing N N 38  
2JH CG  CD2  sing N N 39  
2JH CG  CD1  sing N N 40  
2JH CD2 CE   sing N N 41  
2JH CD1 CE   sing N N 42  
2JH N   H    sing N N 43  
2JH N   H2   sing N N 44  
2JH CA  HA   sing N N 45  
2JH CB  H5   sing N N 46  
2JH CB  H6   sing N N 47  
2JH CG  H8   sing N N 48  
2JH CD1 H9   sing N N 49  
2JH CD1 H10  sing N N 50  
2JH CD2 H11  sing N N 51  
2JH CD2 H12  sing N N 52  
2JH CE  H13  sing N N 53  
2JH CE  H14  sing N N 54  
2JH C   OXT  sing N N 55  
2JH OXT HXT  sing N N 56  
ACE C   O    doub N N 57  
ACE C   CH3  sing N N 58  
ACE C   H    sing N N 59  
ACE CH3 H1   sing N N 60  
ACE CH3 H2   sing N N 61  
ACE CH3 H3   sing N N 62  
ALA N   CA   sing N N 63  
ALA N   H    sing N N 64  
ALA N   H2   sing N N 65  
ALA CA  C    sing N N 66  
ALA CA  CB   sing N N 67  
ALA CA  HA   sing N N 68  
ALA C   O    doub N N 69  
ALA C   OXT  sing N N 70  
ALA CB  HB1  sing N N 71  
ALA CB  HB2  sing N N 72  
ALA CB  HB3  sing N N 73  
ALA OXT HXT  sing N N 74  
ARG N   CA   sing N N 75  
ARG N   H    sing N N 76  
ARG N   H2   sing N N 77  
ARG CA  C    sing N N 78  
ARG CA  CB   sing N N 79  
ARG CA  HA   sing N N 80  
ARG C   O    doub N N 81  
ARG C   OXT  sing N N 82  
ARG CB  CG   sing N N 83  
ARG CB  HB2  sing N N 84  
ARG CB  HB3  sing N N 85  
ARG CG  CD   sing N N 86  
ARG CG  HG2  sing N N 87  
ARG CG  HG3  sing N N 88  
ARG CD  NE   sing N N 89  
ARG CD  HD2  sing N N 90  
ARG CD  HD3  sing N N 91  
ARG NE  CZ   sing N N 92  
ARG NE  HE   sing N N 93  
ARG CZ  NH1  sing N N 94  
ARG CZ  NH2  doub N N 95  
ARG NH1 HH11 sing N N 96  
ARG NH1 HH12 sing N N 97  
ARG NH2 HH21 sing N N 98  
ARG NH2 HH22 sing N N 99  
ARG OXT HXT  sing N N 100 
ASN N   CA   sing N N 101 
ASN N   H    sing N N 102 
ASN N   H2   sing N N 103 
ASN CA  C    sing N N 104 
ASN CA  CB   sing N N 105 
ASN CA  HA   sing N N 106 
ASN C   O    doub N N 107 
ASN C   OXT  sing N N 108 
ASN CB  CG   sing N N 109 
ASN CB  HB2  sing N N 110 
ASN CB  HB3  sing N N 111 
ASN CG  OD1  doub N N 112 
ASN CG  ND2  sing N N 113 
ASN ND2 HD21 sing N N 114 
ASN ND2 HD22 sing N N 115 
ASN OXT HXT  sing N N 116 
ASP N   CA   sing N N 117 
ASP N   H    sing N N 118 
ASP N   H2   sing N N 119 
ASP CA  C    sing N N 120 
ASP CA  CB   sing N N 121 
ASP CA  HA   sing N N 122 
ASP C   O    doub N N 123 
ASP C   OXT  sing N N 124 
ASP CB  CG   sing N N 125 
ASP CB  HB2  sing N N 126 
ASP CB  HB3  sing N N 127 
ASP CG  OD1  doub N N 128 
ASP CG  OD2  sing N N 129 
ASP OD2 HD2  sing N N 130 
ASP OXT HXT  sing N N 131 
CYS N   CA   sing N N 132 
CYS N   H    sing N N 133 
CYS N   H2   sing N N 134 
CYS CA  C    sing N N 135 
CYS CA  CB   sing N N 136 
CYS CA  HA   sing N N 137 
CYS C   O    doub N N 138 
CYS C   OXT  sing N N 139 
CYS CB  SG   sing N N 140 
CYS CB  HB2  sing N N 141 
CYS CB  HB3  sing N N 142 
CYS SG  HG   sing N N 143 
CYS OXT HXT  sing N N 144 
DTR N   CA   sing N N 145 
DTR N   H    sing N N 146 
DTR N   H2   sing N N 147 
DTR CA  CB   sing N N 148 
DTR CA  C    sing N N 149 
DTR CA  HA   sing N N 150 
DTR CB  CG   sing N N 151 
DTR CB  HB2  sing N N 152 
DTR CB  HB3  sing N N 153 
DTR CG  CD1  doub Y N 154 
DTR CG  CD2  sing Y N 155 
DTR CD1 NE1  sing Y N 156 
DTR CD1 HD1  sing N N 157 
DTR NE1 CE2  sing Y N 158 
DTR NE1 HE1  sing N N 159 
DTR CE2 CZ2  doub Y N 160 
DTR CE2 CD2  sing Y N 161 
DTR CZ2 CH2  sing Y N 162 
DTR CZ2 HZ2  sing N N 163 
DTR CH2 CZ3  doub Y N 164 
DTR CH2 HH2  sing N N 165 
DTR CZ3 CE3  sing Y N 166 
DTR CZ3 HZ3  sing N N 167 
DTR CE3 CD2  doub Y N 168 
DTR CE3 HE3  sing N N 169 
DTR C   O    doub N N 170 
DTR C   OXT  sing N N 171 
DTR OXT HXT  sing N N 172 
GLN N   CA   sing N N 173 
GLN N   H    sing N N 174 
GLN N   H2   sing N N 175 
GLN CA  C    sing N N 176 
GLN CA  CB   sing N N 177 
GLN CA  HA   sing N N 178 
GLN C   O    doub N N 179 
GLN C   OXT  sing N N 180 
GLN CB  CG   sing N N 181 
GLN CB  HB2  sing N N 182 
GLN CB  HB3  sing N N 183 
GLN CG  CD   sing N N 184 
GLN CG  HG2  sing N N 185 
GLN CG  HG3  sing N N 186 
GLN CD  OE1  doub N N 187 
GLN CD  NE2  sing N N 188 
GLN NE2 HE21 sing N N 189 
GLN NE2 HE22 sing N N 190 
GLN OXT HXT  sing N N 191 
GLU N   CA   sing N N 192 
GLU N   H    sing N N 193 
GLU N   H2   sing N N 194 
GLU CA  C    sing N N 195 
GLU CA  CB   sing N N 196 
GLU CA  HA   sing N N 197 
GLU C   O    doub N N 198 
GLU C   OXT  sing N N 199 
GLU CB  CG   sing N N 200 
GLU CB  HB2  sing N N 201 
GLU CB  HB3  sing N N 202 
GLU CG  CD   sing N N 203 
GLU CG  HG2  sing N N 204 
GLU CG  HG3  sing N N 205 
GLU CD  OE1  doub N N 206 
GLU CD  OE2  sing N N 207 
GLU OE2 HE2  sing N N 208 
GLU OXT HXT  sing N N 209 
GLY N   CA   sing N N 210 
GLY N   H    sing N N 211 
GLY N   H2   sing N N 212 
GLY CA  C    sing N N 213 
GLY CA  HA2  sing N N 214 
GLY CA  HA3  sing N N 215 
GLY C   O    doub N N 216 
GLY C   OXT  sing N N 217 
GLY OXT HXT  sing N N 218 
HIS N   CA   sing N N 219 
HIS N   H    sing N N 220 
HIS N   H2   sing N N 221 
HIS CA  C    sing N N 222 
HIS CA  CB   sing N N 223 
HIS CA  HA   sing N N 224 
HIS C   O    doub N N 225 
HIS C   OXT  sing N N 226 
HIS CB  CG   sing N N 227 
HIS CB  HB2  sing N N 228 
HIS CB  HB3  sing N N 229 
HIS CG  ND1  sing Y N 230 
HIS CG  CD2  doub Y N 231 
HIS ND1 CE1  doub Y N 232 
HIS ND1 HD1  sing N N 233 
HIS CD2 NE2  sing Y N 234 
HIS CD2 HD2  sing N N 235 
HIS CE1 NE2  sing Y N 236 
HIS CE1 HE1  sing N N 237 
HIS NE2 HE2  sing N N 238 
HIS OXT HXT  sing N N 239 
HOH O   H1   sing N N 240 
HOH O   H2   sing N N 241 
ILE N   CA   sing N N 242 
ILE N   H    sing N N 243 
ILE N   H2   sing N N 244 
ILE CA  C    sing N N 245 
ILE CA  CB   sing N N 246 
ILE CA  HA   sing N N 247 
ILE C   O    doub N N 248 
ILE C   OXT  sing N N 249 
ILE CB  CG1  sing N N 250 
ILE CB  CG2  sing N N 251 
ILE CB  HB   sing N N 252 
ILE CG1 CD1  sing N N 253 
ILE CG1 HG12 sing N N 254 
ILE CG1 HG13 sing N N 255 
ILE CG2 HG21 sing N N 256 
ILE CG2 HG22 sing N N 257 
ILE CG2 HG23 sing N N 258 
ILE CD1 HD11 sing N N 259 
ILE CD1 HD12 sing N N 260 
ILE CD1 HD13 sing N N 261 
ILE OXT HXT  sing N N 262 
LEU N   CA   sing N N 263 
LEU N   H    sing N N 264 
LEU N   H2   sing N N 265 
LEU CA  C    sing N N 266 
LEU CA  CB   sing N N 267 
LEU CA  HA   sing N N 268 
LEU C   O    doub N N 269 
LEU C   OXT  sing N N 270 
LEU CB  CG   sing N N 271 
LEU CB  HB2  sing N N 272 
LEU CB  HB3  sing N N 273 
LEU CG  CD1  sing N N 274 
LEU CG  CD2  sing N N 275 
LEU CG  HG   sing N N 276 
LEU CD1 HD11 sing N N 277 
LEU CD1 HD12 sing N N 278 
LEU CD1 HD13 sing N N 279 
LEU CD2 HD21 sing N N 280 
LEU CD2 HD22 sing N N 281 
LEU CD2 HD23 sing N N 282 
LEU OXT HXT  sing N N 283 
LYS N   CA   sing N N 284 
LYS N   H    sing N N 285 
LYS N   H2   sing N N 286 
LYS CA  C    sing N N 287 
LYS CA  CB   sing N N 288 
LYS CA  HA   sing N N 289 
LYS C   O    doub N N 290 
LYS C   OXT  sing N N 291 
LYS CB  CG   sing N N 292 
LYS CB  HB2  sing N N 293 
LYS CB  HB3  sing N N 294 
LYS CG  CD   sing N N 295 
LYS CG  HG2  sing N N 296 
LYS CG  HG3  sing N N 297 
LYS CD  CE   sing N N 298 
LYS CD  HD2  sing N N 299 
LYS CD  HD3  sing N N 300 
LYS CE  NZ   sing N N 301 
LYS CE  HE2  sing N N 302 
LYS CE  HE3  sing N N 303 
LYS NZ  HZ1  sing N N 304 
LYS NZ  HZ2  sing N N 305 
LYS NZ  HZ3  sing N N 306 
LYS OXT HXT  sing N N 307 
MET N   CA   sing N N 308 
MET N   H    sing N N 309 
MET N   H2   sing N N 310 
MET CA  C    sing N N 311 
MET CA  CB   sing N N 312 
MET CA  HA   sing N N 313 
MET C   O    doub N N 314 
MET C   OXT  sing N N 315 
MET CB  CG   sing N N 316 
MET CB  HB2  sing N N 317 
MET CB  HB3  sing N N 318 
MET CG  SD   sing N N 319 
MET CG  HG2  sing N N 320 
MET CG  HG3  sing N N 321 
MET SD  CE   sing N N 322 
MET CE  HE1  sing N N 323 
MET CE  HE2  sing N N 324 
MET CE  HE3  sing N N 325 
MET OXT HXT  sing N N 326 
MK8 C   CA   sing N N 327 
MK8 C   OXT  sing N N 328 
MK8 N   H    sing N N 329 
MK8 N   H2   sing N N 330 
MK8 O   C    doub N N 331 
MK8 CA  N    sing N N 332 
MK8 CA  CB   sing N N 333 
MK8 CB  HB   sing N N 334 
MK8 CB  HBA  sing N N 335 
MK8 CD  CG   sing N N 336 
MK8 CD  HD   sing N N 337 
MK8 CD  HDA  sing N N 338 
MK8 CE  CD   sing N N 339 
MK8 CE  HE   sing N N 340 
MK8 CE  HEA  sing N N 341 
MK8 CE  HEB  sing N N 342 
MK8 CG  CB   sing N N 343 
MK8 CG  HG   sing N N 344 
MK8 CG  HGA  sing N N 345 
MK8 CB1 CA   sing N N 346 
MK8 CB1 HB1  sing N N 347 
MK8 CB1 HB1A sing N N 348 
MK8 CB1 HB1B sing N N 349 
MK8 OXT HXT  sing N N 350 
NH2 N   HN1  sing N N 351 
NH2 N   HN2  sing N N 352 
PHE N   CA   sing N N 353 
PHE N   H    sing N N 354 
PHE N   H2   sing N N 355 
PHE CA  C    sing N N 356 
PHE CA  CB   sing N N 357 
PHE CA  HA   sing N N 358 
PHE C   O    doub N N 359 
PHE C   OXT  sing N N 360 
PHE CB  CG   sing N N 361 
PHE CB  HB2  sing N N 362 
PHE CB  HB3  sing N N 363 
PHE CG  CD1  doub Y N 364 
PHE CG  CD2  sing Y N 365 
PHE CD1 CE1  sing Y N 366 
PHE CD1 HD1  sing N N 367 
PHE CD2 CE2  doub Y N 368 
PHE CD2 HD2  sing N N 369 
PHE CE1 CZ   doub Y N 370 
PHE CE1 HE1  sing N N 371 
PHE CE2 CZ   sing Y N 372 
PHE CE2 HE2  sing N N 373 
PHE CZ  HZ   sing N N 374 
PHE OXT HXT  sing N N 375 
PRO N   CA   sing N N 376 
PRO N   CD   sing N N 377 
PRO N   H    sing N N 378 
PRO CA  C    sing N N 379 
PRO CA  CB   sing N N 380 
PRO CA  HA   sing N N 381 
PRO C   O    doub N N 382 
PRO C   OXT  sing N N 383 
PRO CB  CG   sing N N 384 
PRO CB  HB2  sing N N 385 
PRO CB  HB3  sing N N 386 
PRO CG  CD   sing N N 387 
PRO CG  HG2  sing N N 388 
PRO CG  HG3  sing N N 389 
PRO CD  HD2  sing N N 390 
PRO CD  HD3  sing N N 391 
PRO OXT HXT  sing N N 392 
SER N   CA   sing N N 393 
SER N   H    sing N N 394 
SER N   H2   sing N N 395 
SER CA  C    sing N N 396 
SER CA  CB   sing N N 397 
SER CA  HA   sing N N 398 
SER C   O    doub N N 399 
SER C   OXT  sing N N 400 
SER CB  OG   sing N N 401 
SER CB  HB2  sing N N 402 
SER CB  HB3  sing N N 403 
SER OG  HG   sing N N 404 
SER OXT HXT  sing N N 405 
THR N   CA   sing N N 406 
THR N   H    sing N N 407 
THR N   H2   sing N N 408 
THR CA  C    sing N N 409 
THR CA  CB   sing N N 410 
THR CA  HA   sing N N 411 
THR C   O    doub N N 412 
THR C   OXT  sing N N 413 
THR CB  OG1  sing N N 414 
THR CB  CG2  sing N N 415 
THR CB  HB   sing N N 416 
THR OG1 HG1  sing N N 417 
THR CG2 HG21 sing N N 418 
THR CG2 HG22 sing N N 419 
THR CG2 HG23 sing N N 420 
THR OXT HXT  sing N N 421 
TYR N   CA   sing N N 422 
TYR N   H    sing N N 423 
TYR N   H2   sing N N 424 
TYR CA  C    sing N N 425 
TYR CA  CB   sing N N 426 
TYR CA  HA   sing N N 427 
TYR C   O    doub N N 428 
TYR C   OXT  sing N N 429 
TYR CB  CG   sing N N 430 
TYR CB  HB2  sing N N 431 
TYR CB  HB3  sing N N 432 
TYR CG  CD1  doub Y N 433 
TYR CG  CD2  sing Y N 434 
TYR CD1 CE1  sing Y N 435 
TYR CD1 HD1  sing N N 436 
TYR CD2 CE2  doub Y N 437 
TYR CD2 HD2  sing N N 438 
TYR CE1 CZ   doub Y N 439 
TYR CE1 HE1  sing N N 440 
TYR CE2 CZ   sing Y N 441 
TYR CE2 HE2  sing N N 442 
TYR CZ  OH   sing N N 443 
TYR OH  HH   sing N N 444 
TYR OXT HXT  sing N N 445 
VAL N   CA   sing N N 446 
VAL N   H    sing N N 447 
VAL N   H2   sing N N 448 
VAL CA  C    sing N N 449 
VAL CA  CB   sing N N 450 
VAL CA  HA   sing N N 451 
VAL C   O    doub N N 452 
VAL C   OXT  sing N N 453 
VAL CB  CG1  sing N N 454 
VAL CB  CG2  sing N N 455 
VAL CB  HB   sing N N 456 
VAL CG1 HG11 sing N N 457 
VAL CG1 HG12 sing N N 458 
VAL CG1 HG13 sing N N 459 
VAL CG2 HG21 sing N N 460 
VAL CG2 HG22 sing N N 461 
VAL CG2 HG23 sing N N 462 
VAL OXT HXT  sing N N 463 
# 
_pdbx_initial_refinement_model.id               1 
_pdbx_initial_refinement_model.entity_id_list   ? 
_pdbx_initial_refinement_model.type             'experimental model' 
_pdbx_initial_refinement_model.source_name      PDB 
_pdbx_initial_refinement_model.accession_code   4UMN 
_pdbx_initial_refinement_model.details          ? 
# 
_atom_sites.entry_id                    6AAW 
_atom_sites.fract_transf_matrix[1][1]   0.00203698 
_atom_sites.fract_transf_matrix[1][2]   -0.01169840 
_atom_sites.fract_transf_matrix[1][3]   -0.00356445 
_atom_sites.fract_transf_matrix[2][1]   -0.02150208 
_atom_sites.fract_transf_matrix[2][2]   -0.00123951 
_atom_sites.fract_transf_matrix[2][3]   -0.00821980 
_atom_sites.fract_transf_matrix[3][1]   0.00969380 
_atom_sites.fract_transf_matrix[3][2]   0.00715531 
_atom_sites.fract_transf_matrix[3][3]   -0.02643688 
_atom_sites.fract_transf_vector[1]      -0.150712 
_atom_sites.fract_transf_vector[2]      -0.171145 
_atom_sites.fract_transf_vector[3]      0.436947 
# 
loop_
_atom_type.symbol 
C 
N 
O 
S 
# 
loop_
_atom_site.group_PDB 
_atom_site.id 
_atom_site.type_symbol 
_atom_site.label_atom_id 
_atom_site.label_alt_id 
_atom_site.label_comp_id 
_atom_site.label_asym_id 
_atom_site.label_entity_id 
_atom_site.label_seq_id 
_atom_site.pdbx_PDB_ins_code 
_atom_site.Cartn_x 
_atom_site.Cartn_y 
_atom_site.Cartn_z 
_atom_site.occupancy 
_atom_site.B_iso_or_equiv 
_atom_site.pdbx_formal_charge 
_atom_site.auth_seq_id 
_atom_site.auth_comp_id 
_atom_site.auth_asym_id 
_atom_site.auth_atom_id 
_atom_site.pdbx_PDB_model_num 
ATOM   1   N N   . THR A 1 23  ? 16.391  -0.406  6.534   1.00 48.37 ? 26  THR A N   1 
ATOM   2   C CA  . THR A 1 23  ? 15.721  -0.161  7.855   1.00 48.95 ? 26  THR A CA  1 
ATOM   3   C C   . THR A 1 23  ? 14.382  -0.888  7.968   1.00 45.42 ? 26  THR A C   1 
ATOM   4   O O   . THR A 1 23  ? 13.649  -0.998  6.978   1.00 42.32 ? 26  THR A O   1 
ATOM   5   C CB  . THR A 1 23  ? 15.446  1.329   8.079   1.00 54.09 ? 26  THR A CB  1 
ATOM   6   O OG1 . THR A 1 23  ? 14.638  1.826   7.001   1.00 59.84 ? 26  THR A OG1 1 
ATOM   7   C CG2 . THR A 1 23  ? 16.762  2.097   8.164   1.00 53.65 ? 26  THR A CG2 1 
ATOM   8   N N   . LEU A 1 24  ? 14.056  -1.330  9.184   1.00 38.24 ? 27  LEU A N   1 
ATOM   9   C CA  . LEU A 1 24  ? 12.892  -2.191  9.415   1.00 36.83 ? 27  LEU A CA  1 
ATOM   10  C C   . LEU A 1 24  ? 11.687  -1.447  9.991   1.00 31.78 ? 27  LEU A C   1 
ATOM   11  O O   . LEU A 1 24  ? 11.840  -0.469  10.719  1.00 30.92 ? 27  LEU A O   1 
ATOM   12  C CB  . LEU A 1 24  ? 13.289  -3.377  10.306  1.00 39.32 ? 27  LEU A CB  1 
ATOM   13  C CG  . LEU A 1 24  ? 13.888  -4.617  9.606   1.00 42.42 ? 27  LEU A CG  1 
ATOM   14  C CD1 . LEU A 1 24  ? 14.592  -4.363  8.280   1.00 43.52 ? 27  LEU A CD1 1 
ATOM   15  C CD2 . LEU A 1 24  ? 14.823  -5.349  10.557  1.00 44.04 ? 27  LEU A CD2 1 
ATOM   16  N N   . VAL A 1 25  ? 10.491  -1.936  9.647   1.00 28.06 ? 28  VAL A N   1 
ATOM   17  C CA  . VAL A 1 25  ? 9.213   -1.410  10.134  1.00 25.62 ? 28  VAL A CA  1 
ATOM   18  C C   . VAL A 1 25  ? 8.319   -2.546  10.633  1.00 25.48 ? 28  VAL A C   1 
ATOM   19  O O   . VAL A 1 25  ? 8.443   -3.672  10.162  1.00 25.70 ? 28  VAL A O   1 
ATOM   20  C CB  . VAL A 1 25  ? 8.445   -0.616  9.052   1.00 24.83 ? 28  VAL A CB  1 
ATOM   21  C CG1 . VAL A 1 25  ? 9.207   0.638   8.670   1.00 23.81 ? 28  VAL A CG1 1 
ATOM   22  C CG2 . VAL A 1 25  ? 8.134   -1.466  7.808   1.00 25.69 ? 28  VAL A CG2 1 
ATOM   23  N N   . ARG A 1 26  ? 7.416   -2.237  11.561  1.00 25.53 ? 29  ARG A N   1 
ATOM   24  C CA  . ARG A 1 26  ? 6.481   -3.221  12.110  1.00 26.69 ? 29  ARG A CA  1 
ATOM   25  C C   . ARG A 1 26  ? 5.085   -2.767  11.774  1.00 24.43 ? 29  ARG A C   1 
ATOM   26  O O   . ARG A 1 26  ? 4.584   -1.818  12.364  1.00 23.37 ? 29  ARG A O   1 
ATOM   27  C CB  . ARG A 1 26  ? 6.614   -3.361  13.626  1.00 32.43 ? 29  ARG A CB  1 
ATOM   28  C CG  . ARG A 1 26  ? 7.881   -4.062  14.051  1.00 38.06 ? 29  ARG A CG  1 
ATOM   29  C CD  . ARG A 1 26  ? 7.739   -4.809  15.369  1.00 44.20 ? 29  ARG A CD  1 
ATOM   30  N NE  . ARG A 1 26  ? 8.937   -5.619  15.616  1.00 48.94 ? 29  ARG A NE  1 
ATOM   31  C CZ  . ARG A 1 26  ? 10.041  -5.207  16.253  1.00 55.08 ? 29  ARG A CZ  1 
ATOM   32  N NH1 . ARG A 1 26  ? 10.138  -3.977  16.764  1.00 57.54 ? 29  ARG A NH1 1 
ATOM   33  N NH2 . ARG A 1 26  ? 11.068  -6.042  16.396  1.00 57.83 ? 29  ARG A NH2 1 
ATOM   34  N N   . PRO A 1 27  ? 4.457   -3.418  10.781  1.00 23.47 ? 30  PRO A N   1 
ATOM   35  C CA  . PRO A 1 27  ? 3.077   -3.067  10.486  1.00 22.65 ? 30  PRO A CA  1 
ATOM   36  C C   . PRO A 1 27  ? 2.166   -3.285  11.682  1.00 23.39 ? 30  PRO A C   1 
ATOM   37  O O   . PRO A 1 27  ? 2.307   -4.273  12.426  1.00 22.02 ? 30  PRO A O   1 
ATOM   38  C CB  . PRO A 1 27  ? 2.717   -4.019  9.355   1.00 22.87 ? 30  PRO A CB  1 
ATOM   39  C CG  . PRO A 1 27  ? 4.007   -4.223  8.636   1.00 23.01 ? 30  PRO A CG  1 
ATOM   40  C CD  . PRO A 1 27  ? 5.018   -4.317  9.754   1.00 23.08 ? 30  PRO A CD  1 
ATOM   41  N N   . LYS A 1 28  ? 1.253   -2.344  11.869  1.00 24.02 ? 31  LYS A N   1 
ATOM   42  C CA  . LYS A 1 28  ? 0.198   -2.484  12.848  1.00 24.68 ? 31  LYS A CA  1 
ATOM   43  C C   . LYS A 1 28  ? -0.813  -3.542  12.361  1.00 24.06 ? 31  LYS A C   1 
ATOM   44  O O   . LYS A 1 28  ? -0.729  -4.028  11.215  1.00 21.07 ? 31  LYS A O   1 
ATOM   45  C CB  . LYS A 1 28  ? -0.449  -1.114  13.135  1.00 26.43 ? 31  LYS A CB  1 
ATOM   46  C CG  . LYS A 1 28  ? 0.535   -0.125  13.733  1.00 28.74 ? 31  LYS A CG  1 
ATOM   47  C CD  . LYS A 1 28  ? -0.161  1.159   14.137  1.00 30.76 ? 31  LYS A CD  1 
ATOM   48  C CE  . LYS A 1 28  ? 0.824   2.148   14.739  1.00 33.04 ? 31  LYS A CE  1 
ATOM   49  N NZ  . LYS A 1 28  ? 0.264   3.526   14.643  1.00 35.77 ? 31  LYS A NZ  1 
ATOM   50  N N   . PRO A 1 29  ? -1.765  -3.920  13.229  1.00 24.13 ? 32  PRO A N   1 
ATOM   51  C CA  . PRO A 1 29  ? -2.493  -5.178  12.951  1.00 23.50 ? 32  PRO A CA  1 
ATOM   52  C C   . PRO A 1 29  ? -3.345  -5.243  11.668  1.00 22.11 ? 32  PRO A C   1 
ATOM   53  O O   . PRO A 1 29  ? -3.314  -6.254  10.984  1.00 19.95 ? 32  PRO A O   1 
ATOM   54  C CB  . PRO A 1 29  ? -3.347  -5.365  14.207  1.00 25.52 ? 32  PRO A CB  1 
ATOM   55  C CG  . PRO A 1 29  ? -2.538  -4.679  15.281  1.00 25.80 ? 32  PRO A CG  1 
ATOM   56  C CD  . PRO A 1 29  ? -1.973  -3.466  14.621  1.00 25.54 ? 32  PRO A CD  1 
ATOM   57  N N   . LEU A 1 30  ? -4.099  -4.195  11.352  1.00 21.17 ? 33  LEU A N   1 
ATOM   58  C CA  A LEU A 1 30  ? -4.896  -4.198  10.124  0.50 20.96 ? 33  LEU A CA  1 
ATOM   59  C CA  B LEU A 1 30  ? -4.892  -4.164  10.133  0.50 21.15 ? 33  LEU A CA  1 
ATOM   60  C C   . LEU A 1 30  ? -3.977  -4.250  8.897   1.00 20.51 ? 33  LEU A C   1 
ATOM   61  O O   . LEU A 1 30  ? -4.236  -5.015  7.970   1.00 19.82 ? 33  LEU A O   1 
ATOM   62  C CB  A LEU A 1 30  ? -5.863  -3.001  10.034  0.50 21.57 ? 33  LEU A CB  1 
ATOM   63  C CB  B LEU A 1 30  ? -5.743  -2.889  10.087  0.50 22.01 ? 33  LEU A CB  1 
ATOM   64  C CG  A LEU A 1 30  ? -7.255  -3.226  10.630  0.50 21.80 ? 33  LEU A CG  1 
ATOM   65  C CG  B LEU A 1 30  ? -6.843  -2.930  9.039   0.50 22.42 ? 33  LEU A CG  1 
ATOM   66  C CD1 A LEU A 1 30  ? -8.223  -2.167  10.118  0.50 21.90 ? 33  LEU A CD1 1 
ATOM   67  C CD1 B LEU A 1 30  ? -7.775  -4.064  9.430   0.50 23.43 ? 33  LEU A CD1 1 
ATOM   68  C CD2 A LEU A 1 30  ? -7.767  -4.616  10.282  0.50 22.26 ? 33  LEU A CD2 1 
ATOM   69  C CD2 B LEU A 1 30  ? -7.597  -1.615  8.946   0.50 23.17 ? 33  LEU A CD2 1 
ATOM   70  N N   . LEU A 1 31  ? -2.904  -3.458  8.899   1.00 18.36 ? 34  LEU A N   1 
ATOM   71  C CA  . LEU A 1 31  ? -1.941  -3.516  7.788   1.00 18.43 ? 34  LEU A CA  1 
ATOM   72  C C   . LEU A 1 31  ? -1.285  -4.880  7.651   1.00 17.41 ? 34  LEU A C   1 
ATOM   73  O O   . LEU A 1 31  ? -1.227  -5.442  6.553   1.00 16.57 ? 34  LEU A O   1 
ATOM   74  C CB  . LEU A 1 31  ? -0.865  -2.460  7.915   1.00 18.22 ? 34  LEU A CB  1 
ATOM   75  C CG  . LEU A 1 31  ? 0.226   -2.448  6.838   1.00 18.88 ? 34  LEU A CG  1 
ATOM   76  C CD1 . LEU A 1 31  ? -0.286  -2.445  5.398   1.00 20.01 ? 34  LEU A CD1 1 
ATOM   77  C CD2 . LEU A 1 31  ? 1.085   -1.230  7.112   1.00 18.78 ? 34  LEU A CD2 1 
ATOM   78  N N   . LEU A 1 32  ? -0.857  -5.442  8.776   1.00 17.79 ? 35  LEU A N   1 
ATOM   79  C CA  . LEU A 1 32  ? -0.239  -6.741  8.759   1.00 19.01 ? 35  LEU A CA  1 
ATOM   80  C C   . LEU A 1 32  ? -1.184  -7.794  8.177   1.00 18.65 ? 35  LEU A C   1 
ATOM   81  O O   . LEU A 1 32  ? -0.749  -8.629  7.397   1.00 19.08 ? 35  LEU A O   1 
ATOM   82  C CB  . LEU A 1 32  ? 0.216   -7.132  10.164  1.00 19.96 ? 35  LEU A CB  1 
ATOM   83  C CG  . LEU A 1 32  ? 0.988   -8.441  10.248  1.00 20.46 ? 35  LEU A CG  1 
ATOM   84  C CD1 . LEU A 1 32  ? 2.326   -8.320  9.520   1.00 21.62 ? 35  LEU A CD1 1 
ATOM   85  C CD2 . LEU A 1 32  ? 1.166   -8.789  11.719  1.00 21.61 ? 35  LEU A CD2 1 
ATOM   86  N N   . LYS A 1 33  ? -2.458  -7.738  8.545   1.00 19.41 ? 36  LYS A N   1 
ATOM   87  C CA  . LYS A 1 33  ? -3.497  -8.638  7.997   1.00 21.03 ? 36  LYS A CA  1 
ATOM   88  C C   . LYS A 1 33  ? -3.608  -8.517  6.463   1.00 20.74 ? 36  LYS A C   1 
ATOM   89  O O   . LYS A 1 33  ? -3.637  -9.530  5.763   1.00 19.06 ? 36  LYS A O   1 
ATOM   90  C CB  . LYS A 1 33  ? -4.856  -8.335  8.651   1.00 22.78 ? 36  LYS A CB  1 
ATOM   91  C CG  . LYS A 1 33  ? -6.001  -9.214  8.186   1.00 24.60 ? 36  LYS A CG  1 
ATOM   92  C CD  . LYS A 1 33  ? -7.215  -9.122  9.126   1.00 26.87 ? 36  LYS A CD  1 
ATOM   93  C CE  . LYS A 1 33  ? -8.084  -10.390 9.072   1.00 27.03 ? 36  LYS A CE  1 
ATOM   94  N NZ  . LYS A 1 33  ? -9.006  -10.530 10.250  1.00 25.17 ? 36  LYS A NZ  1 
ATOM   95  N N   . LEU A 1 34  ? -3.658  -7.285  5.958   1.00 20.82 ? 37  LEU A N   1 
ATOM   96  C CA  . LEU A 1 34  ? -3.627  -7.039  4.510   1.00 21.74 ? 37  LEU A CA  1 
ATOM   97  C C   . LEU A 1 34  ? -2.385  -7.688  3.827   1.00 21.04 ? 37  LEU A C   1 
ATOM   98  O O   . LEU A 1 34  ? -2.511  -8.420  2.828   1.00 18.66 ? 37  LEU A O   1 
ATOM   99  C CB  . LEU A 1 34  ? -3.689  -5.524  4.217   1.00 22.94 ? 37  LEU A CB  1 
ATOM   100 C CG  . LEU A 1 34  ? -3.767  -5.080  2.744   1.00 25.65 ? 37  LEU A CG  1 
ATOM   101 C CD1 . LEU A 1 34  ? -4.469  -3.724  2.612   1.00 26.99 ? 37  LEU A CD1 1 
ATOM   102 C CD2 . LEU A 1 34  ? -2.415  -5.038  2.026   1.00 27.21 ? 37  LEU A CD2 1 
ATOM   103 N N   . LEU A 1 35  ? -1.206  -7.417  4.378   1.00 21.25 ? 38  LEU A N   1 
ATOM   104 C CA  . LEU A 1 35  ? 0.051   -7.947  3.837   1.00 22.32 ? 38  LEU A CA  1 
ATOM   105 C C   . LEU A 1 35  ? 0.046   -9.471  3.858   1.00 22.98 ? 38  LEU A C   1 
ATOM   106 O O   . LEU A 1 35  ? 0.428   -10.105 2.869   1.00 22.50 ? 38  LEU A O   1 
ATOM   107 C CB  . LEU A 1 35  ? 1.261   -7.451  4.624   1.00 22.13 ? 38  LEU A CB  1 
ATOM   108 C CG  . LEU A 1 35  ? 1.512   -5.942  4.687   1.00 22.41 ? 38  LEU A CG  1 
ATOM   109 C CD1 . LEU A 1 35  ? 2.783   -5.708  5.468   1.00 23.46 ? 38  LEU A CD1 1 
ATOM   110 C CD2 . LEU A 1 35  ? 1.569   -5.274  3.329   1.00 23.05 ? 38  LEU A CD2 1 
ATOM   111 N N   . LYS A 1 36  ? -0.430  -10.043 4.961   1.00 22.32 ? 39  LYS A N   1 
ATOM   112 C CA  . LYS A 1 36  ? -0.531  -11.497 5.044   1.00 24.95 ? 39  LYS A CA  1 
ATOM   113 C C   . LYS A 1 36  ? -1.556  -12.083 4.067   1.00 24.04 ? 39  LYS A C   1 
ATOM   114 O O   . LYS A 1 36  ? -1.353  -13.193 3.581   1.00 24.46 ? 39  LYS A O   1 
ATOM   115 C CB  . LYS A 1 36  ? -0.734  -11.966 6.479   1.00 25.36 ? 39  LYS A CB  1 
ATOM   116 C CG  . LYS A 1 36  ? 0.523   -11.798 7.303   1.00 27.46 ? 39  LYS A CG  1 
ATOM   117 C CD  . LYS A 1 36  ? 0.355   -12.243 8.742   1.00 30.67 ? 39  LYS A CD  1 
ATOM   118 C CE  . LYS A 1 36  ? 1.673   -12.035 9.474   1.00 32.26 ? 39  LYS A CE  1 
ATOM   119 N NZ  . LYS A 1 36  ? 1.697   -12.575 10.854  1.00 35.42 ? 39  LYS A NZ  1 
ATOM   120 N N   . SER A 1 37  ? -2.595  -11.328 3.708   1.00 22.58 ? 40  SER A N   1 
ATOM   121 C CA  . SER A 1 37  ? -3.605  -11.815 2.759   1.00 22.51 ? 40  SER A CA  1 
ATOM   122 C C   . SER A 1 37  ? -3.055  -12.026 1.334   1.00 23.56 ? 40  SER A C   1 
ATOM   123 O O   . SER A 1 37  ? -3.653  -12.787 0.574   1.00 23.02 ? 40  SER A O   1 
ATOM   124 C CB  . SER A 1 37  ? -4.858  -10.921 2.710   1.00 21.79 ? 40  SER A CB  1 
ATOM   125 O OG  . SER A 1 37  ? -4.636  -9.718  1.999   1.00 21.70 ? 40  SER A OG  1 
ATOM   126 N N   . VAL A 1 38  ? -1.941  -11.375 0.977   1.00 21.95 ? 41  VAL A N   1 
ATOM   127 C CA  . VAL A 1 38  ? -1.253  -11.668 -0.305  1.00 22.16 ? 41  VAL A CA  1 
ATOM   128 C C   . VAL A 1 38  ? -0.172  -12.755 -0.231  1.00 21.26 ? 41  VAL A C   1 
ATOM   129 O O   . VAL A 1 38  ? 0.419   -13.094 -1.254  1.00 20.08 ? 41  VAL A O   1 
ATOM   130 C CB  . VAL A 1 38  ? -0.718  -10.393 -1.020  1.00 22.26 ? 41  VAL A CB  1 
ATOM   131 C CG1 . VAL A 1 38  ? -1.830  -9.382  -1.162  1.00 23.84 ? 41  VAL A CG1 1 
ATOM   132 C CG2 . VAL A 1 38  ? 0.457   -9.748  -0.308  1.00 22.75 ? 41  VAL A CG2 1 
ATOM   133 N N   . GLY A 1 39  ? 0.084   -13.306 0.959   1.00 20.21 ? 42  GLY A N   1 
ATOM   134 C CA  . GLY A 1 39  ? 1.055   -14.381 1.131   1.00 19.99 ? 42  GLY A CA  1 
ATOM   135 C C   . GLY A 1 39  ? 2.293   -14.061 1.945   1.00 21.50 ? 42  GLY A C   1 
ATOM   136 O O   . GLY A 1 39  ? 3.107   -14.954 2.186   1.00 20.12 ? 42  GLY A O   1 
ATOM   137 N N   . ALA A 1 40  ? 2.461   -12.803 2.383   1.00 22.23 ? 43  ALA A N   1 
ATOM   138 C CA  . ALA A 1 40  ? 3.606   -12.454 3.246   1.00 22.77 ? 43  ALA A CA  1 
ATOM   139 C C   . ALA A 1 40  ? 3.500   -13.190 4.585   1.00 24.54 ? 43  ALA A C   1 
ATOM   140 O O   . ALA A 1 40  ? 2.400   -13.403 5.062   1.00 24.61 ? 43  ALA A O   1 
ATOM   141 C CB  . ALA A 1 40  ? 3.649   -10.951 3.461   1.00 22.40 ? 43  ALA A CB  1 
ATOM   142 N N   . GLN A 1 41  ? 4.621   -13.629 5.163   1.00 28.44 ? 44  GLN A N   1 
ATOM   143 C CA  . GLN A 1 41  ? 4.601   -14.309 6.478   1.00 32.94 ? 44  GLN A CA  1 
ATOM   144 C C   . GLN A 1 41  ? 5.341   -13.639 7.633   1.00 34.58 ? 44  GLN A C   1 
ATOM   145 O O   . GLN A 1 41  ? 5.222   -14.086 8.780   1.00 39.96 ? 44  GLN A O   1 
ATOM   146 C CB  . GLN A 1 41  ? 5.064   -15.756 6.340   1.00 36.73 ? 44  GLN A CB  1 
ATOM   147 C CG  . GLN A 1 41  ? 3.891   -16.729 6.367   1.00 36.13 ? 44  GLN A CG  1 
ATOM   148 C CD  . GLN A 1 41  ? 4.273   -18.100 5.890   1.00 37.09 ? 44  GLN A CD  1 
ATOM   149 O OE1 . GLN A 1 41  ? 4.794   -18.259 4.785   1.00 32.86 ? 44  GLN A OE1 1 
ATOM   150 N NE2 . GLN A 1 41  ? 4.028   -19.106 6.730   1.00 37.59 ? 44  GLN A NE2 1 
ATOM   151 N N   . LYS A 1 42  ? 6.033   -12.540 7.368   1.00 32.80 ? 45  LYS A N   1 
ATOM   152 C CA  . LYS A 1 42  ? 6.837   -11.890 8.402   1.00 32.35 ? 45  LYS A CA  1 
ATOM   153 C C   . LYS A 1 42  ? 5.982   -10.953 9.256   1.00 29.47 ? 45  LYS A C   1 
ATOM   154 O O   . LYS A 1 42  ? 4.857   -10.612 8.895   1.00 28.27 ? 45  LYS A O   1 
ATOM   155 C CB  . LYS A 1 42  ? 7.997   -11.112 7.769   1.00 33.29 ? 45  LYS A CB  1 
ATOM   156 C CG  . LYS A 1 42  ? 8.720   -11.887 6.697   1.00 34.44 ? 45  LYS A CG  1 
ATOM   157 C CD  . LYS A 1 42  ? 10.119  -11.387 6.437   1.00 36.07 ? 45  LYS A CD  1 
ATOM   158 C CE  . LYS A 1 42  ? 10.141  -10.127 5.593   1.00 36.02 ? 45  LYS A CE  1 
ATOM   159 N NZ  . LYS A 1 42  ? 11.437  -10.090 4.870   1.00 39.59 ? 45  LYS A NZ  1 
ATOM   160 N N   . ASP A 1 43  ? 6.521   -10.573 10.409  1.00 29.93 ? 46  ASP A N   1 
ATOM   161 C CA  . ASP A 1 43  ? 5.981   -9.469  11.222  1.00 30.03 ? 46  ASP A CA  1 
ATOM   162 C C   . ASP A 1 43  ? 6.787   -8.174  11.054  1.00 27.69 ? 46  ASP A C   1 
ATOM   163 O O   . ASP A 1 43  ? 6.289   -7.095  11.401  1.00 28.27 ? 46  ASP A O   1 
ATOM   164 C CB  . ASP A 1 43  ? 5.955   -9.855  12.702  1.00 32.76 ? 46  ASP A CB  1 
ATOM   165 C CG  . ASP A 1 43  ? 4.900   -10.896 13.025  1.00 35.88 ? 46  ASP A CG  1 
ATOM   166 O OD1 . ASP A 1 43  ? 4.002   -11.157 12.200  1.00 40.23 ? 46  ASP A OD1 1 
ATOM   167 O OD2 . ASP A 1 43  ? 4.977   -11.463 14.125  1.00 43.64 ? 46  ASP A OD2 1 
ATOM   168 N N   . THR A 1 44  ? 8.007   -8.293  10.536  1.00 25.62 ? 47  THR A N   1 
ATOM   169 C CA  . THR A 1 44  ? 8.935   -7.190  10.370  1.00 26.84 ? 47  THR A CA  1 
ATOM   170 C C   . THR A 1 44  ? 9.366   -7.115  8.906   1.00 26.06 ? 47  THR A C   1 
ATOM   171 O O   . THR A 1 44  ? 9.731   -8.134  8.310   1.00 26.45 ? 47  THR A O   1 
ATOM   172 C CB  . THR A 1 44  ? 10.170  -7.370  11.296  1.00 27.20 ? 47  THR A CB  1 
ATOM   173 O OG1 . THR A 1 44  ? 9.785   -7.082  12.646  1.00 28.97 ? 47  THR A OG1 1 
ATOM   174 C CG2 . THR A 1 44  ? 11.278  -6.438  10.920  1.00 28.99 ? 47  THR A CG2 1 
ATOM   175 N N   . TYR A 1 45  ? 9.352   -5.905  8.351   1.00 23.11 ? 48  TYR A N   1 
ATOM   176 C CA  . TYR A 1 45  ? 9.591   -5.698  6.922   1.00 23.56 ? 48  TYR A CA  1 
ATOM   177 C C   . TYR A 1 45  ? 10.480  -4.493  6.702   1.00 22.62 ? 48  TYR A C   1 
ATOM   178 O O   . TYR A 1 45  ? 10.589  -3.652  7.555   1.00 22.98 ? 48  TYR A O   1 
ATOM   179 C CB  . TYR A 1 45  ? 8.257   -5.431  6.211   1.00 23.41 ? 48  TYR A CB  1 
ATOM   180 C CG  . TYR A 1 45  ? 7.282   -6.578  6.278   1.00 23.51 ? 48  TYR A CG  1 
ATOM   181 C CD1 . TYR A 1 45  ? 6.421   -6.717  7.345   1.00 23.33 ? 48  TYR A CD1 1 
ATOM   182 C CD2 . TYR A 1 45  ? 7.246   -7.541  5.270   1.00 24.50 ? 48  TYR A CD2 1 
ATOM   183 C CE1 . TYR A 1 45  ? 5.535   -7.788  7.423   1.00 23.60 ? 48  TYR A CE1 1 
ATOM   184 C CE2 . TYR A 1 45  ? 6.364   -8.594  5.324   1.00 24.37 ? 48  TYR A CE2 1 
ATOM   185 C CZ  . TYR A 1 45  ? 5.502   -8.711  6.395   1.00 24.37 ? 48  TYR A CZ  1 
ATOM   186 O OH  . TYR A 1 45  ? 4.622   -9.774  6.440   1.00 25.12 ? 48  TYR A OH  1 
ATOM   187 N N   . THR A 1 46  ? 11.061  -4.389  5.524   1.00 22.81 ? 49  THR A N   1 
ATOM   188 C CA  . THR A 1 46  ? 11.581  -3.101  5.076   1.00 23.27 ? 49  THR A CA  1 
ATOM   189 C C   . THR A 1 46  ? 10.418  -2.320  4.466   1.00 23.49 ? 49  THR A C   1 
ATOM   190 O O   . THR A 1 46  ? 9.412   -2.911  4.042   1.00 22.12 ? 49  THR A O   1 
ATOM   191 C CB  . THR A 1 46  ? 12.660  -3.276  4.012   1.00 24.10 ? 49  THR A CB  1 
ATOM   192 O OG1 . THR A 1 46  ? 12.055  -3.798  2.836   1.00 23.23 ? 49  THR A OG1 1 
ATOM   193 C CG2 . THR A 1 46  ? 13.797  -4.208  4.498   1.00 24.80 ? 49  THR A CG2 1 
ATOM   194 N N   . MET A 1 47  ? 10.542  -1.001  4.411   1.00 22.93 ? 50  MET A N   1 
ATOM   195 C CA  . MET A 1 47  ? 9.538   -0.162  3.750   1.00 23.66 ? 50  MET A CA  1 
ATOM   196 C C   . MET A 1 47  ? 9.261   -0.613  2.289   1.00 22.36 ? 50  MET A C   1 
ATOM   197 O O   . MET A 1 47  ? 8.119   -0.650  1.856   1.00 19.98 ? 50  MET A O   1 
ATOM   198 C CB  . MET A 1 47  ? 9.994   1.304   3.740   1.00 25.58 ? 50  MET A CB  1 
ATOM   199 C CG  . MET A 1 47  ? 8.994   2.275   3.136   1.00 26.88 ? 50  MET A CG  1 
ATOM   200 S SD  . MET A 1 47  ? 7.377   2.311   3.953   1.00 30.14 ? 50  MET A SD  1 
ATOM   201 C CE  . MET A 1 47  ? 7.910   2.568   5.618   1.00 30.77 ? 50  MET A CE  1 
ATOM   202 N N   . LYS A 1 48  ? 10.320  -0.957  1.562   1.00 21.35 ? 51  LYS A N   1 
ATOM   203 C CA  . LYS A 1 48  ? 10.208  -1.397  0.172   1.00 22.33 ? 51  LYS A CA  1 
ATOM   204 C C   . LYS A 1 48  ? 9.339   -2.647  0.047   1.00 20.04 ? 51  LYS A C   1 
ATOM   205 O O   . LYS A 1 48  ? 8.527   -2.718  -0.869  1.00 18.37 ? 51  LYS A O   1 
ATOM   206 C CB  . LYS A 1 48  ? 11.596  -1.629  -0.457  1.00 24.92 ? 51  LYS A CB  1 
ATOM   207 C CG  . LYS A 1 48  ? 11.582  -1.539  -1.969  1.00 28.59 ? 51  LYS A CG  1 
ATOM   208 C CD  . LYS A 1 48  ? 12.968  -1.441  -2.622  1.00 30.17 ? 51  LYS A CD  1 
ATOM   209 C CE  . LYS A 1 48  ? 12.809  -1.519  -4.146  1.00 34.15 ? 51  LYS A CE  1 
ATOM   210 N NZ  . LYS A 1 48  ? 14.027  -1.092  -4.910  1.00 35.25 ? 51  LYS A NZ  1 
ATOM   211 N N   . GLU A 1 49  ? 9.525   -3.612  0.959   1.00 18.25 ? 52  GLU A N   1 
ATOM   212 C CA  . GLU A 1 49  ? 8.653   -4.804  1.067   1.00 17.97 ? 52  GLU A CA  1 
ATOM   213 C C   . GLU A 1 49  ? 7.195   -4.431  1.334   1.00 16.43 ? 52  GLU A C   1 
ATOM   214 O O   . GLU A 1 49  ? 6.305   -4.919  0.668   1.00 14.75 ? 52  GLU A O   1 
ATOM   215 C CB  . GLU A 1 49  ? 9.142   -5.770  2.153   1.00 20.17 ? 52  GLU A CB  1 
ATOM   216 C CG  . GLU A 1 49  ? 10.392  -6.542  1.743   1.00 22.31 ? 52  GLU A CG  1 
ATOM   217 C CD  . GLU A 1 49  ? 11.030  -7.342  2.861   1.00 25.55 ? 52  GLU A CD  1 
ATOM   218 O OE1 . GLU A 1 49  ? 10.895  -7.000  4.053   1.00 25.11 ? 52  GLU A OE1 1 
ATOM   219 O OE2 . GLU A 1 49  ? 11.702  -8.336  2.529   1.00 30.96 ? 52  GLU A OE2 1 
ATOM   220 N N   . VAL A 1 50  ? 6.959   -3.548  2.287   1.00 15.70 ? 53  VAL A N   1 
ATOM   221 C CA  . VAL A 1 50  ? 5.588   -3.111  2.582   1.00 15.68 ? 53  VAL A CA  1 
ATOM   222 C C   . VAL A 1 50  ? 4.930   -2.514  1.329   1.00 14.82 ? 53  VAL A C   1 
ATOM   223 O O   . VAL A 1 50  ? 3.814   -2.867  0.975   1.00 14.22 ? 53  VAL A O   1 
ATOM   224 C CB  . VAL A 1 50  ? 5.552   -2.071  3.723   1.00 15.58 ? 53  VAL A CB  1 
ATOM   225 C CG1 . VAL A 1 50  ? 4.165   -1.479  3.844   1.00 16.33 ? 53  VAL A CG1 1 
ATOM   226 C CG2 . VAL A 1 50  ? 5.981   -2.682  5.059   1.00 16.30 ? 53  VAL A CG2 1 
ATOM   227 N N   . LEU A 1 51  ? 5.640   -1.601  0.674   1.00 15.68 ? 54  LEU A N   1 
ATOM   228 C CA  . LEU A 1 51  ? 5.148   -1.013  -0.574  1.00 16.54 ? 54  LEU A CA  1 
ATOM   229 C C   . LEU A 1 51  ? 4.946   -2.092  -1.662  1.00 15.60 ? 54  LEU A C   1 
ATOM   230 O O   . LEU A 1 51  ? 3.954   -2.046  -2.360  1.00 14.04 ? 54  LEU A O   1 
ATOM   231 C CB  . LEU A 1 51  ? 6.055   0.102   -1.043  1.00 18.28 ? 54  LEU A CB  1 
ATOM   232 C CG  . LEU A 1 51  ? 5.941   1.358   -0.158  1.00 20.56 ? 54  LEU A CG  1 
ATOM   233 C CD1 . LEU A 1 51  ? 7.216   2.194   -0.176  1.00 22.58 ? 54  LEU A CD1 1 
ATOM   234 C CD2 . LEU A 1 51  ? 4.747   2.173   -0.584  1.00 21.77 ? 54  LEU A CD2 1 
ATOM   235 N N   . PHE A 1 52  ? 5.864   -3.057  -1.784  1.00 15.63 ? 55  PHE A N   1 
ATOM   236 C CA  . PHE A 1 52  ? 5.715   -4.135  -2.776  1.00 16.04 ? 55  PHE A CA  1 
ATOM   237 C C   . PHE A 1 52  ? 4.408   -4.915  -2.556  1.00 16.63 ? 55  PHE A C   1 
ATOM   238 O O   . PHE A 1 52  ? 3.616   -5.066  -3.486  1.00 17.32 ? 55  PHE A O   1 
ATOM   239 C CB  . PHE A 1 52  ? 6.934   -5.079  -2.757  1.00 17.91 ? 55  PHE A CB  1 
ATOM   240 C CG  . PHE A 1 52  ? 6.822   -6.225  -3.708  1.00 18.60 ? 55  PHE A CG  1 
ATOM   241 C CD1 . PHE A 1 52  ? 7.206   -6.080  -5.027  1.00 20.47 ? 55  PHE A CD1 1 
ATOM   242 C CD2 . PHE A 1 52  ? 6.305   -7.436  -3.299  1.00 20.45 ? 55  PHE A CD2 1 
ATOM   243 C CE1 . PHE A 1 52  ? 7.085   -7.133  -5.932  1.00 20.83 ? 55  PHE A CE1 1 
ATOM   244 C CE2 . PHE A 1 52  ? 6.167   -8.498  -4.195  1.00 21.10 ? 55  PHE A CE2 1 
ATOM   245 C CZ  . PHE A 1 52  ? 6.567   -8.346  -5.515  1.00 20.95 ? 55  PHE A CZ  1 
ATOM   246 N N   . TYR A 1 53  ? 4.182   -5.409  -1.333  1.00 16.51 ? 56  TYR A N   1 
ATOM   247 C CA  . TYR A 1 53  ? 2.992   -6.227  -1.021  1.00 16.56 ? 56  TYR A CA  1 
ATOM   248 C C   . TYR A 1 53  ? 1.689   -5.453  -1.144  1.00 16.75 ? 56  TYR A C   1 
ATOM   249 O O   . TYR A 1 53  ? 0.689   -5.971  -1.651  1.00 15.27 ? 56  TYR A O   1 
ATOM   250 C CB  . TYR A 1 53  ? 3.102   -6.836  0.394   1.00 17.87 ? 56  TYR A CB  1 
ATOM   251 C CG  . TYR A 1 53  ? 4.233   -7.847  0.508   1.00 18.82 ? 56  TYR A CG  1 
ATOM   252 C CD1 . TYR A 1 53  ? 4.302   -8.937  -0.370  1.00 19.76 ? 56  TYR A CD1 1 
ATOM   253 C CD2 . TYR A 1 53  ? 5.234   -7.710  1.453   1.00 17.89 ? 56  TYR A CD2 1 
ATOM   254 C CE1 . TYR A 1 53  ? 5.343   -9.847  -0.320  1.00 20.33 ? 56  TYR A CE1 1 
ATOM   255 C CE2 . TYR A 1 53  ? 6.272   -8.630  1.524   1.00 18.85 ? 56  TYR A CE2 1 
ATOM   256 C CZ  . TYR A 1 53  ? 6.315   -9.697  0.640   1.00 19.67 ? 56  TYR A CZ  1 
ATOM   257 O OH  . TYR A 1 53  ? 7.331   -10.612 0.688   1.00 21.69 ? 56  TYR A OH  1 
ATOM   258 N N   . LEU A 1 54  ? 1.720   -4.197  -0.714  1.00 16.80 ? 57  LEU A N   1 
ATOM   259 C CA  . LEU A 1 54  ? 0.572   -3.322  -0.856  1.00 18.42 ? 57  LEU A CA  1 
ATOM   260 C C   . LEU A 1 54  ? 0.248   -3.024  -2.318  1.00 17.17 ? 57  LEU A C   1 
ATOM   261 O O   . LEU A 1 54  ? -0.911  -2.991  -2.698  1.00 16.50 ? 57  LEU A O   1 
ATOM   262 C CB  . LEU A 1 54  ? 0.843   -2.041  -0.096  1.00 20.91 ? 57  LEU A CB  1 
ATOM   263 C CG  . LEU A 1 54  ? -0.295  -1.108  0.242   1.00 24.14 ? 57  LEU A CG  1 
ATOM   264 C CD1 . LEU A 1 54  ? -1.488  -1.803  0.891   1.00 25.29 ? 57  LEU A CD1 1 
ATOM   265 C CD2 . LEU A 1 54  ? 0.279   -0.048  1.169   1.00 25.37 ? 57  LEU A CD2 1 
ATOM   266 N N   . GLY A 1 55  ? 1.278   -2.817  -3.132  1.00 16.74 ? 58  GLY A N   1 
ATOM   267 C CA  . GLY A 1 55  ? 1.107   -2.726  -4.581  1.00 17.49 ? 58  GLY A CA  1 
ATOM   268 C C   . GLY A 1 55  ? 0.443   -3.972  -5.175  1.00 17.70 ? 58  GLY A C   1 
ATOM   269 O O   . GLY A 1 55  ? -0.479  -3.852  -5.973  1.00 16.45 ? 58  GLY A O   1 
ATOM   270 N N   . GLN A 1 56  ? 0.921   -5.163  -4.785  1.00 17.16 ? 59  GLN A N   1 
ATOM   271 C CA  . GLN A 1 56  ? 0.327   -6.431  -5.251  1.00 17.55 ? 59  GLN A CA  1 
ATOM   272 C C   . GLN A 1 56  ? -1.141  -6.562  -4.849  1.00 18.07 ? 59  GLN A C   1 
ATOM   273 O O   . GLN A 1 56  ? -1.942  -7.108  -5.590  1.00 17.63 ? 59  GLN A O   1 
ATOM   274 C CB  . GLN A 1 56  ? 1.083   -7.650  -4.699  1.00 17.54 ? 59  GLN A CB  1 
ATOM   275 C CG  . GLN A 1 56  ? 2.476   -7.879  -5.257  1.00 17.05 ? 59  GLN A CG  1 
ATOM   276 C CD  . GLN A 1 56  ? 3.018   -9.226  -4.814  1.00 17.46 ? 59  GLN A CD  1 
ATOM   277 O OE1 . GLN A 1 56  ? 3.325   -10.126 -5.646  1.00 17.07 ? 59  GLN A OE1 1 
ATOM   278 N NE2 . GLN A 1 56  ? 3.110   -9.396  -3.499  1.00 14.12 ? 59  GLN A NE2 1 
ATOM   279 N N   . TYR A 1 57  ? -1.463  -6.110  -3.646  1.00 17.80 ? 60  TYR A N   1 
ATOM   280 C CA  . TYR A 1 57  ? -2.823  -6.138  -3.143  1.00 18.65 ? 60  TYR A CA  1 
ATOM   281 C C   . TYR A 1 57  ? -3.761  -5.293  -4.017  1.00 18.35 ? 60  TYR A C   1 
ATOM   282 O O   . TYR A 1 57  ? -4.859  -5.742  -4.432  1.00 17.01 ? 60  TYR A O   1 
ATOM   283 C CB  . TYR A 1 57  ? -2.840  -5.628  -1.702  1.00 19.18 ? 60  TYR A CB  1 
ATOM   284 C CG  . TYR A 1 57  ? -4.200  -5.580  -1.074  1.00 20.27 ? 60  TYR A CG  1 
ATOM   285 C CD1 . TYR A 1 57  ? -4.999  -4.448  -1.196  1.00 20.57 ? 60  TYR A CD1 1 
ATOM   286 C CD2 . TYR A 1 57  ? -4.706  -6.672  -0.345  1.00 20.95 ? 60  TYR A CD2 1 
ATOM   287 C CE1 . TYR A 1 57  ? -6.259  -4.394  -0.641  1.00 20.94 ? 60  TYR A CE1 1 
ATOM   288 C CE2 . TYR A 1 57  ? -5.964  -6.616  0.234   1.00 20.99 ? 60  TYR A CE2 1 
ATOM   289 C CZ  . TYR A 1 57  ? -6.737  -5.478  0.081   1.00 20.75 ? 60  TYR A CZ  1 
ATOM   290 O OH  . TYR A 1 57  ? -7.979  -5.379  0.650   1.00 20.18 ? 60  TYR A OH  1 
ATOM   291 N N   . ILE A 1 58  ? -3.326  -4.065  -4.263  1.00 17.19 ? 61  ILE A N   1 
ATOM   292 C CA  . ILE A 1 58  ? -4.104  -3.120  -5.057  1.00 18.08 ? 61  ILE A CA  1 
ATOM   293 C C   . ILE A 1 58  ? -4.296  -3.700  -6.458  1.00 18.90 ? 61  ILE A C   1 
ATOM   294 O O   . ILE A 1 58  ? -5.414  -3.704  -6.970  1.00 19.57 ? 61  ILE A O   1 
ATOM   295 C CB  . ILE A 1 58  ? -3.454  -1.715  -5.082  1.00 17.99 ? 61  ILE A CB  1 
ATOM   296 C CG1 . ILE A 1 58  ? -3.456  -1.085  -3.671  1.00 17.59 ? 61  ILE A CG1 1 
ATOM   297 C CG2 . ILE A 1 58  ? -4.184  -0.771  -6.043  1.00 18.25 ? 61  ILE A CG2 1 
ATOM   298 C CD1 . ILE A 1 58  ? -2.498  0.088   -3.502  1.00 17.97 ? 61  ILE A CD1 1 
ATOM   299 N N   . MET A 1 59  ? -3.210  -4.194  -7.052  1.00 20.01 ? 62  MET A N   1 
ATOM   300 C CA  . MET A 1 59  ? -3.250  -4.744  -8.408  1.00 21.80 ? 62  MET A CA  1 
ATOM   301 C C   . MET A 1 59  ? -4.165  -5.969  -8.498  1.00 21.24 ? 62  MET A C   1 
ATOM   302 O O   . MET A 1 59  ? -5.027  -6.036  -9.369  1.00 20.50 ? 62  MET A O   1 
ATOM   303 C CB  . MET A 1 59  ? -1.845  -5.110  -8.877  1.00 21.43 ? 62  MET A CB  1 
ATOM   304 C CG  . MET A 1 59  ? -1.801  -5.707  -10.284 1.00 22.65 ? 62  MET A CG  1 
ATOM   305 S SD  . MET A 1 59  ? -0.127  -5.949  -10.821 1.00 23.78 ? 62  MET A SD  1 
ATOM   306 C CE  . MET A 1 59  ? 0.357   -7.310  -9.759  1.00 25.06 ? 62  MET A CE  1 
ATOM   307 N N   . THR A 1 60  ? -3.990  -6.926  -7.592  1.00 22.37 ? 63  THR A N   1 
ATOM   308 C CA  . THR A 1 60  ? -4.741  -8.188  -7.673  1.00 24.15 ? 63  THR A CA  1 
ATOM   309 C C   . THR A 1 60  ? -6.230  -8.026  -7.368  1.00 24.29 ? 63  THR A C   1 
ATOM   310 O O   . THR A 1 60  ? -7.061  -8.676  -7.993  1.00 24.86 ? 63  THR A O   1 
ATOM   311 C CB  . THR A 1 60  ? -4.136  -9.293  -6.786  1.00 25.45 ? 63  THR A CB  1 
ATOM   312 O OG1 . THR A 1 60  ? -4.064  -8.847  -5.439  1.00 29.19 ? 63  THR A OG1 1 
ATOM   313 C CG2 . THR A 1 60  ? -2.745  -9.659  -7.283  1.00 26.14 ? 63  THR A CG2 1 
ATOM   314 N N   . LYS A 1 61  ? -6.574  -7.143  -6.438  1.00 23.88 ? 64  LYS A N   1 
ATOM   315 C CA  . LYS A 1 61  ? -7.982  -6.823  -6.183  1.00 24.86 ? 64  LYS A CA  1 
ATOM   316 C C   . LYS A 1 61  ? -8.610  -5.821  -7.160  1.00 23.35 ? 64  LYS A C   1 
ATOM   317 O O   . LYS A 1 61  ? -9.776  -5.493  -7.006  1.00 23.21 ? 64  LYS A O   1 
ATOM   318 C CB  . LYS A 1 61  ? -8.156  -6.363  -4.754  1.00 25.29 ? 64  LYS A CB  1 
ATOM   319 C CG  . LYS A 1 61  ? -7.809  -7.484  -3.785  1.00 28.27 ? 64  LYS A CG  1 
ATOM   320 C CD  . LYS A 1 61  ? -8.341  -7.224  -2.398  1.00 29.27 ? 64  LYS A CD  1 
ATOM   321 C CE  . LYS A 1 61  ? -9.858  -7.285  -2.303  1.00 31.23 ? 64  LYS A CE  1 
ATOM   322 N NZ  . LYS A 1 61  ? -10.274 -6.894  -0.923  1.00 31.19 ? 64  LYS A NZ  1 
ATOM   323 N N   . ARG A 1 62  ? -7.835  -5.326  -8.127  1.00 23.71 ? 65  ARG A N   1 
ATOM   324 C CA  . ARG A 1 62  ? -8.331  -4.455  -9.191  1.00 25.15 ? 65  ARG A CA  1 
ATOM   325 C C   . ARG A 1 62  ? -8.980  -3.198  -8.639  1.00 22.94 ? 65  ARG A C   1 
ATOM   326 O O   . ARG A 1 62  ? -10.064 -2.827  -9.084  1.00 22.68 ? 65  ARG A O   1 
ATOM   327 C CB  . ARG A 1 62  ? -9.322  -5.212  -10.109 1.00 29.78 ? 65  ARG A CB  1 
ATOM   328 C CG  . ARG A 1 62  ? -8.790  -6.507  -10.719 1.00 32.71 ? 65  ARG A CG  1 
ATOM   329 C CD  . ARG A 1 62  ? -7.669  -6.247  -11.704 1.00 39.11 ? 65  ARG A CD  1 
ATOM   330 N NE  . ARG A 1 62  ? -8.068  -5.197  -12.650 1.00 44.95 ? 65  ARG A NE  1 
ATOM   331 C CZ  . ARG A 1 62  ? -8.356  -5.350  -13.947 1.00 49.57 ? 65  ARG A CZ  1 
ATOM   332 N NH1 . ARG A 1 62  ? -8.719  -4.272  -14.647 1.00 50.03 ? 65  ARG A NH1 1 
ATOM   333 N NH2 . ARG A 1 62  ? -8.260  -6.531  -14.570 1.00 49.54 ? 65  ARG A NH2 1 
ATOM   334 N N   . LEU A 1 63  ? -8.319  -2.531  -7.683  1.00 20.60 ? 66  LEU A N   1 
ATOM   335 C CA  . LEU A 1 63  ? -8.870  -1.320  -7.076  1.00 21.38 ? 66  LEU A CA  1 
ATOM   336 C C   . LEU A 1 63  ? -8.583  -0.030  -7.888  1.00 21.82 ? 66  LEU A C   1 
ATOM   337 O O   . LEU A 1 63  ? -9.083  1.045   -7.566  1.00 19.61 ? 66  LEU A O   1 
ATOM   338 C CB  . LEU A 1 63  ? -8.357  -1.182  -5.652  1.00 22.03 ? 66  LEU A CB  1 
ATOM   339 C CG  . LEU A 1 63  ? -8.644  -2.325  -4.660  1.00 22.99 ? 66  LEU A CG  1 
ATOM   340 C CD1 . LEU A 1 63  ? -8.093  -1.967  -3.283  1.00 22.65 ? 66  LEU A CD1 1 
ATOM   341 C CD2 . LEU A 1 63  ? -10.132 -2.603  -4.551  1.00 23.88 ? 66  LEU A CD2 1 
ATOM   342 N N   . TYR A 1 64  ? -7.764  -0.156  -8.926  1.00 20.64 ? 67  TYR A N   1 
ATOM   343 C CA  . TYR A 1 64  ? -7.321  0.989   -9.690  1.00 21.17 ? 67  TYR A CA  1 
ATOM   344 C C   . TYR A 1 64  ? -8.335  1.307   -10.811 1.00 20.86 ? 67  TYR A C   1 
ATOM   345 O O   . TYR A 1 64  ? -9.081  0.449   -11.265 1.00 18.26 ? 67  TYR A O   1 
ATOM   346 C CB  . TYR A 1 64  ? -5.902  0.760   -10.249 1.00 21.28 ? 67  TYR A CB  1 
ATOM   347 C CG  . TYR A 1 64  ? -5.752  -0.494  -11.070 1.00 22.55 ? 67  TYR A CG  1 
ATOM   348 C CD1 . TYR A 1 64  ? -6.009  -0.475  -12.451 1.00 22.65 ? 67  TYR A CD1 1 
ATOM   349 C CD2 . TYR A 1 64  ? -5.366  -1.709  -10.485 1.00 22.25 ? 67  TYR A CD2 1 
ATOM   350 C CE1 . TYR A 1 64  ? -5.886  -1.604  -13.218 1.00 22.46 ? 67  TYR A CE1 1 
ATOM   351 C CE2 . TYR A 1 64  ? -5.244  -2.853  -11.255 1.00 24.61 ? 67  TYR A CE2 1 
ATOM   352 C CZ  . TYR A 1 64  ? -5.505  -2.785  -12.627 1.00 24.73 ? 67  TYR A CZ  1 
ATOM   353 O OH  . TYR A 1 64  ? -5.409  -3.901  -13.410 1.00 26.05 ? 67  TYR A OH  1 
ATOM   354 N N   . ASP A 1 65  ? -8.345  2.555   -11.240 1.00 21.67 ? 68  ASP A N   1 
ATOM   355 C CA  . ASP A 1 65  ? -9.181  2.988   -12.352 1.00 23.80 ? 68  ASP A CA  1 
ATOM   356 C C   . ASP A 1 65  ? -8.647  2.376   -13.654 1.00 24.89 ? 68  ASP A C   1 
ATOM   357 O O   . ASP A 1 65  ? -7.454  2.427   -13.939 1.00 22.06 ? 68  ASP A O   1 
ATOM   358 C CB  . ASP A 1 65  ? -9.215  4.531   -12.427 1.00 23.48 ? 68  ASP A CB  1 
ATOM   359 C CG  . ASP A 1 65  ? -10.241 5.051   -13.429 1.00 24.45 ? 68  ASP A CG  1 
ATOM   360 O OD1 . ASP A 1 65  ? -11.419 5.181   -13.065 1.00 22.80 ? 68  ASP A OD1 1 
ATOM   361 O OD2 . ASP A 1 65  ? -9.864  5.318   -14.591 1.00 26.13 ? 68  ASP A OD2 1 
ATOM   362 N N   . GLU A 1 66  ? -9.541  1.754   -14.417 1.00 27.61 ? 69  GLU A N   1 
ATOM   363 C CA  . GLU A 1 66  ? -9.218  1.246   -15.765 1.00 32.04 ? 69  GLU A CA  1 
ATOM   364 C C   . GLU A 1 66  ? -8.547  2.241   -16.745 1.00 29.24 ? 69  GLU A C   1 
ATOM   365 O O   . GLU A 1 66  ? -7.633  1.857   -17.479 1.00 26.90 ? 69  GLU A O   1 
ATOM   366 C CB  . GLU A 1 66  ? -10.486 0.670   -16.405 1.00 36.85 ? 69  GLU A CB  1 
ATOM   367 C CG  . GLU A 1 66  ? -10.834 -0.708  -15.879 1.00 42.01 ? 69  GLU A CG  1 
ATOM   368 C CD  . GLU A 1 66  ? -10.002 -1.791  -16.545 1.00 48.56 ? 69  GLU A CD  1 
ATOM   369 O OE1 . GLU A 1 66  ? -10.359 -2.199  -17.675 1.00 53.76 ? 69  GLU A OE1 1 
ATOM   370 O OE2 . GLU A 1 66  ? -8.989  -2.222  -15.949 1.00 49.15 ? 69  GLU A OE2 1 
ATOM   371 N N   . LYS A 1 67  ? -8.989  3.490   -16.742 1.00 30.54 ? 70  LYS A N   1 
ATOM   372 C CA  . LYS A 1 67  ? -8.539  4.503   -17.709 1.00 33.29 ? 70  LYS A CA  1 
ATOM   373 C C   . LYS A 1 67  ? -7.329  5.329   -17.239 1.00 31.73 ? 70  LYS A C   1 
ATOM   374 O O   . LYS A 1 67  ? -6.432  5.640   -18.029 1.00 29.40 ? 70  LYS A O   1 
ATOM   375 C CB  . LYS A 1 67  ? -9.698  5.455   -18.043 1.00 39.77 ? 70  LYS A CB  1 
ATOM   376 C CG  . LYS A 1 67  ? -10.882 4.764   -18.714 1.00 44.90 ? 70  LYS A CG  1 
ATOM   377 C CD  . LYS A 1 67  ? -12.017 5.739   -18.992 1.00 53.29 ? 70  LYS A CD  1 
ATOM   378 C CE  . LYS A 1 67  ? -13.184 5.034   -19.678 1.00 58.84 ? 70  LYS A CE  1 
ATOM   379 N NZ  . LYS A 1 67  ? -14.270 5.944   -20.134 1.00 61.75 ? 70  LYS A NZ  1 
ATOM   380 N N   . GLN A 1 68  ? -7.327  5.717   -15.971 1.00 27.61 ? 71  GLN A N   1 
ATOM   381 C CA  . GLN A 1 68  ? -6.238  6.471   -15.389 1.00 27.01 ? 71  GLN A CA  1 
ATOM   382 C C   . GLN A 1 68  ? -5.753  5.599   -14.234 1.00 25.23 ? 71  GLN A C   1 
ATOM   383 O O   . GLN A 1 68  ? -6.251  5.719   -13.109 1.00 21.23 ? 71  GLN A O   1 
ATOM   384 C CB  . GLN A 1 68  ? -6.715  7.835   -14.881 1.00 29.73 ? 71  GLN A CB  1 
ATOM   385 C CG  . GLN A 1 68  ? -7.435  8.705   -15.908 1.00 33.13 ? 71  GLN A CG  1 
ATOM   386 C CD  . GLN A 1 68  ? -7.880  10.018  -15.304 1.00 36.50 ? 71  GLN A CD  1 
ATOM   387 O OE1 . GLN A 1 68  ? -9.017  10.151  -14.835 1.00 34.40 ? 71  GLN A OE1 1 
ATOM   388 N NE2 . GLN A 1 68  ? -6.969  10.994  -15.276 1.00 39.90 ? 71  GLN A NE2 1 
ATOM   389 N N   . GLN A 1 69  ? -4.805  4.707   -14.533 1.00 23.43 ? 72  GLN A N   1 
ATOM   390 C CA  . GLN A 1 69  ? -4.451  3.605   -13.618 1.00 21.62 ? 72  GLN A CA  1 
ATOM   391 C C   . GLN A 1 69  ? -3.607  3.980   -12.398 1.00 20.98 ? 72  GLN A C   1 
ATOM   392 O O   . GLN A 1 69  ? -3.279  3.090   -11.584 1.00 21.21 ? 72  GLN A O   1 
ATOM   393 C CB  . GLN A 1 69  ? -3.842  2.421   -14.385 1.00 22.14 ? 72  GLN A CB  1 
ATOM   394 C CG  . GLN A 1 69  ? -4.669  1.961   -15.590 1.00 22.16 ? 72  GLN A CG  1 
ATOM   395 C CD  . GLN A 1 69  ? -4.475  0.504   -15.965 1.00 23.08 ? 72  GLN A CD  1 
ATOM   396 O OE1 . GLN A 1 69  ? -3.545  -0.162  -15.508 1.00 20.66 ? 72  GLN A OE1 1 
ATOM   397 N NE2 . GLN A 1 69  ? -5.369  -0.001  -16.810 1.00 24.52 ? 72  GLN A NE2 1 
ATOM   398 N N   . HIS A 1 70  ? -3.258  5.262   -12.258 1.00 19.28 ? 73  HIS A N   1 
ATOM   399 C CA  . HIS A 1 70  ? -2.745  5.840   -11.005 1.00 19.90 ? 73  HIS A CA  1 
ATOM   400 C C   . HIS A 1 70  ? -3.835  6.131   -9.951  1.00 19.47 ? 73  HIS A C   1 
ATOM   401 O O   . HIS A 1 70  ? -3.488  6.366   -8.791  1.00 20.04 ? 73  HIS A O   1 
ATOM   402 C CB  . HIS A 1 70  ? -1.921  7.127   -11.244 1.00 20.44 ? 73  HIS A CB  1 
ATOM   403 C CG  . HIS A 1 70  ? -2.686  8.228   -11.920 1.00 22.18 ? 73  HIS A CG  1 
ATOM   404 N ND1 . HIS A 1 70  ? -3.335  9.216   -11.213 1.00 22.92 ? 73  HIS A ND1 1 
ATOM   405 C CD2 . HIS A 1 70  ? -2.895  8.502   -13.233 1.00 23.69 ? 73  HIS A CD2 1 
ATOM   406 C CE1 . HIS A 1 70  ? -3.909  10.058  -12.059 1.00 24.35 ? 73  HIS A CE1 1 
ATOM   407 N NE2 . HIS A 1 70  ? -3.673  9.640   -13.291 1.00 25.17 ? 73  HIS A NE2 1 
ATOM   408 N N   . ILE A 1 71  ? -5.118  6.119   -10.346 1.00 18.55 ? 74  ILE A N   1 
ATOM   409 C CA  . ILE A 1 71  ? -6.253  6.332   -9.399  1.00 19.59 ? 74  ILE A CA  1 
ATOM   410 C C   . ILE A 1 71  ? -6.649  5.018   -8.732  1.00 19.35 ? 74  ILE A C   1 
ATOM   411 O O   . ILE A 1 71  ? -6.869  4.021   -9.425  1.00 18.36 ? 74  ILE A O   1 
ATOM   412 C CB  . ILE A 1 71  ? -7.491  6.926   -10.116 1.00 21.27 ? 74  ILE A CB  1 
ATOM   413 C CG1 . ILE A 1 71  ? -7.105  8.181   -10.892 1.00 21.99 ? 74  ILE A CG1 1 
ATOM   414 C CG2 . ILE A 1 71  ? -8.648  7.222   -9.136  1.00 21.30 ? 74  ILE A CG2 1 
ATOM   415 C CD1 . ILE A 1 71  ? -6.439  9.222   -10.033 1.00 24.66 ? 74  ILE A CD1 1 
ATOM   416 N N   . VAL A 1 72  ? -6.752  5.039   -7.398  1.00 17.59 ? 75  VAL A N   1 
ATOM   417 C CA  . VAL A 1 72  ? -7.092  3.859   -6.614  1.00 18.10 ? 75  VAL A CA  1 
ATOM   418 C C   . VAL A 1 72  ? -8.364  4.169   -5.845  1.00 17.65 ? 75  VAL A C   1 
ATOM   419 O O   . VAL A 1 72  ? -8.491  5.251   -5.274  1.00 17.03 ? 75  VAL A O   1 
ATOM   420 C CB  . VAL A 1 72  ? -5.966  3.469   -5.624  1.00 17.96 ? 75  VAL A CB  1 
ATOM   421 C CG1 . VAL A 1 72  ? -6.360  2.231   -4.806  1.00 18.09 ? 75  VAL A CG1 1 
ATOM   422 C CG2 . VAL A 1 72  ? -4.664  3.235   -6.368  1.00 18.78 ? 75  VAL A CG2 1 
ATOM   423 N N   . TYR A 1 73  ? -9.300  3.219   -5.871  1.00 18.43 ? 76  TYR A N   1 
ATOM   424 C CA  . TYR A 1 73  ? -10.584 3.318   -5.195  1.00 20.57 ? 76  TYR A CA  1 
ATOM   425 C C   . TYR A 1 73  ? -10.554 2.325   -4.035  1.00 21.24 ? 76  TYR A C   1 
ATOM   426 O O   . TYR A 1 73  ? -10.417 1.126   -4.227  1.00 21.64 ? 76  TYR A O   1 
ATOM   427 C CB  . TYR A 1 73  ? -11.759 2.985   -6.149  1.00 19.68 ? 76  TYR A CB  1 
ATOM   428 C CG  . TYR A 1 73  ? -11.832 3.880   -7.365  1.00 19.34 ? 76  TYR A CG  1 
ATOM   429 C CD1 . TYR A 1 73  ? -12.218 5.199   -7.254  1.00 18.80 ? 76  TYR A CD1 1 
ATOM   430 C CD2 . TYR A 1 73  ? -11.508 3.398   -8.624  1.00 19.74 ? 76  TYR A CD2 1 
ATOM   431 C CE1 . TYR A 1 73  ? -12.256 6.020   -8.366  1.00 19.09 ? 76  TYR A CE1 1 
ATOM   432 C CE2 . TYR A 1 73  ? -11.546 4.204   -9.743  1.00 19.83 ? 76  TYR A CE2 1 
ATOM   433 C CZ  . TYR A 1 73  ? -11.949 5.521   -9.611  1.00 19.89 ? 76  TYR A CZ  1 
ATOM   434 O OH  . TYR A 1 73  ? -11.962 6.330   -10.725 1.00 19.03 ? 76  TYR A OH  1 
ATOM   435 N N   . CYS A 1 74  ? -10.682 2.817   -2.825  1.00 24.34 ? 77  CYS A N   1 
ATOM   436 C CA  . CYS A 1 74  ? -10.613 1.921   -1.681  1.00 27.44 ? 77  CYS A CA  1 
ATOM   437 C C   . CYS A 1 74  ? -11.784 2.056   -0.717  1.00 28.58 ? 77  CYS A C   1 
ATOM   438 O O   . CYS A 1 74  ? -11.723 1.485   0.370   1.00 27.78 ? 77  CYS A O   1 
ATOM   439 C CB  . CYS A 1 74  ? -9.245  2.060   -0.977  1.00 28.97 ? 77  CYS A CB  1 
ATOM   440 S SG  . CYS A 1 74  ? -8.599  3.732   -0.786  1.00 27.38 ? 77  CYS A SG  1 
ATOM   441 N N   . SER A 1 75  ? -12.866 2.730   -1.136  1.00 30.32 ? 78  SER A N   1 
ATOM   442 C CA  . SER A 1 75  ? -13.990 3.024   -0.231  1.00 31.93 ? 78  SER A CA  1 
ATOM   443 C C   . SER A 1 75  ? -14.766 1.788   0.221   1.00 34.17 ? 78  SER A C   1 
ATOM   444 O O   . SER A 1 75  ? -15.351 1.820   1.296   1.00 36.43 ? 78  SER A O   1 
ATOM   445 C CB  . SER A 1 75  ? -14.959 4.078   -0.805  1.00 31.49 ? 78  SER A CB  1 
ATOM   446 O OG  . SER A 1 75  ? -15.574 3.638   -1.987  1.00 32.28 ? 78  SER A OG  1 
ATOM   447 N N   . ASN A 1 76  ? -14.788 0.700   -0.545  1.00 34.45 ? 79  ASN A N   1 
ATOM   448 C CA  . ASN A 1 76  ? -15.418 -0.523  -0.005  1.00 39.03 ? 79  ASN A CA  1 
ATOM   449 C C   . ASN A 1 76  ? -14.415 -1.680  0.125   1.00 37.47 ? 79  ASN A C   1 
ATOM   450 O O   . ASN A 1 76  ? -14.691 -2.835  -0.230  1.00 35.85 ? 79  ASN A O   1 
ATOM   451 C CB  . ASN A 1 76  ? -16.714 -0.885  -0.770  1.00 43.22 ? 79  ASN A CB  1 
ATOM   452 C CG  . ASN A 1 76  ? -17.977 -0.359  -0.079  1.00 47.82 ? 79  ASN A CG  1 
ATOM   453 O OD1 . ASN A 1 76  ? -17.922 0.301   0.973   1.00 50.49 ? 79  ASN A OD1 1 
ATOM   454 N ND2 . ASN A 1 76  ? -19.129 -0.656  -0.671  1.00 52.38 ? 79  ASN A ND2 1 
ATOM   455 N N   . ASP A 1 77  ? -13.275 -1.340  0.720   1.00 32.62 ? 80  ASP A N   1 
ATOM   456 C CA  . ASP A 1 77  ? -12.194 -2.272  0.913   1.00 29.15 ? 80  ASP A CA  1 
ATOM   457 C C   . ASP A 1 77  ? -11.513 -2.020  2.249   1.00 28.45 ? 80  ASP A C   1 
ATOM   458 O O   . ASP A 1 77  ? -11.553 -0.911  2.784   1.00 27.82 ? 80  ASP A O   1 
ATOM   459 C CB  . ASP A 1 77  ? -11.202 -2.133  -0.253  1.00 27.32 ? 80  ASP A CB  1 
ATOM   460 C CG  . ASP A 1 77  ? -10.240 -3.289  -0.336  1.00 26.50 ? 80  ASP A CG  1 
ATOM   461 O OD1 . ASP A 1 77  ? -9.190  -3.245  0.328   1.00 24.85 ? 80  ASP A OD1 1 
ATOM   462 O OD2 . ASP A 1 77  ? -10.532 -4.247  -1.056  1.00 25.13 ? 80  ASP A OD2 1 
ATOM   463 N N   . LEU A 1 78  ? -10.918 -3.082  2.790   1.00 28.83 ? 81  LEU A N   1 
ATOM   464 C CA  . LEU A 1 78  ? -9.994  -3.005  3.923   1.00 29.47 ? 81  LEU A CA  1 
ATOM   465 C C   . LEU A 1 78  ? -8.958  -1.854  3.770   1.00 28.06 ? 81  LEU A C   1 
ATOM   466 O O   . LEU A 1 78  ? -8.671  -1.112  4.732   1.00 25.06 ? 81  LEU A O   1 
ATOM   467 C CB  . LEU A 1 78  ? -9.299  -4.378  4.075   1.00 31.78 ? 81  LEU A CB  1 
ATOM   468 C CG  . LEU A 1 78  ? -7.953  -4.616  4.771   1.00 33.92 ? 81  LEU A CG  1 
ATOM   469 C CD1 . LEU A 1 78  ? -8.057  -4.362  6.249   1.00 36.07 ? 81  LEU A CD1 1 
ATOM   470 C CD2 . LEU A 1 78  ? -7.454  -6.043  4.520   1.00 36.39 ? 81  LEU A CD2 1 
ATOM   471 N N   . LEU A 1 79  ? -8.417  -1.688  2.558   1.00 24.97 ? 82  LEU A N   1 
ATOM   472 C CA  . LEU A 1 79  ? -7.465  -0.592  2.316   1.00 24.22 ? 82  LEU A CA  1 
ATOM   473 C C   . LEU A 1 79  ? -8.013  0.789   2.730   1.00 23.41 ? 82  LEU A C   1 
ATOM   474 O O   . LEU A 1 79  ? -7.288  1.601   3.291   1.00 22.77 ? 82  LEU A O   1 
ATOM   475 C CB  . LEU A 1 79  ? -6.992  -0.587  0.856   1.00 23.27 ? 82  LEU A CB  1 
ATOM   476 C CG  . LEU A 1 79  ? -5.914  0.452   0.506   1.00 23.28 ? 82  LEU A CG  1 
ATOM   477 C CD1 . LEU A 1 79  ? -4.698  0.306   1.408   1.00 23.73 ? 82  LEU A CD1 1 
ATOM   478 C CD2 . LEU A 1 79  ? -5.516  0.369   -0.947  1.00 22.49 ? 82  LEU A CD2 1 
ATOM   479 N N   . GLY A 1 80  ? -9.294  1.037   2.463   1.00 24.99 ? 83  GLY A N   1 
ATOM   480 C CA  . GLY A 1 80  ? -9.957  2.282   2.849   1.00 25.65 ? 83  GLY A CA  1 
ATOM   481 C C   . GLY A 1 80  ? -10.073 2.529   4.338   1.00 25.73 ? 83  GLY A C   1 
ATOM   482 O O   . GLY A 1 80  ? -9.998  3.658   4.778   1.00 24.67 ? 83  GLY A O   1 
ATOM   483 N N   . ASP A 1 81  ? -10.271 1.461   5.106   1.00 29.17 ? 84  ASP A N   1 
ATOM   484 C CA  . ASP A 1 81  ? -10.341 1.543   6.575   1.00 32.21 ? 84  ASP A CA  1 
ATOM   485 C C   . ASP A 1 81  ? -8.948  1.871   7.100   1.00 32.16 ? 84  ASP A C   1 
ATOM   486 O O   . ASP A 1 81  ? -8.755  2.725   7.976   1.00 31.36 ? 84  ASP A O   1 
ATOM   487 C CB  . ASP A 1 81  ? -10.824 0.202   7.160   1.00 35.51 ? 84  ASP A CB  1 
ATOM   488 C CG  . ASP A 1 81  ? -12.160 -0.261  6.569   1.00 38.74 ? 84  ASP A CG  1 
ATOM   489 O OD1 . ASP A 1 81  ? -12.968 0.589   6.140   1.00 44.78 ? 84  ASP A OD1 1 
ATOM   490 O OD2 . ASP A 1 81  ? -12.411 -1.484  6.525   1.00 44.19 ? 84  ASP A OD2 1 
ATOM   491 N N   . LEU A 1 82  ? -7.975  1.211   6.496   1.00 31.29 ? 85  LEU A N   1 
ATOM   492 C CA  . LEU A 1 82  ? -6.575  1.357   6.841   1.00 32.61 ? 85  LEU A CA  1 
ATOM   493 C C   . LEU A 1 82  ? -6.047  2.763   6.535   1.00 29.60 ? 85  LEU A C   1 
ATOM   494 O O   . LEU A 1 82  ? -5.417  3.397   7.378   1.00 28.49 ? 85  LEU A O   1 
ATOM   495 C CB  . LEU A 1 82  ? -5.800  0.297   6.043   1.00 35.65 ? 85  LEU A CB  1 
ATOM   496 C CG  . LEU A 1 82  ? -4.363  -0.048  6.335   1.00 38.73 ? 85  LEU A CG  1 
ATOM   497 C CD1 . LEU A 1 82  ? -4.271  -0.581  7.757   1.00 38.57 ? 85  LEU A CD1 1 
ATOM   498 C CD2 . LEU A 1 82  ? -3.921  -1.106  5.336   1.00 39.33 ? 85  LEU A CD2 1 
ATOM   499 N N   . PHE A 1 83  ? -6.325  3.245   5.324   1.00 27.92 ? 86  PHE A N   1 
ATOM   500 C CA  . PHE A 1 83  ? -5.848  4.563   4.866   1.00 26.98 ? 86  PHE A CA  1 
ATOM   501 C C   . PHE A 1 83  ? -6.704  5.732   5.340   1.00 26.67 ? 86  PHE A C   1 
ATOM   502 O O   . PHE A 1 83  ? -6.217  6.862   5.419   1.00 28.70 ? 86  PHE A O   1 
ATOM   503 C CB  . PHE A 1 83  ? -5.739  4.579   3.327   1.00 26.93 ? 86  PHE A CB  1 
ATOM   504 C CG  . PHE A 1 83  ? -4.446  3.998   2.777   1.00 26.55 ? 86  PHE A CG  1 
ATOM   505 C CD1 . PHE A 1 83  ? -3.515  3.333   3.592   1.00 26.24 ? 86  PHE A CD1 1 
ATOM   506 C CD2 . PHE A 1 83  ? -4.150  4.139   1.430   1.00 26.46 ? 86  PHE A CD2 1 
ATOM   507 C CE1 . PHE A 1 83  ? -2.332  2.837   3.065   1.00 27.06 ? 86  PHE A CE1 1 
ATOM   508 C CE2 . PHE A 1 83  ? -2.963  3.638   0.895   1.00 26.70 ? 86  PHE A CE2 1 
ATOM   509 C CZ  . PHE A 1 83  ? -2.066  2.976   1.705   1.00 27.42 ? 86  PHE A CZ  1 
ATOM   510 N N   . GLY A 1 84  ? -7.964  5.474   5.658   1.00 26.70 ? 87  GLY A N   1 
ATOM   511 C CA  . GLY A 1 84  ? -8.865  6.528   6.101   1.00 27.71 ? 87  GLY A CA  1 
ATOM   512 C C   . GLY A 1 84  ? -9.304  7.457   4.991   1.00 26.96 ? 87  GLY A C   1 
ATOM   513 O O   . GLY A 1 84  ? -9.667  8.583   5.268   1.00 29.06 ? 87  GLY A O   1 
ATOM   514 N N   . VAL A 1 85  ? -9.279  6.978   3.743   1.00 25.59 ? 88  VAL A N   1 
ATOM   515 C CA  . VAL A 1 85  ? -9.713  7.754   2.572   1.00 25.11 ? 88  VAL A CA  1 
ATOM   516 C C   . VAL A 1 85  ? -10.474 6.836   1.619   1.00 23.22 ? 88  VAL A C   1 
ATOM   517 O O   . VAL A 1 85  ? -10.271 5.605   1.612   1.00 23.39 ? 88  VAL A O   1 
ATOM   518 C CB  . VAL A 1 85  ? -8.546  8.436   1.769   1.00 25.77 ? 88  VAL A CB  1 
ATOM   519 C CG1 . VAL A 1 85  ? -7.767  9.431   2.622   1.00 28.27 ? 88  VAL A CG1 1 
ATOM   520 C CG2 . VAL A 1 85  ? -7.588  7.408   1.152   1.00 27.04 ? 88  VAL A CG2 1 
ATOM   521 N N   . PRO A 1 86  ? -11.350 7.420   0.800   1.00 21.38 ? 89  PRO A N   1 
ATOM   522 C CA  . PRO A 1 86  ? -12.083 6.613   -0.182  1.00 21.41 ? 89  PRO A CA  1 
ATOM   523 C C   . PRO A 1 86  ? -11.360 6.443   -1.524  1.00 19.75 ? 89  PRO A C   1 
ATOM   524 O O   . PRO A 1 86  ? -11.724 5.567   -2.296  1.00 19.36 ? 89  PRO A O   1 
ATOM   525 C CB  . PRO A 1 86  ? -13.385 7.396   -0.371  1.00 21.42 ? 89  PRO A CB  1 
ATOM   526 C CG  . PRO A 1 86  ? -13.011 8.808   -0.117  1.00 22.04 ? 89  PRO A CG  1 
ATOM   527 C CD  . PRO A 1 86  ? -11.875 8.797   0.884   1.00 22.17 ? 89  PRO A CD  1 
ATOM   528 N N   . SER A 1 87  ? -10.387 7.301   -1.806  1.00 20.05 ? 90  SER A N   1 
ATOM   529 C CA  . SER A 1 87  ? -9.607  7.210   -3.020  1.00 20.18 ? 90  SER A CA  1 
ATOM   530 C C   . SER A 1 87  ? -8.312  8.000   -2.872  1.00 19.66 ? 90  SER A C   1 
ATOM   531 O O   . SER A 1 87  ? -8.160  8.802   -1.962  1.00 19.21 ? 90  SER A O   1 
ATOM   532 C CB  . SER A 1 87  ? -10.394 7.770   -4.207  1.00 21.83 ? 90  SER A CB  1 
ATOM   533 O OG  . SER A 1 87  ? -10.445 9.194   -4.149  1.00 23.24 ? 90  SER A OG  1 
ATOM   534 N N   . PHE A 1 88  ? -7.380  7.749   -3.782  1.00 19.45 ? 91  PHE A N   1 
ATOM   535 C CA  . PHE A 1 88  ? -6.134  8.508   -3.881  1.00 18.78 ? 91  PHE A CA  1 
ATOM   536 C C   . PHE A 1 88  ? -5.506  8.218   -5.215  1.00 18.40 ? 91  PHE A C   1 
ATOM   537 O O   . PHE A 1 88  ? -5.913  7.295   -5.918  1.00 18.53 ? 91  PHE A O   1 
ATOM   538 C CB  . PHE A 1 88  ? -5.154  8.168   -2.746  1.00 19.14 ? 91  PHE A CB  1 
ATOM   539 C CG  . PHE A 1 88  ? -4.686  6.734   -2.757  1.00 19.17 ? 91  PHE A CG  1 
ATOM   540 C CD1 . PHE A 1 88  ? -5.392  5.742   -2.053  1.00 19.51 ? 91  PHE A CD1 1 
ATOM   541 C CD2 . PHE A 1 88  ? -3.539  6.377   -3.448  1.00 19.07 ? 91  PHE A CD2 1 
ATOM   542 C CE1 . PHE A 1 88  ? -4.962  4.424   -2.066  1.00 18.89 ? 91  PHE A CE1 1 
ATOM   543 C CE2 . PHE A 1 88  ? -3.109  5.062   -3.466  1.00 19.60 ? 91  PHE A CE2 1 
ATOM   544 C CZ  . PHE A 1 88  ? -3.824  4.084   -2.789  1.00 19.29 ? 91  PHE A CZ  1 
ATOM   545 N N   . SER A 1 89  ? -4.500  9.009   -5.545  1.00 18.68 ? 92  SER A N   1 
ATOM   546 C CA  . SER A 1 89  ? -3.738  8.828   -6.750  1.00 19.10 ? 92  SER A CA  1 
ATOM   547 C C   . SER A 1 89  ? -2.317  8.463   -6.349  1.00 19.44 ? 92  SER A C   1 
ATOM   548 O O   . SER A 1 89  ? -1.790  8.968   -5.349  1.00 19.03 ? 92  SER A O   1 
ATOM   549 C CB  . SER A 1 89  ? -3.776  10.085  -7.605  1.00 19.03 ? 92  SER A CB  1 
ATOM   550 O OG  . SER A 1 89  ? -2.803  10.055  -8.652  1.00 19.41 ? 92  SER A OG  1 
ATOM   551 N N   . VAL A 1 90  ? -1.697  7.592   -7.142  1.00 20.07 ? 93  VAL A N   1 
ATOM   552 C CA  . VAL A 1 90  ? -0.297  7.214   -6.930  1.00 21.33 ? 93  VAL A CA  1 
ATOM   553 C C   . VAL A 1 90  ? 0.623   8.439   -7.016  1.00 22.35 ? 93  VAL A C   1 
ATOM   554 O O   . VAL A 1 90  ? 1.694   8.414   -6.431  1.00 23.04 ? 93  VAL A O   1 
ATOM   555 C CB  . VAL A 1 90  ? 0.202   6.140   -7.930  1.00 21.11 ? 93  VAL A CB  1 
ATOM   556 C CG1 . VAL A 1 90  ? 1.675   5.825   -7.686  1.00 21.94 ? 93  VAL A CG1 1 
ATOM   557 C CG2 . VAL A 1 90  ? -0.625  4.870   -7.826  1.00 21.47 ? 93  VAL A CG2 1 
ATOM   558 N N   . LYS A 1 91  ? 0.185   9.493   -7.716  1.00 24.81 ? 94  LYS A N   1 
ATOM   559 C CA  . LYS A 1 91  ? 0.936   10.749  -7.796  1.00 26.91 ? 94  LYS A CA  1 
ATOM   560 C C   . LYS A 1 91  ? 1.044   11.453  -6.449  1.00 27.32 ? 94  LYS A C   1 
ATOM   561 O O   . LYS A 1 91  ? 1.913   12.293  -6.290  1.00 28.57 ? 94  LYS A O   1 
ATOM   562 C CB  . LYS A 1 91  ? 0.307   11.731  -8.792  1.00 29.13 ? 94  LYS A CB  1 
ATOM   563 C CG  . LYS A 1 91  ? 0.245   11.289  -10.244 1.00 31.87 ? 94  LYS A CG  1 
ATOM   564 C CD  . LYS A 1 91  ? -0.754  12.160  -10.999 1.00 36.10 ? 94  LYS A CD  1 
ATOM   565 C CE  . LYS A 1 91  ? -0.948  11.709  -12.437 1.00 36.96 ? 94  LYS A CE  1 
ATOM   566 N NZ  . LYS A 1 91  ? 0.258   11.942  -13.269 1.00 39.00 ? 94  LYS A NZ  1 
ATOM   567 N N   . GLU A 1 92  ? 0.176   11.119  -5.491  1.00 26.02 ? 95  GLU A N   1 
ATOM   568 C CA  . GLU A 1 92  ? 0.171   11.762  -4.183  1.00 25.75 ? 95  GLU A CA  1 
ATOM   569 C C   . GLU A 1 92  ? 1.145   11.060  -3.239  1.00 25.37 ? 95  GLU A C   1 
ATOM   570 O O   . GLU A 1 92  ? 0.730   10.442  -2.240  1.00 24.01 ? 95  GLU A O   1 
ATOM   571 C CB  . GLU A 1 92  ? -1.246  11.756  -3.596  1.00 25.63 ? 95  GLU A CB  1 
ATOM   572 C CG  . GLU A 1 92  ? -2.326  12.265  -4.535  1.00 26.67 ? 95  GLU A CG  1 
ATOM   573 C CD  . GLU A 1 92  ? -3.692  12.301  -3.873  1.00 27.87 ? 95  GLU A CD  1 
ATOM   574 O OE1 . GLU A 1 92  ? -4.544  11.449  -4.189  1.00 29.25 ? 95  GLU A OE1 1 
ATOM   575 O OE2 . GLU A 1 92  ? -3.915  13.175  -3.023  1.00 30.25 ? 95  GLU A OE2 1 
ATOM   576 N N   . HIS A 1 93  ? 2.445   11.199  -3.528  1.00 26.72 ? 96  HIS A N   1 
ATOM   577 C CA  . HIS A 1 93  ? 3.482   10.394  -2.863  1.00 28.06 ? 96  HIS A CA  1 
ATOM   578 C C   . HIS A 1 93  ? 3.500   10.638  -1.365  1.00 25.47 ? 96  HIS A C   1 
ATOM   579 O O   . HIS A 1 93  ? 3.427   9.694   -0.590  1.00 22.79 ? 96  HIS A O   1 
ATOM   580 C CB  . HIS A 1 93  ? 4.886   10.630  -3.466  1.00 32.14 ? 96  HIS A CB  1 
ATOM   581 C CG  . HIS A 1 93  ? 5.119   9.920   -4.767  1.00 38.39 ? 96  HIS A CG  1 
ATOM   582 N ND1 . HIS A 1 93  ? 6.324   9.336   -5.098  1.00 42.30 ? 96  HIS A ND1 1 
ATOM   583 C CD2 . HIS A 1 93  ? 4.301   9.708   -5.826  1.00 40.69 ? 96  HIS A CD2 1 
ATOM   584 C CE1 . HIS A 1 93  ? 6.238   8.799   -6.306  1.00 42.45 ? 96  HIS A CE1 1 
ATOM   585 N NE2 . HIS A 1 93  ? 5.020   9.014   -6.771  1.00 40.15 ? 96  HIS A NE2 1 
ATOM   586 N N   . ARG A 1 94  ? 3.566   11.909  -0.963  1.00 24.01 ? 97  ARG A N   1 
ATOM   587 C CA  . ARG A 1 94  ? 3.600   12.259  0.454   1.00 24.70 ? 97  ARG A CA  1 
ATOM   588 C C   . ARG A 1 94  ? 2.371   11.753  1.200   1.00 22.73 ? 97  ARG A C   1 
ATOM   589 O O   . ARG A 1 94  ? 2.489   11.215  2.283   1.00 22.79 ? 97  ARG A O   1 
ATOM   590 C CB  . ARG A 1 94  ? 3.765   13.781  0.662   1.00 25.17 ? 97  ARG A CB  1 
ATOM   591 C CG  . ARG A 1 94  ? 3.639   14.187  2.116   1.00 27.66 ? 97  ARG A CG  1 
ATOM   592 C CD  . ARG A 1 94  ? 4.267   15.533  2.419   1.00 28.09 ? 97  ARG A CD  1 
ATOM   593 N NE  . ARG A 1 94  ? 4.048   15.900  3.822   1.00 28.96 ? 97  ARG A NE  1 
ATOM   594 C CZ  . ARG A 1 94  ? 4.477   17.031  4.376   1.00 28.43 ? 97  ARG A CZ  1 
ATOM   595 N NH1 . ARG A 1 94  ? 5.160   17.913  3.653   1.00 30.45 ? 97  ARG A NH1 1 
ATOM   596 N NH2 . ARG A 1 94  ? 4.235   17.279  5.649   1.00 27.67 ? 97  ARG A NH2 1 
ATOM   597 N N   . LYS A 1 95  ? 1.193   11.943  0.614   1.00 22.58 ? 98  LYS A N   1 
ATOM   598 C CA  . LYS A 1 95  ? -0.043  11.426  1.189   1.00 22.87 ? 98  LYS A CA  1 
ATOM   599 C C   . LYS A 1 95  ? -0.033  9.897   1.395   1.00 20.76 ? 98  LYS A C   1 
ATOM   600 O O   . LYS A 1 95  ? -0.459  9.413   2.432   1.00 20.56 ? 98  LYS A O   1 
ATOM   601 C CB  . LYS A 1 95  ? -1.227  11.803  0.299   1.00 25.49 ? 98  LYS A CB  1 
ATOM   602 C CG  . LYS A 1 95  ? -2.582  11.490  0.927   1.00 28.35 ? 98  LYS A CG  1 
ATOM   603 C CD  . LYS A 1 95  ? -3.689  11.501  -0.123  1.00 31.12 ? 98  LYS A CD  1 
ATOM   604 C CE  . LYS A 1 95  ? -4.913  12.271  0.312   1.00 34.14 ? 98  LYS A CE  1 
ATOM   605 N NZ  . LYS A 1 95  ? -5.548  12.942  -0.875  1.00 36.83 ? 98  LYS A NZ  1 
ATOM   606 N N   . ILE A 1 96  ? 0.474   9.157   0.412   1.00 20.23 ? 99  ILE A N   1 
ATOM   607 C CA  . ILE A 1 96  ? 0.556   7.696   0.506   1.00 19.95 ? 99  ILE A CA  1 
ATOM   608 C C   . ILE A 1 96  ? 1.491   7.303   1.652   1.00 18.95 ? 99  ILE A C   1 
ATOM   609 O O   . ILE A 1 96  ? 1.125   6.500   2.508   1.00 17.71 ? 99  ILE A O   1 
ATOM   610 C CB  . ILE A 1 96  ? 1.001   7.053   -0.822  1.00 20.64 ? 99  ILE A CB  1 
ATOM   611 C CG1 . ILE A 1 96  ? -0.085  7.261   -1.870  1.00 21.01 ? 99  ILE A CG1 1 
ATOM   612 C CG2 . ILE A 1 96  ? 1.289   5.554   -0.638  1.00 20.79 ? 99  ILE A CG2 1 
ATOM   613 C CD1 . ILE A 1 96  ? 0.361   6.998   -3.286  1.00 20.33 ? 99  ILE A CD1 1 
ATOM   614 N N   . TYR A 1 97  ? 2.680   7.896   1.693   1.00 18.93 ? 100 TYR A N   1 
ATOM   615 C CA  . TYR A 1 97  ? 3.586   7.670   2.830   1.00 19.71 ? 100 TYR A CA  1 
ATOM   616 C C   . TYR A 1 97  ? 2.958   8.044   4.172   1.00 20.04 ? 100 TYR A C   1 
ATOM   617 O O   . TYR A 1 97  ? 3.100   7.297   5.144   1.00 19.00 ? 100 TYR A O   1 
ATOM   618 C CB  . TYR A 1 97  ? 4.949   8.362   2.630   1.00 21.63 ? 100 TYR A CB  1 
ATOM   619 C CG  . TYR A 1 97  ? 5.885   7.612   1.714   1.00 21.92 ? 100 TYR A CG  1 
ATOM   620 C CD1 . TYR A 1 97  ? 6.587   6.509   2.185   1.00 24.19 ? 100 TYR A CD1 1 
ATOM   621 C CD2 . TYR A 1 97  ? 6.070   7.985   0.380   1.00 23.51 ? 100 TYR A CD2 1 
ATOM   622 C CE1 . TYR A 1 97  ? 7.459   5.803   1.380   1.00 25.22 ? 100 TYR A CE1 1 
ATOM   623 C CE2 . TYR A 1 97  ? 6.941   7.265   -0.459  1.00 24.85 ? 100 TYR A CE2 1 
ATOM   624 C CZ  . TYR A 1 97  ? 7.634   6.165   0.066   1.00 24.95 ? 100 TYR A CZ  1 
ATOM   625 O OH  . TYR A 1 97  ? 8.517   5.424   -0.668  1.00 27.61 ? 100 TYR A OH  1 
ATOM   626 N N   . THR A 1 98  ? 2.239   9.165   4.229   1.00 20.85 ? 101 THR A N   1 
ATOM   627 C CA  . THR A 1 98  ? 1.613   9.581   5.487   1.00 21.07 ? 101 THR A CA  1 
ATOM   628 C C   . THR A 1 98  ? 0.628   8.506   5.924   1.00 21.07 ? 101 THR A C   1 
ATOM   629 O O   . THR A 1 98  ? 0.699   8.008   7.069   1.00 18.74 ? 101 THR A O   1 
ATOM   630 C CB  . THR A 1 98  ? 0.958   10.969  5.371   1.00 22.23 ? 101 THR A CB  1 
ATOM   631 O OG1 . THR A 1 98  ? 1.914   11.906  4.870   1.00 22.93 ? 101 THR A OG1 1 
ATOM   632 C CG2 . THR A 1 98  ? 0.499   11.455  6.690   1.00 23.94 ? 101 THR A CG2 1 
ATOM   633 N N   . MET A 1 99  ? -0.220  8.088   4.979   1.00 21.02 ? 102 MET A N   1 
ATOM   634 C CA  . MET A 1 99  ? -1.214  7.054   5.240   1.00 22.77 ? 102 MET A CA  1 
ATOM   635 C C   . MET A 1 99  ? -0.581  5.714   5.621   1.00 23.09 ? 102 MET A C   1 
ATOM   636 O O   . MET A 1 99  ? -1.097  5.028   6.510   1.00 23.76 ? 102 MET A O   1 
ATOM   637 C CB  . MET A 1 99  ? -2.135  6.872   4.036   1.00 22.83 ? 102 MET A CB  1 
ATOM   638 C CG  . MET A 1 99  ? -3.058  8.057   3.777   1.00 24.20 ? 102 MET A CG  1 
ATOM   639 S SD  . MET A 1 99  ? -4.225  7.836   2.405   1.00 24.10 ? 102 MET A SD  1 
ATOM   640 C CE  . MET A 1 99  ? -3.175  7.463   1.005   1.00 25.47 ? 102 MET A CE  1 
ATOM   641 N N   . ILE A 1 100 ? 0.508   5.339   4.948   1.00 22.67 ? 103 ILE A N   1 
ATOM   642 C CA  . ILE A 1 100 ? 1.252   4.125   5.306   1.00 24.02 ? 103 ILE A CA  1 
ATOM   643 C C   . ILE A 1 100 ? 1.856   4.217   6.697   1.00 26.08 ? 103 ILE A C   1 
ATOM   644 O O   . ILE A 1 100 ? 1.624   3.316   7.523   1.00 27.01 ? 103 ILE A O   1 
ATOM   645 C CB  . ILE A 1 100 ? 2.338   3.764   4.265   1.00 24.47 ? 103 ILE A CB  1 
ATOM   646 C CG1 . ILE A 1 100 ? 1.673   3.265   2.975   1.00 24.01 ? 103 ILE A CG1 1 
ATOM   647 C CG2 . ILE A 1 100 ? 3.284   2.691   4.780   1.00 24.11 ? 103 ILE A CG2 1 
ATOM   648 C CD1 . ILE A 1 100 ? 2.567   3.348   1.769   1.00 24.61 ? 103 ILE A CD1 1 
ATOM   649 N N   . TYR A 1 101 ? 2.601   5.297   6.962   1.00 26.74 ? 104 TYR A N   1 
ATOM   650 C CA  . TYR A 1 101 ? 3.350   5.435   8.223   1.00 28.70 ? 104 TYR A CA  1 
ATOM   651 C C   . TYR A 1 101 ? 2.451   5.452   9.469   1.00 29.07 ? 104 TYR A C   1 
ATOM   652 O O   . TYR A 1 101 ? 2.896   5.066   10.534  1.00 29.59 ? 104 TYR A O   1 
ATOM   653 C CB  . TYR A 1 101 ? 4.251   6.679   8.239   1.00 28.08 ? 104 TYR A CB  1 
ATOM   654 C CG  . TYR A 1 101 ? 5.650   6.521   7.658   1.00 29.62 ? 104 TYR A CG  1 
ATOM   655 C CD1 . TYR A 1 101 ? 6.629   5.763   8.314   1.00 30.60 ? 104 TYR A CD1 1 
ATOM   656 C CD2 . TYR A 1 101 ? 6.016   7.168   6.479   1.00 29.94 ? 104 TYR A CD2 1 
ATOM   657 C CE1 . TYR A 1 101 ? 7.914   5.638   7.799   1.00 29.61 ? 104 TYR A CE1 1 
ATOM   658 C CE2 . TYR A 1 101 ? 7.301   7.053   5.964   1.00 30.36 ? 104 TYR A CE2 1 
ATOM   659 C CZ  . TYR A 1 101 ? 8.243   6.287   6.621   1.00 31.48 ? 104 TYR A CZ  1 
ATOM   660 O OH  . TYR A 1 101 ? 9.510   6.193   6.088   1.00 33.03 ? 104 TYR A OH  1 
ATOM   661 N N   . ARG A 1 102 ? 1.199   5.867   9.330   1.00 32.27 ? 105 ARG A N   1 
ATOM   662 C CA  . ARG A 1 102 ? 0.215   5.737   10.437  1.00 33.57 ? 105 ARG A CA  1 
ATOM   663 C C   . ARG A 1 102 ? -0.138  4.304   10.808  1.00 30.15 ? 105 ARG A C   1 
ATOM   664 O O   . ARG A 1 102 ? -0.715  4.068   11.866  1.00 26.23 ? 105 ARG A O   1 
ATOM   665 C CB  . ARG A 1 102 ? -1.088  6.482   10.128  1.00 39.66 ? 105 ARG A CB  1 
ATOM   666 C CG  . ARG A 1 102 ? -1.205  7.793   10.876  1.00 47.31 ? 105 ARG A CG  1 
ATOM   667 C CD  . ARG A 1 102 ? -2.452  8.551   10.464  1.00 54.08 ? 105 ARG A CD  1 
ATOM   668 N NE  . ARG A 1 102 ? -2.148  9.968   10.191  1.00 58.21 ? 105 ARG A NE  1 
ATOM   669 C CZ  . ARG A 1 102 ? -2.586  10.673  9.145   1.00 62.81 ? 105 ARG A CZ  1 
ATOM   670 N NH1 . ARG A 1 102 ? -3.405  10.145  8.224   1.00 63.49 ? 105 ARG A NH1 1 
ATOM   671 N NH2 . ARG A 1 102 ? -2.214  11.946  9.027   1.00 65.35 ? 105 ARG A NH2 1 
ATOM   672 N N   . ASN A 1 103 ? 0.179   3.368   9.920   1.00 28.11 ? 106 ASN A N   1 
ATOM   673 C CA  . ASN A 1 103 ? -0.073  1.956   10.122  1.00 27.03 ? 106 ASN A CA  1 
ATOM   674 C C   . ASN A 1 103 ? 1.198   1.148   10.369  1.00 26.84 ? 106 ASN A C   1 
ATOM   675 O O   . ASN A 1 103 ? 1.181   -0.078  10.259  1.00 25.37 ? 106 ASN A O   1 
ATOM   676 C CB  . ASN A 1 103 ? -0.824  1.436   8.908   1.00 25.62 ? 106 ASN A CB  1 
ATOM   677 C CG  . ASN A 1 103 ? -2.231  1.956   8.862   1.00 25.82 ? 106 ASN A CG  1 
ATOM   678 O OD1 . ASN A 1 103 ? -3.059  1.498   9.630   1.00 26.02 ? 106 ASN A OD1 1 
ATOM   679 N ND2 . ASN A 1 103 ? -2.501  2.946   7.998   1.00 23.10 ? 106 ASN A ND2 1 
ATOM   680 N N   . LEU A 1 104 ? 2.273   1.836   10.745  1.00 27.16 ? 107 LEU A N   1 
ATOM   681 C CA  . LEU A 1 104 ? 3.592   1.226   10.979  1.00 29.72 ? 107 LEU A CA  1 
ATOM   682 C C   . LEU A 1 104 ? 4.291   1.882   12.170  1.00 30.20 ? 107 LEU A C   1 
ATOM   683 O O   . LEU A 1 104 ? 4.057   3.049   12.463  1.00 28.77 ? 107 LEU A O   1 
ATOM   684 C CB  . LEU A 1 104 ? 4.532   1.474   9.785   1.00 30.87 ? 107 LEU A CB  1 
ATOM   685 C CG  . LEU A 1 104 ? 4.267   1.013   8.352   1.00 32.12 ? 107 LEU A CG  1 
ATOM   686 C CD1 . LEU A 1 104 ? 5.231   1.696   7.420   1.00 32.47 ? 107 LEU A CD1 1 
ATOM   687 C CD2 . LEU A 1 104 ? 4.440   -0.476  8.210   1.00 33.54 ? 107 LEU A CD2 1 
ATOM   688 N N   . VAL A 1 105 ? 5.205   1.133   12.777  1.00 31.71 ? 108 VAL A N   1 
ATOM   689 C CA  . VAL A 1 105 ? 6.176   1.647   13.734  1.00 33.77 ? 108 VAL A CA  1 
ATOM   690 C C   . VAL A 1 105 ? 7.551   1.407   13.113  1.00 31.71 ? 108 VAL A C   1 
ATOM   691 O O   . VAL A 1 105 ? 7.801   0.317   12.607  1.00 30.03 ? 108 VAL A O   1 
ATOM   692 C CB  . VAL A 1 105 ? 6.099   0.874   15.073  1.00 35.68 ? 108 VAL A CB  1 
ATOM   693 C CG1 . VAL A 1 105 ? 7.191   1.328   16.027  1.00 37.97 ? 108 VAL A CG1 1 
ATOM   694 C CG2 . VAL A 1 105 ? 4.732   1.046   15.715  1.00 35.92 ? 108 VAL A CG2 1 
ATOM   695 N N   . VAL A 1 106 ? 8.428   2.414   13.157  1.00 28.91 ? 109 VAL A N   1 
ATOM   696 C CA  . VAL A 1 106 ? 9.826   2.249   12.746  1.00 31.17 ? 109 VAL A CA  1 
ATOM   697 C C   . VAL A 1 106 ? 10.609  1.560   13.865  1.00 33.23 ? 109 VAL A C   1 
ATOM   698 O O   . VAL A 1 106 ? 10.547  1.989   14.997  1.00 34.09 ? 109 VAL A O   1 
ATOM   699 C CB  . VAL A 1 106 ? 10.503  3.604   12.406  1.00 31.87 ? 109 VAL A CB  1 
ATOM   700 C CG1 . VAL A 1 106 ? 11.976  3.412   12.019  1.00 31.44 ? 109 VAL A CG1 1 
ATOM   701 C CG2 . VAL A 1 106 ? 9.751   4.320   11.284  1.00 32.50 ? 109 VAL A CG2 1 
ATOM   702 N N   . VAL A 1 107 ? 11.372  0.525   13.529  1.00 36.72 ? 110 VAL A N   1 
ATOM   703 C CA  . VAL A 1 107 ? 12.092  -0.289  14.522  1.00 40.61 ? 110 VAL A CA  1 
ATOM   704 C C   . VAL A 1 107 ? 13.446  0.323   14.856  1.00 43.88 ? 110 VAL A C   1 
ATOM   705 O O   . VAL A 1 107 ? 14.242  0.591   13.956  1.00 41.12 ? 110 VAL A O   1 
ATOM   706 C CB  . VAL A 1 107 ? 12.332  -1.736  14.018  1.00 41.96 ? 110 VAL A CB  1 
ATOM   707 C CG1 . VAL A 1 107 ? 13.044  -2.579  15.080  1.00 42.98 ? 110 VAL A CG1 1 
ATOM   708 C CG2 . VAL A 1 107 ? 11.010  -2.388  13.648  1.00 40.21 ? 110 VAL A CG2 1 
ATOM   709 N N   . ASN A 1 108 ? 13.700  0.503   16.156  1.00 47.87 ? 111 ASN A N   1 
ATOM   710 C CA  . ASN A 1 108 ? 14.983  1.008   16.658  1.00 53.69 ? 111 ASN A CA  1 
ATOM   711 C C   . ASN A 1 108 ? 16.082  -0.015  16.441  1.00 49.84 ? 111 ASN A C   1 
ATOM   712 O O   . ASN A 1 108 ? 17.091  0.299   15.826  1.00 54.51 ? 111 ASN A O   1 
ATOM   713 C CB  . ASN A 1 108 ? 14.893  1.350   18.155  1.00 57.94 ? 111 ASN A CB  1 
ATOM   714 C CG  . ASN A 1 108 ? 13.968  2.526   18.437  1.00 62.16 ? 111 ASN A CG  1 
ATOM   715 O OD1 . ASN A 1 108 ? 13.950  3.508   17.699  1.00 65.38 ? 111 ASN A OD1 1 
ATOM   716 N ND2 . ASN A 1 108 ? 13.197  2.429   19.517  1.00 65.12 ? 111 ASN A ND2 1 
HETATM 717 C C   . ACE B 2 1   ? 0.357   4.094   -19.888 1.00 26.41 ? 0   ACE B C   1 
HETATM 718 O O   . ACE B 2 1   ? 0.630   3.000   -20.346 1.00 27.93 ? 0   ACE B O   1 
HETATM 719 C CH3 . ACE B 2 1   ? -0.212  5.156   -20.798 1.00 28.65 ? 0   ACE B CH3 1 
ATOM   720 N N   . LEU B 2 2   ? 0.570   4.412   -18.603 1.00 24.99 ? 1   LEU B N   1 
ATOM   721 C CA  . LEU B 2 2   ? 1.150   3.440   -17.678 1.00 24.51 ? 1   LEU B CA  1 
ATOM   722 C C   . LEU B 2 2   ? 0.041   2.650   -17.020 1.00 22.73 ? 1   LEU B C   1 
ATOM   723 O O   . LEU B 2 2   ? -1.046  3.176   -16.758 1.00 22.80 ? 1   LEU B O   1 
ATOM   724 C CB  . LEU B 2 2   ? 2.015   4.109   -16.615 1.00 25.02 ? 1   LEU B CB  1 
ATOM   725 C CG  . LEU B 2 2   ? 3.178   4.990   -17.077 1.00 26.19 ? 1   LEU B CG  1 
ATOM   726 C CD1 . LEU B 2 2   ? 3.869   5.580   -15.867 1.00 26.56 ? 1   LEU B CD1 1 
ATOM   727 C CD2 . LEU B 2 2   ? 4.180   4.222   -17.914 1.00 25.72 ? 1   LEU B CD2 1 
ATOM   728 N N   . THR B 2 3   ? 0.324   1.378   -16.774 1.00 22.11 ? 2   THR B N   1 
ATOM   729 C CA  . THR B 2 3   ? -0.563  0.521   -16.009 1.00 20.22 ? 2   THR B CA  1 
ATOM   730 C C   . THR B 2 3   ? -0.384  0.802   -14.514 1.00 19.25 ? 2   THR B C   1 
ATOM   731 O O   . THR B 2 3   ? 0.629   1.383   -14.097 1.00 17.72 ? 2   THR B O   1 
ATOM   732 C CB  . THR B 2 3   ? -0.282  -0.963  -16.264 1.00 21.61 ? 2   THR B CB  1 
ATOM   733 O OG1 . THR B 2 3   ? 1.075   -1.277  -15.899 1.00 21.04 ? 2   THR B OG1 1 
ATOM   734 C CG2 . THR B 2 3   ? -0.525  -1.326  -17.749 1.00 22.55 ? 2   THR B CG2 1 
ATOM   735 N N   . PHE B 2 4   ? -1.335  0.352   -13.697 1.00 18.34 ? 3   PHE B N   1 
ATOM   736 C CA  . PHE B 2 4   ? -1.159  0.465   -12.265 1.00 17.89 ? 3   PHE B CA  1 
ATOM   737 C C   . PHE B 2 4   ? 0.161   -0.197  -11.817 1.00 18.60 ? 3   PHE B C   1 
ATOM   738 O O   . PHE B 2 4   ? 0.954   0.448   -11.128 1.00 17.90 ? 3   PHE B O   1 
ATOM   739 C CB  . PHE B 2 4   ? -2.317  -0.054  -11.410 1.00 18.00 ? 3   PHE B CB  1 
ATOM   740 C CG  . PHE B 2 4   ? -1.972  -0.006  -9.958  1.00 17.93 ? 3   PHE B CG  1 
ATOM   741 C CD1 . PHE B 2 4   ? -1.992  1.193   -9.274  1.00 17.06 ? 3   PHE B CD1 1 
ATOM   742 C CD2 . PHE B 2 4   ? -1.434  -1.123  -9.331  1.00 17.91 ? 3   PHE B CD2 1 
ATOM   743 C CE1 . PHE B 2 4   ? -1.554  1.257   -7.950  1.00 17.43 ? 3   PHE B CE1 1 
ATOM   744 C CE2 . PHE B 2 4   ? -1.005  -1.065  -8.010  1.00 17.51 ? 3   PHE B CE2 1 
ATOM   745 C CZ  . PHE B 2 4   ? -1.053  0.128   -7.331  1.00 17.40 ? 3   PHE B CZ  1 
HETATM 746 O O   . 0EH B 2 5   ? 3.844   -0.981  -11.322 1.00 20.34 ? 4   0EH B O   1 
HETATM 747 C C   . 0EH B 2 5   ? 2.929   -1.113  -12.175 1.00 20.51 ? 4   0EH B C   1 
HETATM 748 C CA  . 0EH B 2 5   ? 1.733   -1.904  -11.749 1.00 20.73 ? 4   0EH B CA  1 
HETATM 749 C CAA . 0EH B 2 5   ? 1.925   -3.147  -12.670 1.00 21.28 ? 4   0EH B CAA 1 
HETATM 750 C CAB . 0EH B 2 5   ? 1.643   -2.626  -10.428 1.00 20.87 ? 4   0EH B CAB 1 
HETATM 751 N N   . 0EH B 2 5   ? 0.476   -1.434  -12.242 1.00 19.07 ? 4   0EH B N   1 
HETATM 752 C CAO . 0EH B 2 5   ? 2.807   -3.371  -9.790  1.00 20.45 ? 4   0EH B CAO 1 
HETATM 753 C CAP . 0EH B 2 5   ? 2.394   -3.696  -8.359  1.00 19.75 ? 4   0EH B CAP 1 
HETATM 754 C CAQ . 0EH B 2 5   ? 3.291   -4.684  -7.622  1.00 18.90 ? 4   0EH B CAQ 1 
HETATM 755 C CAR . 0EH B 2 5   ? 4.768   -4.387  -7.714  1.00 18.33 ? 4   0EH B CAR 1 
HETATM 756 C CAS . 0EH B 2 5   ? 5.051   -3.042  -7.071  1.00 17.78 ? 4   0EH B CAS 1 
HETATM 757 C CAT . 0EH B 2 5   ? 6.505   -2.796  -7.049  1.00 17.96 ? 4   0EH B CAT 1 
ATOM   758 N N   . GLU B 2 6   ? 2.921   -0.471  -13.283 1.00 20.37 ? 5   GLU B N   1 
ATOM   759 C CA  . GLU B 2 6   ? 4.041   0.394   -13.660 1.00 20.65 ? 5   GLU B CA  1 
ATOM   760 C C   . GLU B 2 6   ? 4.108   1.659   -12.802 1.00 20.12 ? 5   GLU B C   1 
ATOM   761 O O   . GLU B 2 6   ? 5.197   2.081   -12.429 1.00 18.26 ? 5   GLU B O   1 
ATOM   762 C CB  . GLU B 2 6   ? 3.875   0.796   -15.131 1.00 22.34 ? 5   GLU B CB  1 
ATOM   763 C CG  . GLU B 2 6   ? 4.222   -0.345  -16.074 1.00 23.43 ? 5   GLU B CG  1 
ATOM   764 C CD  . GLU B 2 6   ? 3.878   -0.095  -17.536 1.00 24.73 ? 5   GLU B CD  1 
ATOM   765 O OE1 . GLU B 2 6   ? 2.943   0.649   -17.851 1.00 23.38 ? 5   GLU B OE1 1 
ATOM   766 O OE2 . GLU B 2 6   ? 4.537   -0.707  -18.393 1.00 26.99 ? 5   GLU B OE2 1 
ATOM   767 N N   . TYR B 2 7   ? 2.956   2.283   -12.504 1.00 18.71 ? 6   TYR B N   1 
ATOM   768 C CA  . TYR B 2 7   ? 2.940   3.400   -11.535 1.00 18.65 ? 6   TYR B CA  1 
ATOM   769 C C   . TYR B 2 7   ? 3.447   2.964   -10.162 1.00 18.01 ? 6   TYR B C   1 
ATOM   770 O O   . TYR B 2 7   ? 4.224   3.679   -9.539  1.00 17.45 ? 6   TYR B O   1 
ATOM   771 C CB  . TYR B 2 7   ? 1.527   3.966   -11.343 1.00 19.70 ? 6   TYR B CB  1 
ATOM   772 C CG  . TYR B 2 7   ? 1.097   4.921   -12.402 1.00 20.14 ? 6   TYR B CG  1 
ATOM   773 C CD1 . TYR B 2 7   ? 1.658   6.190   -12.472 1.00 21.78 ? 6   TYR B CD1 1 
ATOM   774 C CD2 . TYR B 2 7   ? 0.094   4.574   -13.327 1.00 21.47 ? 6   TYR B CD2 1 
ATOM   775 C CE1 . TYR B 2 7   ? 1.257   7.095   -13.442 1.00 22.94 ? 6   TYR B CE1 1 
ATOM   776 C CE2 . TYR B 2 7   ? -0.314  5.474   -14.294 1.00 22.19 ? 6   TYR B CE2 1 
ATOM   777 C CZ  . TYR B 2 7   ? 0.275   6.724   -14.345 1.00 22.85 ? 6   TYR B CZ  1 
ATOM   778 O OH  . TYR B 2 7   ? -0.124  7.616   -15.298 1.00 25.33 ? 6   TYR B OH  1 
HETATM 779 N N   . DTR B 2 8   ? 2.975   1.804   -9.705  1.00 17.66 ? 7   DTR B N   1 
HETATM 780 C CA  . DTR B 2 8   ? 3.406   1.172   -8.439  1.00 17.76 ? 7   DTR B CA  1 
HETATM 781 C CB  . DTR B 2 8   ? 2.822   1.980   -7.293  1.00 16.83 ? 7   DTR B CB  1 
HETATM 782 C CG  . DTR B 2 8   ? 2.805   1.286   -5.954  1.00 16.29 ? 7   DTR B CG  1 
HETATM 783 C CD1 . DTR B 2 8   ? 3.580   0.228   -5.460  1.00 16.40 ? 7   DTR B CD1 1 
HETATM 784 N NE1 . DTR B 2 8   ? 3.267   -0.035  -4.171  1.00 15.78 ? 7   DTR B NE1 1 
HETATM 785 C CE2 . DTR B 2 8   ? 2.296   0.798   -3.726  1.00 16.17 ? 7   DTR B CE2 1 
HETATM 786 C CZ2 . DTR B 2 8   ? 1.620   0.977   -2.526  1.00 15.83 ? 7   DTR B CZ2 1 
HETATM 787 C CH2 . DTR B 2 8   ? 0.649   1.965   -2.408  1.00 16.30 ? 7   DTR B CH2 1 
HETATM 788 C CZ3 . DTR B 2 8   ? 0.332   2.831   -3.467  1.00 16.70 ? 7   DTR B CZ3 1 
HETATM 789 C CE3 . DTR B 2 8   ? 0.990   2.695   -4.695  1.00 16.93 ? 7   DTR B CE3 1 
HETATM 790 C CD2 . DTR B 2 8   ? 1.971   1.708   -4.826  1.00 16.01 ? 7   DTR B CD2 1 
HETATM 791 C C   . DTR B 2 8   ? 4.910   1.028   -8.400  1.00 17.68 ? 7   DTR B C   1 
HETATM 792 O O   . DTR B 2 8   ? 5.574   1.405   -7.453  1.00 18.13 ? 7   DTR B O   1 
ATOM   793 N N   . GLN B 2 9   ? 5.447   0.434   -9.454  1.00 19.06 ? 8   GLN B N   1 
ATOM   794 C CA  . GLN B 2 9   ? 6.878   0.210   -9.600  1.00 20.24 ? 8   GLN B CA  1 
ATOM   795 C C   . GLN B 2 9   ? 7.717   1.499   -9.554  1.00 20.66 ? 8   GLN B C   1 
ATOM   796 O O   . GLN B 2 9   ? 8.793   1.504   -8.961  1.00 18.97 ? 8   GLN B O   1 
ATOM   797 C CB  . GLN B 2 9   ? 7.140   -0.639  -10.870 1.00 21.83 ? 8   GLN B CB  1 
ATOM   798 C CG  . GLN B 2 9   ? 6.729   -2.097  -10.620 1.00 23.77 ? 8   GLN B CG  1 
ATOM   799 C CD  . GLN B 2 9   ? 6.503   -2.985  -11.841 1.00 25.78 ? 8   GLN B CD  1 
ATOM   800 O OE1 . GLN B 2 9   ? 6.300   -2.515  -12.955 1.00 29.16 ? 8   GLN B OE1 1 
ATOM   801 N NE2 . GLN B 2 9   ? 6.521   -4.305  -11.610 1.00 27.33 ? 8   GLN B NE2 1 
ATOM   802 N N   . LEU B 2 10  ? 7.215   2.584   -10.141 1.00 21.84 ? 9   LEU B N   1 
ATOM   803 C CA  . LEU B 2 10  ? 7.867   3.884   -10.021 1.00 23.88 ? 9   LEU B CA  1 
ATOM   804 C C   . LEU B 2 10  ? 7.992   4.368   -8.588  1.00 21.58 ? 9   LEU B C   1 
ATOM   805 O O   . LEU B 2 10  ? 9.073   4.792   -8.168  1.00 20.43 ? 9   LEU B O   1 
ATOM   806 C CB  . LEU B 2 10  ? 7.112   4.960   -10.798 1.00 26.62 ? 9   LEU B CB  1 
ATOM   807 C CG  . LEU B 2 10  ? 6.923   4.863   -12.289 1.00 30.74 ? 9   LEU B CG  1 
ATOM   808 C CD1 . LEU B 2 10  ? 6.369   6.207   -12.779 1.00 33.57 ? 9   LEU B CD1 1 
ATOM   809 C CD2 . LEU B 2 10  ? 8.247   4.506   -12.956 1.00 32.11 ? 9   LEU B CD2 1 
HETATM 810 N N   . 2JH B 2 11  ? 6.922   4.317   -7.896  1.00 17.31 ? 10  2JH B N   1 
HETATM 811 C CA  . 2JH B 2 11  ? 6.941   4.750   -6.511  1.00 14.87 ? 10  2JH B CA  1 
HETATM 812 C CB  . 2JH B 2 11  ? 5.516   4.592   -6.021  1.00 12.76 ? 10  2JH B CB  1 
HETATM 813 C C   . 2JH B 2 11  ? 7.907   3.915   -5.715  1.00 16.40 ? 10  2JH B C   1 
HETATM 814 O O   . 2JH B 2 11  ? 8.808   4.478   -5.101  1.00 18.16 ? 10  2JH B O   1 
HETATM 815 C CG  . 2JH B 2 11  ? 5.379   5.230   -4.662  1.00 10.79 ? 10  2JH B CG  1 
HETATM 816 C CD1 . 2JH B 2 11  ? 5.528   4.324   -3.448  1.00 10.35 ? 10  2JH B CD1 1 
HETATM 817 C CD2 . 2JH B 2 11  ? 3.969   5.545   -4.259  1.00 10.22 ? 10  2JH B CD2 1 
HETATM 818 C CE  . 2JH B 2 11  ? 4.224   4.919   -2.904  1.00 10.18 ? 10  2JH B CE  1 
HETATM 819 C C   . MK8 B 2 12  ? 10.035  1.817   -5.289  1.00 22.32 ? 11  MK8 B C   1 
HETATM 820 N N   . MK8 B 2 12  ? 7.727   2.602   -5.721  1.00 17.08 ? 11  MK8 B N   1 
HETATM 821 O O   . MK8 B 2 12  ? 10.792  1.723   -4.315  1.00 24.26 ? 11  MK8 B O   1 
HETATM 822 C CA  . MK8 B 2 12  ? 8.559   1.610   -5.037  1.00 17.79 ? 11  MK8 B CA  1 
HETATM 823 C CB  . MK8 B 2 12  ? 8.108   0.261   -5.579  1.00 16.44 ? 11  MK8 B CB  1 
HETATM 824 C CD  . MK8 B 2 12  ? 8.611   -2.182  -5.855  1.00 17.50 ? 11  MK8 B CD  1 
HETATM 825 C CE  . MK8 B 2 12  ? 7.126   -2.444  -5.906  1.00 18.45 ? 11  MK8 B CE  1 
HETATM 826 C CG  . MK8 B 2 12  ? 8.774   -0.952  -4.962  1.00 16.56 ? 11  MK8 B CG  1 
HETATM 827 C CB1 . MK8 B 2 12  ? 8.209   1.688   -3.554  1.00 17.52 ? 11  MK8 B CB1 1 
ATOM   828 N N   . SER B 2 13  ? 10.417  1.999   -6.503  1.00 28.25 ? 12  SER B N   1 
ATOM   829 C CA  . SER B 2 13  ? 11.837  2.165   -6.867  1.00 32.15 ? 12  SER B CA  1 
ATOM   830 C C   . SER B 2 13  ? 12.490  3.339   -6.132  1.00 34.48 ? 12  SER B C   1 
ATOM   831 O O   . SER B 2 13  ? 13.633  3.238   -5.741  1.00 36.35 ? 12  SER B O   1 
ATOM   832 C CB  . SER B 2 13  ? 12.010  2.326   -8.391  1.00 32.66 ? 12  SER B CB  1 
ATOM   833 O OG  . SER B 2 13  ? 11.616  3.625   -8.845  1.00 36.54 ? 12  SER B OG  1 
ATOM   834 N N   . ALA B 2 14  ? 11.749  4.429   -5.920  1.00 37.51 ? 13  ALA B N   1 
ATOM   835 C CA  . ALA B 2 14  ? 12.291  5.582   -5.182  1.00 38.11 ? 13  ALA B CA  1 
ATOM   836 C C   . ALA B 2 14  ? 12.433  5.347   -3.672  1.00 38.96 ? 13  ALA B C   1 
ATOM   837 O O   . ALA B 2 14  ? 13.193  6.063   -3.038  1.00 44.18 ? 13  ALA B O   1 
ATOM   838 C CB  . ALA B 2 14  ? 11.477  6.842   -5.462  1.00 38.83 ? 13  ALA B CB  1 
ATOM   839 N N   . ALA B 2 15  ? 11.729  4.364   -3.095  1.00 38.54 ? 14  ALA B N   1 
ATOM   840 C CA  . ALA B 2 15  ? 11.841  4.067   -1.651  1.00 38.73 ? 14  ALA B CA  1 
ATOM   841 C C   . ALA B 2 15  ? 13.263  3.641   -1.246  1.00 41.59 ? 14  ALA B C   1 
ATOM   842 O O   . ALA B 2 15  ? 13.555  2.454   -1.102  1.00 42.73 ? 14  ALA B O   1 
ATOM   843 C CB  . ALA B 2 15  ? 10.820  3.011   -1.218  1.00 38.25 ? 14  ALA B CB  1 
HETATM 844 N N   . NH2 B 2 16  ? 14.227  4.683   -1.055  1.00 39.44 ? 16  NH2 B N   1 
HETATM 845 O O   . HOH C 3 .   ? 8.017   8.641   -3.729  1.00 50.50 ? 201 HOH A O   1 
HETATM 846 O O   . HOH C 3 .   ? -10.546 8.284   -14.894 1.00 32.64 ? 202 HOH A O   1 
HETATM 847 O O   . HOH C 3 .   ? -4.455  -11.888 6.295   1.00 27.50 ? 203 HOH A O   1 
HETATM 848 O O   . HOH C 3 .   ? -3.355  -2.732  -15.445 1.00 27.47 ? 204 HOH A O   1 
HETATM 849 O O   . HOH C 3 .   ? 5.415   -16.501 2.971   1.00 35.40 ? 205 HOH A O   1 
HETATM 850 O O   . HOH C 3 .   ? 1.105   9.222   9.346   1.00 26.49 ? 206 HOH A O   1 
HETATM 851 O O   . HOH C 3 .   ? 0.406   -15.121 5.165   1.00 29.86 ? 207 HOH A O   1 
HETATM 852 O O   . HOH C 3 .   ? 2.379   14.428  5.476   1.00 26.77 ? 208 HOH A O   1 
HETATM 853 O O   . HOH C 3 .   ? 8.712   6.323   -3.147  1.00 29.48 ? 209 HOH A O   1 
HETATM 854 O O   . HOH C 3 .   ? 7.265   -13.995 4.839   1.00 55.88 ? 210 HOH A O   1 
HETATM 855 O O   . HOH C 3 .   ? 12.228  -9.028  7.779   1.00 44.69 ? 211 HOH A O   1 
HETATM 856 O O   . HOH C 3 .   ? -13.791 4.713   -3.831  1.00 30.67 ? 212 HOH A O   1 
HETATM 857 O O   . HOH C 3 .   ? 0.961   -5.895  14.148  1.00 28.01 ? 213 HOH A O   1 
HETATM 858 O O   . HOH C 3 .   ? 3.986   -6.492  12.729  1.00 28.98 ? 214 HOH A O   1 
HETATM 859 O O   . HOH C 3 .   ? -8.264  11.021  -12.358 1.00 92.77 ? 215 HOH A O   1 
HETATM 860 O O   . HOH C 3 .   ? 7.811   4.732   14.539  1.00 28.29 ? 216 HOH A O   1 
HETATM 861 O O   . HOH C 3 .   ? -11.815 -5.569  1.899   1.00 30.38 ? 217 HOH A O   1 
HETATM 862 O O   . HOH C 3 .   ? -7.066  12.297  -5.046  1.00 50.96 ? 218 HOH A O   1 
HETATM 863 O O   . HOH C 3 .   ? -11.385 10.993  -2.218  1.00 30.48 ? 219 HOH A O   1 
HETATM 864 O O   . HOH C 3 .   ? 7.200   -7.773  16.055  1.00 43.66 ? 220 HOH A O   1 
HETATM 865 O O   . HOH C 3 .   ? 4.898   20.624  4.428   1.00 30.86 ? 221 HOH A O   1 
HETATM 866 O O   . HOH C 3 .   ? -2.869  -1.227  10.679  1.00 27.48 ? 222 HOH A O   1 
HETATM 867 O O   . HOH C 3 .   ? 7.077   -12.199 3.063   1.00 35.42 ? 223 HOH A O   1 
HETATM 868 O O   . HOH C 3 .   ? -4.522  -1.758  12.895  1.00 23.22 ? 224 HOH A O   1 
HETATM 869 O O   . HOH C 3 .   ? 9.322   -11.308 11.218  1.00 38.62 ? 225 HOH A O   1 
HETATM 870 O O   . HOH C 3 .   ? 0.956   13.887  -1.741  1.00 24.73 ? 226 HOH A O   1 
HETATM 871 O O   . HOH C 3 .   ? 13.224  -0.246  2.249   1.00 25.88 ? 227 HOH A O   1 
HETATM 872 O O   . HOH C 3 .   ? -6.070  -10.339 -0.758  1.00 33.48 ? 228 HOH A O   1 
HETATM 873 O O   . HOH C 3 .   ? -3.450  -12.126 9.056   1.00 32.25 ? 229 HOH A O   1 
HETATM 874 O O   . HOH C 3 .   ? -7.854  -12.514 -0.035  1.00 55.21 ? 230 HOH A O   1 
HETATM 875 O O   . HOH C 3 .   ? -2.886  -14.952 9.102   1.00 47.45 ? 231 HOH A O   1 
HETATM 876 O O   . HOH D 3 .   ? -3.028  4.943   -17.006 1.00 25.93 ? 101 HOH B O   1 
HETATM 877 O O   . HOH D 3 .   ? 2.103   -3.796  -16.462 1.00 29.93 ? 102 HOH B O   1 
HETATM 878 O O   . HOH D 3 .   ? -1.405  -3.273  -13.432 1.00 20.06 ? 103 HOH B O   1 
# 
